data_8FTH
#
_entry.id   8FTH
#
_cell.length_a   1.00
_cell.length_b   1.00
_cell.length_c   1.00
_cell.angle_alpha   90.00
_cell.angle_beta   90.00
_cell.angle_gamma   90.00
#
_symmetry.space_group_name_H-M   'P 1'
#
loop_
_entity.id
_entity.type
_entity.pdbx_description
1 polymer "5'-3' RNA helicase-like protein"
2 non-polymer "ADENOSINE-5'-DIPHOSPHATE"
#
_entity_poly.entity_id   1
_entity_poly.type   'polypeptide(L)'
_entity_poly.pdbx_seq_one_letter_code
;MENNDLYQAAIGWYRAFEDCPPELHLCCPKVDDDDYATYDEPDVVDDSGVPVEEKKRRISAYEERFQNVYNLSILLGLGK
EVAGPWLDEWTRAVDSLLKKCDTCVRNWHRNRDPYLKALHLSPEQVTYLQSKLDEFDRQRITEGLQRAKAILEQYGPMST
VKLVDHDMSAVLALYEALCSLPYLARPEHQPLFDFVFENTQRKKPLRMQGGIIPSMTLFLFDESPVRRRFAETAWENRQP
GSITAQEWDWAISGRLADQIVSLSFNRLQTLPPGQKILRFWSGFLFILHALSEKQIINSLRAMEVSPSIYFLALEHLGTN
SDEALAMVLRALQELMEKSSKAFWQALEQVPPNQLVEEIFKSAAFRPLLNKSLRPELLVTEGDSQVPALAAWMRALVRSL
PSTSWSDLCETSLRHLFETFRSDQAVDQSGRATCTLAGLVTLQQCLDGFLQQDSIDTGTGLIMVNQLLNRVVNYSEIIIR
AASLKPGDIYNVGISKAAMAIIHSALALDAKATEVEWAALIAEKPVQDAVNRDSGALWETFLEMLWAGQLGHFELAKAML
MATLRLRSIEQFIPKRKEQLKRELDKFNKRYQQQTTAIGKMLNRLTDFEPEVLDKLCSDPRGQTIHPIVSSLIHGEDAIR
EAGFQLLKAITSESQPSDAVGRMLEVYFTPFLNAFSQAVDKLTATKDANSPWSHMIPILKCSDFVLTGLCDPSSGQLRRK
VLTTEEHAAVKRWWECVWQAVDHSFRMMRIWHIKIDKKVMEDFCRDVMELGNKLLAQDGVMASSLAQESGEDAISKAMRE
VLDPPRKCSYSLADMLQLRDKYLVMGIIETIKKLLSRLQENEMNLPQRTRGHLDSMLKKTKQRDGRMDYLTKTNLTDVQR
IELLKALGEDAVIEEQFMGTKPGLEVLFQGPLEVLFQGPMKILRSAKDMRARLIPPMDVLHQAILEWDIFHEGNDPPNGY
RCGNVSDTYPDPYSYKQTFFPLLINEAWRSFVTAKDETTSKPFGIKVLSRMTVDKFMEVTAAVPAQISKDRGLTEGDIVI
ISKGEDPLNQPQELHCLSRIWKTTYKKDTVEVVYRLNAKGNQILPALTPGSEFQVVKITNMTTIEREYAALESLQYYDLM
DEILKAQPSPMLTFGDEAIKAVMDNYQLNPGQARAILNAKENDGFTLIQGPPGTGKTKTIVAMVGCLLTGVLKSSNTGAV
QISRPGAGPTNGTAPSKKLLVCAPSNAAVDELVLRLKAGVKTMNGTFHKIEVLRLGRSDVINAAVKDVTLDELVKARMDA
ELSKNSSPSERDQLHKEAGEIKAKLAEIRPQLDAARLSDDRASAMKLQREFDELKRRQAHIGAKIDADKASGNTYARETE
IKRRQIQQEILDKAQVLCATLSGSGHEMFKNLNVEFETVIIDEAAQCVELSALIPLKYGCNKCILVGDPKQLPPTVLSQS
AAKYGYDQSLFVRMQKNHPKDVHLLDMQYRMHPEISRFPSKEFYEGLLQDGADMARLRLQPWHQSVLLGPYRFFDVKGSQ
ERGPKNQSLVNEEEVKVAMQLYMRFRSDYRDIDLTGKIGIITPYKAQLQRLRQKFVERYGESITEQIEFNTTDAFQGREC
EIIIFSCVRASPTGGIGFMTDIRRMNVGLTRARSSLWILGDSRALVQGEFWAKLIEDAKQRDRYTNGNIMALLSQPGPRV
SLESLAKQ
;
_entity_poly.pdbx_strand_id   A
#
# COMPACT_ATOMS: atom_id res chain seq x y z
N ARG A 255 24.79 -82.21 37.63
CA ARG A 255 23.49 -82.81 37.40
C ARG A 255 22.83 -82.25 36.16
N LEU A 256 22.94 -80.93 35.99
CA LEU A 256 22.42 -80.28 34.79
C LEU A 256 23.18 -80.71 33.55
N ALA A 257 24.51 -80.80 33.66
CA ALA A 257 25.31 -81.26 32.53
C ALA A 257 25.16 -82.77 32.32
N ASP A 258 24.95 -83.51 33.42
CA ASP A 258 24.73 -84.95 33.30
C ASP A 258 23.40 -85.26 32.62
N GLN A 259 22.36 -84.50 32.93
CA GLN A 259 21.10 -84.64 32.21
C GLN A 259 21.21 -84.13 30.79
N ILE A 260 22.09 -83.13 30.57
CA ILE A 260 22.36 -82.66 29.22
C ILE A 260 23.10 -83.72 28.42
N VAL A 261 24.05 -84.42 29.06
CA VAL A 261 24.78 -85.49 28.39
C VAL A 261 23.88 -86.68 28.12
N SER A 262 22.87 -86.89 28.98
CA SER A 262 21.90 -87.95 28.74
C SER A 262 21.01 -87.62 27.55
N LEU A 263 20.66 -86.35 27.38
CA LEU A 263 19.79 -85.90 26.31
C LEU A 263 20.54 -85.41 25.08
N SER A 264 21.88 -85.46 25.09
CA SER A 264 22.65 -84.97 23.96
C SER A 264 22.58 -85.93 22.79
N PHE A 265 22.55 -85.37 21.58
CA PHE A 265 22.62 -86.17 20.37
C PHE A 265 24.05 -86.60 20.05
N ASN A 266 25.05 -86.03 20.72
CA ASN A 266 26.42 -86.45 20.51
C ASN A 266 26.71 -87.80 21.18
N ARG A 267 26.11 -88.04 22.33
CA ARG A 267 26.35 -89.27 23.08
C ARG A 267 25.29 -90.33 22.81
N LEU A 268 24.01 -89.95 22.87
CA LEU A 268 22.93 -90.91 22.64
C LEU A 268 22.81 -91.30 21.18
N GLN A 269 23.19 -90.39 20.27
CA GLN A 269 23.14 -90.57 18.81
C GLN A 269 21.74 -90.90 18.32
N THR A 270 20.73 -90.29 18.95
CA THR A 270 19.33 -90.53 18.59
C THR A 270 18.51 -89.33 19.06
N LEU A 271 17.32 -89.22 18.49
CA LEU A 271 16.38 -88.19 18.90
C LEU A 271 15.71 -88.59 20.21
N PRO A 272 15.78 -87.76 21.26
CA PRO A 272 15.16 -88.12 22.53
C PRO A 272 13.64 -88.00 22.46
N PRO A 273 12.92 -88.64 23.38
CA PRO A 273 11.46 -88.48 23.41
C PRO A 273 11.07 -87.08 23.85
N GLY A 274 9.94 -86.61 23.31
CA GLY A 274 9.58 -85.21 23.46
C GLY A 274 9.12 -84.84 24.86
N GLN A 275 8.65 -85.81 25.64
CA GLN A 275 8.25 -85.55 27.01
C GLN A 275 9.44 -85.16 27.88
N LYS A 276 10.57 -85.86 27.70
CA LYS A 276 11.80 -85.50 28.42
C LYS A 276 12.32 -84.15 27.95
N ILE A 277 12.14 -83.82 26.67
CA ILE A 277 12.56 -82.53 26.13
C ILE A 277 11.75 -81.40 26.77
N LEU A 278 10.42 -81.54 26.82
CA LEU A 278 9.60 -80.48 27.38
C LEU A 278 9.78 -80.37 28.90
N ARG A 279 10.03 -81.50 29.58
CA ARG A 279 10.33 -81.46 31.00
C ARG A 279 11.66 -80.77 31.28
N PHE A 280 12.69 -81.07 30.47
CA PHE A 280 14.00 -80.44 30.63
C PHE A 280 13.94 -78.95 30.37
N TRP A 281 13.20 -78.52 29.35
CA TRP A 281 13.15 -77.09 29.08
C TRP A 281 12.22 -76.35 30.04
N SER A 282 11.20 -77.01 30.61
CA SER A 282 10.44 -76.37 31.68
C SER A 282 11.29 -76.21 32.94
N GLY A 283 12.15 -77.21 33.22
CA GLY A 283 13.10 -77.05 34.31
C GLY A 283 14.10 -75.94 34.05
N PHE A 284 14.55 -75.80 32.80
CA PHE A 284 15.44 -74.70 32.44
C PHE A 284 14.76 -73.35 32.60
N LEU A 285 13.48 -73.26 32.22
CA LEU A 285 12.70 -72.04 32.43
C LEU A 285 12.56 -71.71 33.92
N PHE A 286 12.34 -72.72 34.77
CA PHE A 286 12.28 -72.49 36.20
C PHE A 286 13.62 -72.01 36.77
N ILE A 287 14.72 -72.62 36.31
CA ILE A 287 16.06 -72.21 36.77
C ILE A 287 16.39 -70.79 36.29
N LEU A 288 16.05 -70.47 35.04
CA LEU A 288 16.35 -69.14 34.50
C LEU A 288 15.48 -68.07 35.13
N HIS A 289 14.25 -68.43 35.52
CA HIS A 289 13.44 -67.53 36.32
C HIS A 289 14.07 -67.33 37.70
N ALA A 290 14.68 -68.39 38.24
CA ALA A 290 15.40 -68.23 39.51
C ALA A 290 16.69 -67.46 39.34
N LEU A 291 17.43 -67.70 38.25
CA LEU A 291 18.75 -67.11 38.07
C LEU A 291 18.63 -65.66 37.59
N SER A 292 19.79 -65.02 37.45
CA SER A 292 19.90 -63.64 37.02
C SER A 292 20.82 -63.54 35.81
N GLU A 293 20.70 -62.41 35.09
CA GLU A 293 21.47 -62.22 33.86
C GLU A 293 22.95 -62.03 34.15
N LYS A 294 23.29 -61.29 35.21
CA LYS A 294 24.69 -61.12 35.60
C LYS A 294 25.27 -62.44 36.10
N GLN A 295 24.46 -63.23 36.81
CA GLN A 295 24.91 -64.56 37.21
C GLN A 295 25.01 -65.50 36.02
N ILE A 296 24.19 -65.27 34.98
CA ILE A 296 24.27 -66.08 33.76
C ILE A 296 25.56 -65.77 33.02
N ILE A 297 25.94 -64.49 32.93
CA ILE A 297 27.18 -64.12 32.28
C ILE A 297 28.38 -64.58 33.11
N ASN A 298 28.27 -64.50 34.43
CA ASN A 298 29.40 -64.87 35.29
C ASN A 298 29.58 -66.39 35.37
N SER A 299 28.48 -67.13 35.50
CA SER A 299 28.55 -68.56 35.79
C SER A 299 28.00 -69.45 34.68
N LEU A 300 26.80 -69.15 34.18
CA LEU A 300 26.18 -70.03 33.19
C LEU A 300 26.88 -69.92 31.84
N ARG A 301 27.45 -68.76 31.53
CA ARG A 301 28.21 -68.61 30.30
C ARG A 301 29.57 -69.30 30.36
N ALA A 302 30.06 -69.63 31.54
CA ALA A 302 31.34 -70.31 31.69
C ALA A 302 31.13 -71.77 32.09
N SER A 308 28.30 -76.76 25.10
CA SER A 308 27.60 -75.54 25.48
C SER A 308 26.10 -75.79 25.65
N ILE A 309 25.49 -75.08 26.59
CA ILE A 309 24.05 -75.20 26.79
C ILE A 309 23.29 -74.57 25.62
N TYR A 310 23.86 -73.51 25.03
CA TYR A 310 23.25 -72.87 23.86
C TYR A 310 23.30 -73.79 22.64
N PHE A 311 24.44 -74.47 22.44
CA PHE A 311 24.57 -75.42 21.34
C PHE A 311 23.63 -76.61 21.53
N LEU A 312 23.44 -77.04 22.78
CA LEU A 312 22.50 -78.12 23.05
C LEU A 312 21.05 -77.66 22.83
N ALA A 313 20.77 -76.39 23.07
CA ALA A 313 19.46 -75.84 22.73
C ALA A 313 19.24 -75.83 21.22
N LEU A 314 20.28 -75.48 20.47
CA LEU A 314 20.19 -75.52 19.01
C LEU A 314 20.01 -76.94 18.50
N GLU A 315 20.65 -77.92 19.16
CA GLU A 315 20.47 -79.32 18.78
C GLU A 315 19.07 -79.82 19.13
N HIS A 316 18.54 -79.39 20.28
CA HIS A 316 17.21 -79.81 20.70
C HIS A 316 16.10 -79.08 19.95
N LEU A 317 16.43 -77.99 19.26
CA LEU A 317 15.45 -77.29 18.44
C LEU A 317 15.03 -78.07 17.19
N GLY A 318 15.73 -79.15 16.85
CA GLY A 318 15.39 -79.97 15.71
C GLY A 318 14.47 -81.14 15.99
N THR A 319 13.86 -81.20 17.17
CA THR A 319 12.98 -82.31 17.52
C THR A 319 11.65 -82.20 16.75
N ASN A 320 10.92 -83.31 16.74
CA ASN A 320 9.71 -83.44 15.95
C ASN A 320 8.43 -83.16 16.74
N SER A 321 8.55 -82.64 17.96
CA SER A 321 7.38 -82.35 18.79
C SER A 321 7.07 -80.87 18.70
N ASP A 322 5.78 -80.55 18.46
CA ASP A 322 5.35 -79.16 18.36
C ASP A 322 5.46 -78.45 19.71
N GLU A 323 5.06 -79.13 20.79
CA GLU A 323 5.14 -78.54 22.12
C GLU A 323 6.59 -78.29 22.52
N ALA A 324 7.48 -79.26 22.24
CA ALA A 324 8.89 -79.10 22.56
C ALA A 324 9.54 -77.98 21.76
N LEU A 325 9.17 -77.85 20.48
CA LEU A 325 9.69 -76.75 19.66
C LEU A 325 9.19 -75.40 20.16
N ALA A 326 7.95 -75.35 20.64
CA ALA A 326 7.44 -74.13 21.27
C ALA A 326 8.21 -73.79 22.53
N MET A 327 8.56 -74.80 23.35
CA MET A 327 9.33 -74.52 24.55
C MET A 327 10.77 -74.09 24.25
N VAL A 328 11.41 -74.66 23.22
CA VAL A 328 12.76 -74.19 22.89
C VAL A 328 12.72 -72.80 22.27
N LEU A 329 11.61 -72.45 21.59
CA LEU A 329 11.48 -71.09 21.07
C LEU A 329 11.26 -70.08 22.19
N ARG A 330 10.39 -70.42 23.16
CA ARG A 330 10.17 -69.56 24.32
C ARG A 330 11.44 -69.43 25.16
N ALA A 331 12.17 -70.55 25.30
CA ALA A 331 13.46 -70.54 25.99
C ALA A 331 14.43 -69.57 25.32
N LEU A 332 14.65 -69.76 24.00
CA LEU A 332 15.64 -68.97 23.26
C LEU A 332 15.26 -67.48 23.25
N GLN A 333 13.95 -67.20 23.27
CA GLN A 333 13.49 -65.83 23.46
C GLN A 333 13.92 -65.28 24.82
N GLU A 334 13.77 -66.09 25.88
CA GLU A 334 14.12 -65.61 27.22
C GLU A 334 15.63 -65.47 27.40
N LEU A 335 16.40 -66.41 26.83
CA LEU A 335 17.86 -66.30 26.81
C LEU A 335 18.34 -65.05 26.07
N MET A 336 17.83 -64.79 24.86
CA MET A 336 18.36 -63.65 24.12
C MET A 336 17.80 -62.32 24.65
N GLU A 337 16.63 -62.35 25.28
CA GLU A 337 16.08 -61.13 25.86
C GLU A 337 16.75 -60.78 27.18
N LYS A 338 17.07 -61.78 27.99
CA LYS A 338 17.68 -61.51 29.29
C LYS A 338 19.14 -61.08 29.14
N SER A 339 19.87 -61.69 28.22
CA SER A 339 21.25 -61.29 27.95
C SER A 339 21.60 -61.69 26.52
N SER A 340 21.76 -60.69 25.65
CA SER A 340 22.13 -60.93 24.26
C SER A 340 23.63 -60.91 24.02
N LYS A 341 24.40 -60.26 24.92
CA LYS A 341 25.84 -60.20 24.77
C LYS A 341 26.48 -61.58 24.89
N ALA A 342 26.09 -62.34 25.91
CA ALA A 342 26.58 -63.71 26.05
C ALA A 342 26.00 -64.61 24.97
N PHE A 343 24.78 -64.30 24.50
CA PHE A 343 24.14 -65.06 23.43
C PHE A 343 24.93 -64.98 22.14
N TRP A 344 25.43 -63.79 21.79
CA TRP A 344 26.20 -63.66 20.55
C TRP A 344 27.70 -63.81 20.77
N GLN A 345 28.17 -63.81 22.02
CA GLN A 345 29.56 -64.15 22.28
C GLN A 345 29.79 -65.65 22.25
N ALA A 346 28.89 -66.42 22.85
CA ALA A 346 29.03 -67.87 22.86
C ALA A 346 28.61 -68.52 21.56
N LEU A 347 27.93 -67.79 20.68
CA LEU A 347 27.52 -68.30 19.37
C LEU A 347 28.15 -67.48 18.24
N GLU A 348 29.41 -67.10 18.39
CA GLU A 348 30.08 -66.31 17.36
C GLU A 348 30.43 -67.14 16.15
N GLN A 349 30.50 -68.47 16.31
CA GLN A 349 30.78 -69.35 15.17
C GLN A 349 29.61 -69.38 14.20
N VAL A 350 28.40 -69.42 14.72
CA VAL A 350 27.19 -69.49 13.88
C VAL A 350 26.64 -68.09 13.63
N PRO A 351 26.44 -67.69 12.38
CA PRO A 351 25.87 -66.38 12.10
C PRO A 351 24.37 -66.38 12.37
N PRO A 352 23.76 -65.20 12.52
CA PRO A 352 22.29 -65.14 12.64
C PRO A 352 21.55 -65.70 11.42
N ASN A 353 22.17 -65.62 10.25
CA ASN A 353 21.63 -66.26 9.04
C ASN A 353 21.47 -67.76 9.24
N GLN A 354 22.51 -68.43 9.71
CA GLN A 354 22.43 -69.87 9.93
C GLN A 354 21.53 -70.20 11.12
N LEU A 355 21.43 -69.29 12.09
CA LEU A 355 20.52 -69.48 13.22
C LEU A 355 19.07 -69.50 12.75
N VAL A 356 18.68 -68.50 11.97
CA VAL A 356 17.30 -68.43 11.46
C VAL A 356 17.03 -69.57 10.48
N GLU A 357 18.03 -69.93 9.67
CA GLU A 357 17.83 -71.03 8.72
C GLU A 357 17.70 -72.38 9.41
N GLU A 358 18.47 -72.60 10.49
CA GLU A 358 18.39 -73.86 11.21
C GLU A 358 17.09 -73.96 12.01
N ILE A 359 16.61 -72.85 12.57
CA ILE A 359 15.33 -72.86 13.25
C ILE A 359 14.18 -73.06 12.25
N PHE A 360 14.29 -72.46 11.07
CA PHE A 360 13.19 -72.40 10.13
C PHE A 360 13.15 -73.52 9.13
N LYS A 361 14.20 -74.32 9.03
CA LYS A 361 14.18 -75.48 8.15
C LYS A 361 13.70 -76.74 8.86
N SER A 362 13.33 -76.64 10.14
CA SER A 362 12.89 -77.80 10.90
C SER A 362 11.52 -78.27 10.42
N ALA A 363 11.32 -79.59 10.43
CA ALA A 363 10.10 -80.17 9.90
C ALA A 363 8.91 -80.01 10.83
N ALA A 364 9.14 -79.74 12.11
CA ALA A 364 8.08 -79.60 13.10
C ALA A 364 7.65 -78.15 13.29
N PHE A 365 8.21 -77.22 12.52
CA PHE A 365 7.88 -75.81 12.68
C PHE A 365 6.60 -75.46 11.95
N ARG A 366 6.27 -76.20 10.89
CA ARG A 366 5.02 -76.00 10.16
C ARG A 366 3.76 -76.21 10.99
N PRO A 367 3.59 -77.27 11.82
CA PRO A 367 2.40 -77.27 12.69
C PRO A 367 2.48 -76.30 13.86
N LEU A 368 3.68 -75.80 14.20
CA LEU A 368 3.76 -74.69 15.15
C LEU A 368 3.17 -73.43 14.54
N LEU A 369 3.42 -73.19 13.24
CA LEU A 369 2.76 -72.11 12.53
C LEU A 369 1.26 -72.35 12.39
N ASN A 370 0.88 -73.60 12.11
CA ASN A 370 -0.51 -73.90 11.81
C ASN A 370 -1.39 -73.83 13.04
N LYS A 371 -0.88 -74.31 14.18
CA LYS A 371 -1.64 -74.31 15.43
C LYS A 371 -1.36 -73.09 16.29
N SER A 372 -0.81 -72.03 15.71
CA SER A 372 -0.49 -70.82 16.45
C SER A 372 -1.74 -69.97 16.70
N GLN A 385 -3.36 -59.48 20.92
CA GLN A 385 -3.16 -60.93 20.95
C GLN A 385 -2.20 -61.38 19.86
N VAL A 386 -0.96 -60.91 19.96
CA VAL A 386 0.06 -61.25 18.97
C VAL A 386 0.50 -62.69 19.21
N PRO A 387 0.98 -63.40 18.18
CA PRO A 387 1.54 -64.74 18.40
C PRO A 387 2.94 -64.64 19.00
N ALA A 388 3.46 -65.81 19.38
CA ALA A 388 4.78 -65.87 20.02
C ALA A 388 5.90 -65.59 19.03
N LEU A 389 5.68 -65.89 17.75
CA LEU A 389 6.79 -65.79 16.80
C LEU A 389 7.08 -64.31 16.47
N ALA A 390 6.04 -63.47 16.49
CA ALA A 390 6.22 -62.03 16.25
C ALA A 390 7.07 -61.39 17.35
N ALA A 391 6.76 -61.67 18.61
CA ALA A 391 7.56 -61.14 19.72
C ALA A 391 8.95 -61.77 19.75
N TRP A 392 9.05 -63.04 19.32
CA TRP A 392 10.35 -63.67 19.18
C TRP A 392 11.23 -62.94 18.17
N MET A 393 10.66 -62.54 17.05
CA MET A 393 11.45 -61.84 16.05
C MET A 393 11.68 -60.37 16.41
N ARG A 394 10.81 -59.78 17.25
CA ARG A 394 11.15 -58.49 17.84
C ARG A 394 12.40 -58.60 18.71
N ALA A 395 12.46 -59.64 19.55
CA ALA A 395 13.65 -59.87 20.37
C ALA A 395 14.86 -60.20 19.51
N LEU A 396 14.65 -60.89 18.38
CA LEU A 396 15.74 -61.25 17.48
C LEU A 396 16.34 -60.01 16.82
N VAL A 397 15.49 -59.10 16.33
CA VAL A 397 16.01 -57.90 15.68
C VAL A 397 16.64 -56.96 16.71
N ARG A 398 16.02 -56.81 17.89
CA ARG A 398 16.62 -55.97 18.92
C ARG A 398 17.89 -56.56 19.53
N SER A 399 18.10 -57.87 19.43
CA SER A 399 19.30 -58.48 19.98
C SER A 399 20.50 -58.38 19.06
N LEU A 400 20.33 -57.88 17.84
CA LEU A 400 21.43 -57.85 16.88
C LEU A 400 21.93 -56.42 16.68
N PRO A 401 23.22 -56.26 16.37
CA PRO A 401 23.71 -54.94 15.94
C PRO A 401 23.17 -54.59 14.56
N SER A 402 23.37 -53.31 14.21
CA SER A 402 22.80 -52.77 12.98
C SER A 402 23.44 -53.41 11.74
N THR A 403 24.74 -53.70 11.81
CA THR A 403 25.49 -54.17 10.65
C THR A 403 25.07 -55.56 10.20
N SER A 404 24.46 -56.34 11.08
CA SER A 404 23.92 -57.64 10.74
C SER A 404 22.43 -57.60 10.39
N TRP A 405 21.84 -56.41 10.32
CA TRP A 405 20.40 -56.31 10.08
C TRP A 405 20.05 -56.65 8.63
N SER A 406 20.93 -56.29 7.69
CA SER A 406 20.59 -56.38 6.27
C SER A 406 20.60 -57.82 5.79
N ASP A 407 21.71 -58.52 6.02
CA ASP A 407 21.91 -59.88 5.50
C ASP A 407 20.86 -60.85 6.03
N LEU A 408 20.58 -60.77 7.34
CA LEU A 408 19.48 -61.50 7.97
C LEU A 408 18.17 -61.28 7.25
N CYS A 409 17.87 -60.00 6.97
CA CYS A 409 16.63 -59.63 6.31
C CYS A 409 16.58 -60.27 4.93
N GLU A 410 17.73 -60.33 4.26
CA GLU A 410 17.84 -60.90 2.92
C GLU A 410 17.51 -62.38 2.92
N THR A 411 17.74 -63.06 4.05
CA THR A 411 17.16 -64.38 4.21
C THR A 411 15.74 -64.28 4.76
N SER A 412 15.59 -63.59 5.90
CA SER A 412 14.49 -63.86 6.82
C SER A 412 13.15 -63.46 6.21
N LEU A 413 13.07 -62.23 5.71
CA LEU A 413 11.89 -61.76 5.00
C LEU A 413 11.61 -62.61 3.77
N ARG A 414 12.67 -62.97 3.03
CA ARG A 414 12.55 -63.86 1.88
C ARG A 414 12.06 -65.23 2.30
N HIS A 415 12.32 -65.61 3.55
CA HIS A 415 11.79 -66.86 4.09
C HIS A 415 10.38 -66.66 4.62
N LEU A 416 10.05 -65.50 5.16
CA LEU A 416 8.67 -65.37 5.66
C LEU A 416 7.74 -64.97 4.52
N PHE A 417 8.06 -63.94 3.75
CA PHE A 417 7.09 -63.46 2.75
C PHE A 417 6.93 -64.43 1.58
N GLU A 418 8.03 -65.03 1.13
CA GLU A 418 8.05 -65.74 -0.15
C GLU A 418 8.20 -67.24 -0.03
N THR A 419 9.19 -67.72 0.74
CA THR A 419 9.48 -69.15 0.78
C THR A 419 8.37 -69.93 1.50
N PHE A 420 7.86 -69.39 2.60
CA PHE A 420 6.78 -70.06 3.33
C PHE A 420 5.40 -69.80 2.74
N ARG A 421 5.28 -68.89 1.78
CA ARG A 421 3.98 -68.63 1.17
C ARG A 421 3.96 -69.14 -0.26
N GLN A 428 -5.68 -70.02 6.15
CA GLN A 428 -4.25 -69.75 6.07
C GLN A 428 -3.78 -68.93 7.27
N SER A 429 -4.02 -69.48 8.46
CA SER A 429 -3.62 -68.80 9.69
C SER A 429 -2.10 -68.73 9.82
N GLY A 430 -1.40 -69.78 9.37
CA GLY A 430 0.05 -69.74 9.37
C GLY A 430 0.61 -68.73 8.37
N ARG A 431 -0.04 -68.59 7.21
CA ARG A 431 0.36 -67.59 6.24
C ARG A 431 0.14 -66.18 6.78
N ALA A 432 -0.99 -65.96 7.47
CA ALA A 432 -1.24 -64.68 8.12
C ALA A 432 -0.22 -64.41 9.23
N THR A 433 0.17 -65.46 9.95
CA THR A 433 1.15 -65.32 11.03
C THR A 433 2.51 -64.91 10.49
N CYS A 434 2.97 -65.55 9.40
CA CYS A 434 4.27 -65.19 8.88
C CYS A 434 4.24 -63.85 8.15
N THR A 435 3.09 -63.47 7.58
CA THR A 435 2.95 -62.13 7.00
C THR A 435 3.04 -61.06 8.08
N LEU A 436 2.35 -61.27 9.21
CA LEU A 436 2.44 -60.36 10.35
C LEU A 436 3.87 -60.28 10.86
N ALA A 437 4.57 -61.43 10.88
CA ALA A 437 5.96 -61.49 11.30
C ALA A 437 6.87 -60.65 10.41
N GLY A 438 6.70 -60.78 9.10
CA GLY A 438 7.54 -60.01 8.18
C GLY A 438 7.29 -58.52 8.26
N LEU A 439 6.02 -58.12 8.43
CA LEU A 439 5.72 -56.72 8.66
C LEU A 439 6.34 -56.21 9.96
N VAL A 440 6.37 -57.07 10.99
CA VAL A 440 7.00 -56.71 12.27
C VAL A 440 8.51 -56.53 12.10
N THR A 441 9.15 -57.37 11.27
CA THR A 441 10.59 -57.22 11.01
C THR A 441 10.90 -55.91 10.30
N LEU A 442 10.14 -55.60 9.25
CA LEU A 442 10.37 -54.36 8.52
C LEU A 442 10.10 -53.14 9.40
N GLN A 443 9.04 -53.20 10.20
CA GLN A 443 8.70 -52.11 11.11
C GLN A 443 9.77 -51.93 12.17
N GLN A 444 10.30 -53.02 12.71
CA GLN A 444 11.33 -52.93 13.74
C GLN A 444 12.65 -52.40 13.19
N CYS A 445 13.01 -52.80 11.97
CA CYS A 445 14.22 -52.28 11.35
C CYS A 445 14.09 -50.80 11.00
N LEU A 446 12.93 -50.39 10.46
CA LEU A 446 12.71 -48.99 10.14
C LEU A 446 12.63 -48.12 11.39
N ASP A 447 12.07 -48.65 12.48
CA ASP A 447 12.03 -47.91 13.72
C ASP A 447 13.40 -47.85 14.38
N GLY A 448 14.23 -48.88 14.17
CA GLY A 448 15.60 -48.82 14.67
C GLY A 448 16.44 -47.80 13.93
N PHE A 449 16.26 -47.70 12.62
CA PHE A 449 17.01 -46.69 11.86
C PHE A 449 16.44 -45.29 12.04
N LEU A 450 15.14 -45.17 12.30
CA LEU A 450 14.52 -43.86 12.44
C LEU A 450 14.74 -43.23 13.80
N GLN A 451 15.06 -44.02 14.82
CA GLN A 451 15.29 -43.50 16.16
C GLN A 451 16.75 -43.12 16.40
N GLN A 452 17.62 -43.33 15.42
CA GLN A 452 19.03 -42.97 15.58
C GLN A 452 19.20 -41.46 15.49
N ASP A 453 20.19 -40.95 16.23
CA ASP A 453 20.44 -39.52 16.27
C ASP A 453 21.21 -39.03 15.06
N SER A 454 21.88 -39.91 14.32
CA SER A 454 22.67 -39.50 13.17
C SER A 454 22.87 -40.70 12.25
N ILE A 455 22.65 -40.50 10.95
CA ILE A 455 22.95 -41.50 9.94
C ILE A 455 24.29 -41.10 9.32
N ASP A 456 25.29 -41.96 9.48
CA ASP A 456 26.62 -41.65 8.98
C ASP A 456 26.67 -41.79 7.46
N THR A 457 27.62 -41.07 6.85
CA THR A 457 27.73 -41.01 5.40
C THR A 457 28.44 -42.22 4.81
N GLY A 458 28.99 -43.11 5.64
CA GLY A 458 29.76 -44.22 5.15
C GLY A 458 28.91 -45.46 4.93
N THR A 459 29.08 -46.47 5.80
CA THR A 459 28.28 -47.67 5.67
C THR A 459 26.83 -47.44 6.08
N GLY A 460 26.58 -46.41 6.90
CA GLY A 460 25.23 -46.16 7.37
C GLY A 460 24.27 -45.74 6.27
N LEU A 461 24.73 -44.90 5.35
CA LEU A 461 23.89 -44.47 4.24
C LEU A 461 23.58 -45.63 3.30
N ILE A 462 24.54 -46.53 3.07
CA ILE A 462 24.28 -47.61 2.13
C ILE A 462 23.41 -48.69 2.77
N MET A 463 23.47 -48.88 4.09
CA MET A 463 22.56 -49.86 4.68
C MET A 463 21.15 -49.28 4.80
N VAL A 464 21.03 -47.96 5.00
CA VAL A 464 19.72 -47.31 4.93
C VAL A 464 19.16 -47.40 3.51
N ASN A 465 20.02 -47.23 2.51
CA ASN A 465 19.61 -47.38 1.11
C ASN A 465 19.15 -48.80 0.81
N GLN A 466 19.84 -49.80 1.37
CA GLN A 466 19.44 -51.19 1.17
C GLN A 466 18.10 -51.50 1.83
N LEU A 467 17.87 -50.95 3.04
CA LEU A 467 16.58 -51.14 3.70
C LEU A 467 15.45 -50.47 2.93
N LEU A 468 15.69 -49.27 2.40
CA LEU A 468 14.64 -48.59 1.65
C LEU A 468 14.38 -49.27 0.31
N ASN A 469 15.41 -49.86 -0.29
CA ASN A 469 15.22 -50.66 -1.50
C ASN A 469 14.44 -51.93 -1.20
N ARG A 470 14.64 -52.51 -0.01
CA ARG A 470 13.85 -53.67 0.40
C ARG A 470 12.39 -53.28 0.66
N VAL A 471 12.18 -52.07 1.18
CA VAL A 471 10.82 -51.56 1.37
C VAL A 471 10.12 -51.36 0.03
N VAL A 472 10.85 -50.81 -0.95
CA VAL A 472 10.28 -50.59 -2.28
C VAL A 472 10.00 -51.93 -2.97
N ASN A 473 10.89 -52.91 -2.77
CA ASN A 473 10.71 -54.23 -3.38
C ASN A 473 9.50 -54.96 -2.79
N TYR A 474 9.30 -54.86 -1.49
CA TYR A 474 8.18 -55.51 -0.81
C TYR A 474 6.95 -54.62 -0.67
N SER A 475 6.77 -53.67 -1.59
CA SER A 475 5.73 -52.65 -1.42
C SER A 475 4.33 -53.23 -1.60
N GLU A 476 4.17 -54.15 -2.56
CA GLU A 476 2.84 -54.68 -2.91
C GLU A 476 2.23 -55.47 -1.77
N ILE A 477 3.06 -56.20 -1.02
CA ILE A 477 2.58 -56.96 0.13
C ILE A 477 2.12 -56.02 1.24
N ILE A 478 2.82 -54.89 1.40
CA ILE A 478 2.40 -53.87 2.36
C ILE A 478 1.08 -53.24 1.94
N ILE A 479 0.88 -53.06 0.62
CA ILE A 479 -0.37 -52.48 0.12
C ILE A 479 -1.55 -53.41 0.38
N ARG A 480 -1.39 -54.70 0.06
CA ARG A 480 -2.46 -55.67 0.34
C ARG A 480 -2.65 -55.89 1.83
N ALA A 481 -1.60 -55.65 2.63
CA ALA A 481 -1.73 -55.77 4.08
C ALA A 481 -2.53 -54.61 4.66
N ALA A 482 -2.26 -53.39 4.21
CA ALA A 482 -2.98 -52.23 4.72
C ALA A 482 -4.37 -52.09 4.10
N SER A 483 -4.65 -52.81 3.02
CA SER A 483 -5.98 -52.78 2.42
C SER A 483 -6.97 -53.72 3.10
N LEU A 484 -6.55 -54.46 4.13
CA LEU A 484 -7.44 -55.40 4.80
C LEU A 484 -8.46 -54.67 5.65
N LYS A 485 -9.66 -55.28 5.75
CA LYS A 485 -10.77 -54.74 6.53
C LYS A 485 -10.51 -54.98 8.02
N PRO A 486 -10.82 -54.00 8.87
CA PRO A 486 -10.67 -54.21 10.32
C PRO A 486 -11.71 -55.15 10.87
N GLY A 487 -11.34 -55.84 11.96
CA GLY A 487 -12.23 -56.80 12.58
C GLY A 487 -12.26 -58.16 11.92
N ASP A 488 -11.42 -58.40 10.91
CA ASP A 488 -11.40 -59.69 10.24
C ASP A 488 -10.74 -60.74 11.12
N ILE A 489 -11.04 -62.01 10.84
CA ILE A 489 -10.50 -63.10 11.63
C ILE A 489 -9.04 -63.37 11.32
N TYR A 490 -8.52 -62.84 10.21
CA TYR A 490 -7.10 -62.95 9.88
C TYR A 490 -6.32 -61.69 10.21
N ASN A 491 -6.98 -60.62 10.61
CA ASN A 491 -6.33 -59.36 10.94
C ASN A 491 -5.98 -59.38 12.42
N VAL A 492 -4.72 -59.69 12.74
CA VAL A 492 -4.25 -59.83 14.10
C VAL A 492 -3.32 -58.65 14.45
N GLY A 493 -3.36 -57.60 13.64
CA GLY A 493 -2.47 -56.47 13.83
C GLY A 493 -1.71 -56.19 12.54
N ILE A 494 -2.24 -56.72 11.44
CA ILE A 494 -1.59 -56.59 10.14
C ILE A 494 -1.69 -55.15 9.63
N SER A 495 -2.88 -54.55 9.77
CA SER A 495 -3.13 -53.22 9.19
C SER A 495 -2.33 -52.14 9.92
N LYS A 496 -2.26 -52.22 11.25
CA LYS A 496 -1.51 -51.23 12.03
C LYS A 496 -0.01 -51.34 11.76
N ALA A 497 0.49 -52.56 11.61
CA ALA A 497 1.90 -52.76 11.29
C ALA A 497 2.25 -52.23 9.91
N ALA A 498 1.38 -52.48 8.93
CA ALA A 498 1.61 -51.95 7.58
C ALA A 498 1.54 -50.44 7.55
N MET A 499 0.60 -49.85 8.30
CA MET A 499 0.50 -48.39 8.38
C MET A 499 1.74 -47.76 9.01
N ALA A 500 2.26 -48.38 10.07
CA ALA A 500 3.49 -47.90 10.69
C ALA A 500 4.68 -48.04 9.75
N ILE A 501 4.68 -49.09 8.92
CA ILE A 501 5.73 -49.29 7.92
C ILE A 501 5.72 -48.15 6.90
N ILE A 502 4.52 -47.79 6.40
CA ILE A 502 4.41 -46.69 5.44
C ILE A 502 4.84 -45.37 6.05
N HIS A 503 4.43 -45.11 7.30
CA HIS A 503 4.77 -43.86 7.97
C HIS A 503 6.28 -43.74 8.19
N SER A 504 6.91 -44.83 8.65
CA SER A 504 8.34 -44.80 8.94
C SER A 504 9.18 -44.72 7.67
N ALA A 505 8.73 -45.38 6.59
CA ALA A 505 9.45 -45.29 5.31
C ALA A 505 9.38 -43.87 4.75
N LEU A 506 8.21 -43.25 4.81
CA LEU A 506 8.07 -41.89 4.27
C LEU A 506 8.80 -40.87 5.14
N ALA A 507 8.98 -41.13 6.43
CA ALA A 507 9.82 -40.25 7.23
C ALA A 507 11.31 -40.45 6.94
N LEU A 508 11.73 -41.72 6.79
CA LEU A 508 13.14 -42.04 6.63
C LEU A 508 13.69 -41.60 5.28
N ASP A 509 12.84 -41.58 4.24
CA ASP A 509 13.25 -41.06 2.94
C ASP A 509 13.65 -39.58 3.03
N ALA A 510 12.81 -38.78 3.70
CA ALA A 510 13.08 -37.37 3.87
C ALA A 510 14.30 -37.13 4.75
N LYS A 511 14.47 -37.94 5.81
CA LYS A 511 15.63 -37.78 6.67
C LYS A 511 16.94 -38.14 5.95
N ALA A 512 16.91 -39.19 5.13
CA ALA A 512 18.09 -39.57 4.37
C ALA A 512 18.45 -38.51 3.33
N THR A 513 17.45 -37.93 2.67
CA THR A 513 17.73 -36.88 1.69
C THR A 513 18.27 -35.62 2.36
N GLU A 514 17.75 -35.27 3.54
CA GLU A 514 18.26 -34.11 4.28
C GLU A 514 19.70 -34.33 4.74
N VAL A 515 20.02 -35.55 5.21
CA VAL A 515 21.37 -35.89 5.64
C VAL A 515 22.35 -35.82 4.46
N GLU A 516 21.92 -36.34 3.30
CA GLU A 516 22.77 -36.33 2.12
C GLU A 516 23.01 -34.90 1.62
N TRP A 517 21.98 -34.05 1.66
CA TRP A 517 22.14 -32.64 1.28
C TRP A 517 23.09 -31.92 2.22
N ALA A 518 22.91 -32.09 3.54
CA ALA A 518 23.75 -31.41 4.51
C ALA A 518 25.16 -31.97 4.54
N ALA A 519 25.40 -33.15 3.96
CA ALA A 519 26.75 -33.64 3.75
C ALA A 519 27.40 -33.05 2.51
N LEU A 520 26.73 -33.11 1.35
CA LEU A 520 27.41 -32.64 0.14
C LEU A 520 27.42 -31.14 -0.02
N ILE A 521 26.67 -30.39 0.78
CA ILE A 521 26.81 -28.94 0.71
C ILE A 521 28.03 -28.45 1.46
N ALA A 522 28.63 -29.29 2.31
CA ALA A 522 29.82 -28.92 3.08
C ALA A 522 31.11 -29.46 2.46
N GLU A 523 31.05 -29.96 1.22
CA GLU A 523 32.18 -30.54 0.49
C GLU A 523 32.82 -31.70 1.26
N LYS A 524 32.03 -32.75 1.45
CA LYS A 524 32.44 -33.95 2.16
C LYS A 524 32.08 -35.16 1.32
N PRO A 525 32.81 -36.29 1.52
CA PRO A 525 32.56 -37.51 0.76
C PRO A 525 31.31 -38.23 1.24
N VAL A 526 30.45 -38.66 0.30
CA VAL A 526 29.16 -39.30 0.68
C VAL A 526 29.26 -40.77 0.29
N GLN A 527 29.25 -41.06 -1.01
CA GLN A 527 29.45 -42.47 -1.48
C GLN A 527 29.12 -42.49 -2.97
N ASP A 528 29.62 -43.46 -3.73
CA ASP A 528 29.33 -43.40 -5.16
C ASP A 528 28.47 -44.57 -5.60
N ARG A 532 19.14 -45.29 -4.45
CA ARG A 532 17.78 -44.99 -4.01
C ARG A 532 16.90 -44.42 -5.11
N ASP A 533 15.61 -44.36 -4.82
CA ASP A 533 14.63 -43.75 -5.70
C ASP A 533 13.51 -43.14 -4.87
N SER A 534 13.63 -41.86 -4.54
CA SER A 534 12.62 -41.22 -3.69
C SER A 534 11.33 -40.92 -4.44
N GLY A 535 11.42 -40.62 -5.74
CA GLY A 535 10.22 -40.36 -6.52
C GLY A 535 9.34 -41.58 -6.65
N ALA A 536 9.94 -42.74 -6.94
CA ALA A 536 9.17 -43.98 -7.03
C ALA A 536 8.61 -44.39 -5.68
N LEU A 537 9.37 -44.16 -4.61
CA LEU A 537 8.92 -44.53 -3.26
C LEU A 537 7.73 -43.68 -2.82
N TRP A 538 7.76 -42.38 -3.10
CA TRP A 538 6.60 -41.55 -2.80
C TRP A 538 5.43 -41.88 -3.72
N GLU A 539 5.73 -42.19 -4.99
CA GLU A 539 4.69 -42.42 -5.99
C GLU A 539 3.91 -43.70 -5.74
N THR A 540 4.57 -44.74 -5.23
CA THR A 540 3.90 -46.02 -4.97
C THR A 540 2.85 -45.88 -3.86
N PHE A 541 3.24 -45.29 -2.74
CA PHE A 541 2.29 -45.13 -1.65
C PHE A 541 1.30 -44.00 -1.91
N LEU A 542 1.61 -43.11 -2.86
CA LEU A 542 0.59 -42.21 -3.37
C LEU A 542 -0.45 -42.96 -4.20
N GLU A 543 0.00 -43.83 -5.10
CA GLU A 543 -0.88 -44.48 -6.05
C GLU A 543 -1.59 -45.70 -5.48
N MET A 544 -1.30 -46.06 -4.23
CA MET A 544 -2.09 -47.12 -3.58
C MET A 544 -3.55 -46.69 -3.46
N LEU A 545 -3.82 -45.67 -2.64
CA LEU A 545 -5.14 -45.11 -2.36
C LEU A 545 -4.97 -43.91 -1.44
N TRP A 546 -5.87 -42.94 -1.52
CA TRP A 546 -5.92 -41.92 -0.47
C TRP A 546 -7.32 -41.56 -0.02
N ALA A 547 -8.34 -41.82 -0.84
CA ALA A 547 -9.72 -41.64 -0.44
C ALA A 547 -10.45 -42.97 -0.60
N GLY A 548 -11.12 -43.40 0.46
CA GLY A 548 -11.75 -44.70 0.48
C GLY A 548 -11.02 -45.77 1.26
N GLN A 549 -10.29 -45.39 2.31
CA GLN A 549 -9.59 -46.36 3.16
C GLN A 549 -9.54 -45.81 4.58
N LEU A 550 -9.38 -46.73 5.54
CA LEU A 550 -9.30 -46.34 6.94
C LEU A 550 -7.95 -45.72 7.25
N GLY A 551 -7.96 -44.69 8.09
CA GLY A 551 -6.73 -44.04 8.47
C GLY A 551 -6.16 -43.10 7.43
N HIS A 552 -6.98 -42.63 6.48
CA HIS A 552 -6.50 -41.70 5.47
C HIS A 552 -6.17 -40.34 6.07
N PHE A 553 -6.88 -39.96 7.13
CA PHE A 553 -6.53 -38.76 7.90
C PHE A 553 -5.14 -38.89 8.51
N GLU A 554 -4.85 -40.05 9.11
CA GLU A 554 -3.54 -40.26 9.73
C GLU A 554 -2.44 -40.37 8.68
N LEU A 555 -2.74 -40.98 7.53
CA LEU A 555 -1.77 -41.04 6.44
C LEU A 555 -1.46 -39.66 5.88
N ALA A 556 -2.49 -38.82 5.73
CA ALA A 556 -2.28 -37.45 5.25
C ALA A 556 -1.48 -36.63 6.25
N LYS A 557 -1.74 -36.78 7.55
CA LYS A 557 -0.96 -36.08 8.56
C LYS A 557 0.50 -36.54 8.57
N ALA A 558 0.73 -37.85 8.46
CA ALA A 558 2.09 -38.39 8.44
C ALA A 558 2.87 -37.92 7.22
N MET A 559 2.22 -37.90 6.06
CA MET A 559 2.84 -37.41 4.84
C MET A 559 3.15 -35.92 4.94
N LEU A 560 2.29 -35.16 5.63
CA LEU A 560 2.53 -33.73 5.77
C LEU A 560 3.72 -33.44 6.69
N MET A 561 3.86 -34.17 7.79
CA MET A 561 5.08 -33.96 8.61
C MET A 561 6.33 -34.47 7.90
N ALA A 562 6.18 -35.53 7.09
CA ALA A 562 7.29 -36.03 6.29
C ALA A 562 7.77 -34.99 5.28
N THR A 563 6.85 -34.24 4.68
CA THR A 563 7.28 -33.17 3.79
C THR A 563 7.66 -31.88 4.53
N LEU A 564 7.30 -31.75 5.81
CA LEU A 564 7.84 -30.65 6.61
C LEU A 564 9.30 -30.90 7.00
N ARG A 565 9.74 -32.16 6.95
CA ARG A 565 11.12 -32.51 7.31
C ARG A 565 12.18 -31.82 6.44
N LEU A 566 11.85 -31.44 5.21
CA LEU A 566 12.85 -30.99 4.23
C LEU A 566 12.44 -29.65 3.60
N ARG A 567 12.08 -28.68 4.43
CA ARG A 567 11.44 -27.46 3.94
C ARG A 567 12.40 -26.32 3.63
N SER A 568 13.71 -26.48 3.84
CA SER A 568 14.67 -25.41 3.60
C SER A 568 15.87 -25.94 2.82
N ILE A 569 15.60 -26.71 1.77
CA ILE A 569 16.62 -27.31 0.93
C ILE A 569 16.35 -26.90 -0.51
N GLU A 570 17.36 -26.34 -1.17
CA GLU A 570 17.22 -25.74 -2.49
C GLU A 570 18.22 -26.37 -3.44
N GLN A 571 17.89 -26.38 -4.73
CA GLN A 571 18.77 -26.87 -5.77
C GLN A 571 20.01 -25.98 -5.91
N PHE A 572 21.00 -26.50 -6.62
CA PHE A 572 22.32 -25.86 -6.70
C PHE A 572 22.43 -25.02 -7.97
N ILE A 573 22.93 -23.80 -7.80
CA ILE A 573 23.13 -22.85 -8.89
C ILE A 573 24.63 -22.63 -9.05
N PRO A 574 25.19 -22.85 -10.24
CA PRO A 574 26.63 -22.60 -10.43
C PRO A 574 26.95 -21.12 -10.48
N LYS A 575 28.21 -20.81 -10.21
CA LYS A 575 28.68 -19.44 -10.27
C LYS A 575 28.77 -18.96 -11.71
N ARG A 576 28.95 -17.64 -11.87
CA ARG A 576 29.01 -17.04 -13.20
C ARG A 576 30.27 -17.46 -13.94
N LYS A 577 31.40 -17.52 -13.25
CA LYS A 577 32.65 -17.95 -13.86
C LYS A 577 32.89 -19.44 -13.77
N GLU A 578 32.29 -20.10 -12.78
CA GLU A 578 32.51 -21.52 -12.56
C GLU A 578 31.43 -22.36 -13.22
N GLN A 579 31.59 -23.68 -13.16
CA GLN A 579 30.65 -24.63 -13.72
C GLN A 579 30.17 -25.56 -12.61
N LEU A 580 29.07 -26.26 -12.88
CA LEU A 580 28.47 -27.16 -11.92
C LEU A 580 29.22 -28.49 -11.89
N LYS A 581 29.49 -28.99 -10.69
CA LYS A 581 30.19 -30.26 -10.53
C LYS A 581 29.27 -31.43 -10.90
N ARG A 582 29.85 -32.63 -10.95
CA ARG A 582 29.09 -33.81 -11.34
C ARG A 582 28.12 -34.24 -10.24
N GLU A 583 28.61 -34.26 -8.99
CA GLU A 583 27.79 -34.75 -7.88
C GLU A 583 26.65 -33.79 -7.58
N LEU A 584 26.87 -32.50 -7.77
CA LEU A 584 25.80 -31.52 -7.59
C LEU A 584 24.74 -31.65 -8.66
N ASP A 585 25.14 -32.01 -9.89
CA ASP A 585 24.18 -32.27 -10.96
C ASP A 585 23.34 -33.51 -10.67
N LYS A 586 23.98 -34.58 -10.18
CA LYS A 586 23.23 -35.79 -9.83
C LYS A 586 22.27 -35.53 -8.67
N PHE A 587 22.70 -34.74 -7.68
CA PHE A 587 21.83 -34.36 -6.57
C PHE A 587 20.67 -33.50 -7.06
N ASN A 588 20.92 -32.64 -8.06
CA ASN A 588 19.86 -31.81 -8.61
C ASN A 588 18.80 -32.65 -9.31
N LYS A 589 19.22 -33.69 -10.05
CA LYS A 589 18.25 -34.58 -10.70
C LYS A 589 17.43 -35.36 -9.66
N ARG A 590 18.10 -35.86 -8.61
CA ARG A 590 17.39 -36.57 -7.55
C ARG A 590 16.39 -35.67 -6.82
N TYR A 591 16.80 -34.42 -6.54
CA TYR A 591 15.91 -33.47 -5.88
C TYR A 591 14.76 -33.06 -6.78
N GLN A 592 14.99 -33.02 -8.11
CA GLN A 592 13.92 -32.77 -9.06
C GLN A 592 12.85 -33.85 -8.98
N GLN A 593 13.27 -35.12 -8.95
CA GLN A 593 12.32 -36.23 -8.82
C GLN A 593 11.56 -36.16 -7.49
N GLN A 594 12.28 -35.88 -6.40
CA GLN A 594 11.65 -35.85 -5.09
C GLN A 594 10.64 -34.71 -4.95
N THR A 595 10.98 -33.53 -5.46
CA THR A 595 10.05 -32.40 -5.34
C THR A 595 8.87 -32.56 -6.29
N THR A 596 9.05 -33.22 -7.44
CA THR A 596 7.91 -33.55 -8.29
C THR A 596 6.94 -34.49 -7.57
N ALA A 597 7.47 -35.51 -6.88
CA ALA A 597 6.61 -36.43 -6.12
C ALA A 597 5.91 -35.73 -4.96
N ILE A 598 6.61 -34.81 -4.29
CA ILE A 598 6.01 -34.08 -3.16
C ILE A 598 4.93 -33.12 -3.66
N GLY A 599 5.14 -32.50 -4.83
CA GLY A 599 4.11 -31.67 -5.42
C GLY A 599 2.88 -32.44 -5.83
N LYS A 600 3.06 -33.66 -6.35
CA LYS A 600 1.92 -34.52 -6.63
C LYS A 600 1.18 -34.93 -5.37
N MET A 601 1.92 -35.15 -4.27
CA MET A 601 1.32 -35.44 -2.97
C MET A 601 0.45 -34.29 -2.48
N LEU A 602 0.96 -33.06 -2.60
CA LEU A 602 0.20 -31.92 -2.10
C LEU A 602 -0.96 -31.58 -3.03
N ASN A 603 -0.82 -31.86 -4.32
CA ASN A 603 -1.91 -31.64 -5.25
C ASN A 603 -3.02 -32.67 -5.08
N ARG A 604 -2.67 -33.88 -4.62
CA ARG A 604 -3.67 -34.91 -4.39
C ARG A 604 -4.55 -34.61 -3.19
N LEU A 605 -4.09 -33.78 -2.26
CA LEU A 605 -4.83 -33.51 -1.03
C LEU A 605 -6.07 -32.65 -1.23
N THR A 606 -6.24 -32.06 -2.41
CA THR A 606 -7.44 -31.26 -2.69
C THR A 606 -8.54 -32.10 -3.34
N ASP A 607 -8.85 -33.24 -2.72
CA ASP A 607 -10.05 -34.00 -3.06
C ASP A 607 -10.88 -34.32 -1.84
N PHE A 608 -10.42 -33.99 -0.64
CA PHE A 608 -11.13 -34.26 0.59
C PHE A 608 -12.37 -33.36 0.69
N GLU A 609 -13.26 -33.70 1.59
CA GLU A 609 -14.38 -32.81 1.81
C GLU A 609 -13.94 -31.64 2.69
N PRO A 610 -14.64 -30.50 2.58
CA PRO A 610 -14.29 -29.33 3.42
C PRO A 610 -14.35 -29.57 4.92
N GLU A 611 -15.17 -30.52 5.38
CA GLU A 611 -15.30 -30.79 6.82
C GLU A 611 -14.01 -31.38 7.38
N VAL A 612 -13.47 -32.41 6.73
CA VAL A 612 -12.22 -33.00 7.22
C VAL A 612 -11.04 -32.07 6.93
N LEU A 613 -11.14 -31.21 5.91
CA LEU A 613 -10.09 -30.24 5.64
C LEU A 613 -10.00 -29.18 6.74
N ASP A 614 -11.14 -28.65 7.16
CA ASP A 614 -11.10 -27.65 8.23
C ASP A 614 -10.85 -28.32 9.59
N LYS A 615 -11.18 -29.61 9.73
CA LYS A 615 -10.75 -30.34 10.92
C LYS A 615 -9.24 -30.52 10.94
N LEU A 616 -8.64 -30.74 9.77
CA LEU A 616 -7.19 -30.87 9.66
C LEU A 616 -6.49 -29.54 9.94
N CYS A 617 -7.07 -28.44 9.48
CA CYS A 617 -6.47 -27.14 9.73
C CYS A 617 -6.66 -26.68 11.17
N SER A 618 -7.84 -26.89 11.73
CA SER A 618 -8.11 -26.39 13.08
C SER A 618 -7.54 -27.34 14.15
N ASP A 619 -8.05 -28.56 14.19
CA ASP A 619 -7.62 -29.65 15.10
C ASP A 619 -7.54 -29.27 16.58
N GLN A 623 -1.28 -29.86 14.68
CA GLN A 623 0.08 -29.44 14.34
C GLN A 623 0.40 -29.79 12.90
N THR A 624 -0.60 -29.71 12.03
CA THR A 624 -0.45 -30.13 10.65
C THR A 624 -0.57 -28.95 9.68
N ILE A 625 -0.91 -27.76 10.19
CA ILE A 625 -0.96 -26.57 9.34
C ILE A 625 0.44 -26.06 9.01
N HIS A 626 1.45 -26.43 9.81
CA HIS A 626 2.82 -25.95 9.59
C HIS A 626 3.42 -26.40 8.26
N PRO A 627 3.30 -27.67 7.81
CA PRO A 627 3.77 -27.98 6.44
C PRO A 627 3.04 -27.24 5.33
N ILE A 628 1.74 -26.96 5.49
CA ILE A 628 0.99 -26.24 4.44
C ILE A 628 1.48 -24.81 4.34
N VAL A 629 1.63 -24.15 5.50
CA VAL A 629 2.08 -22.76 5.51
C VAL A 629 3.54 -22.67 5.06
N SER A 630 4.37 -23.66 5.43
CA SER A 630 5.75 -23.71 4.92
C SER A 630 5.79 -24.01 3.43
N SER A 631 4.79 -24.72 2.90
CA SER A 631 4.72 -24.97 1.47
C SER A 631 4.30 -23.73 0.70
N LEU A 632 3.61 -22.79 1.37
CA LEU A 632 3.28 -21.53 0.71
C LEU A 632 4.53 -20.69 0.43
N ILE A 633 5.56 -20.83 1.26
CA ILE A 633 6.77 -20.01 1.16
C ILE A 633 7.77 -20.55 0.15
N HIS A 634 7.75 -21.86 -0.14
CA HIS A 634 8.85 -22.61 -0.73
C HIS A 634 9.23 -22.11 -2.12
N GLY A 635 10.51 -22.26 -2.45
CA GLY A 635 11.06 -21.74 -3.68
C GLY A 635 10.88 -22.65 -4.88
N GLU A 636 10.70 -23.94 -4.64
CA GLU A 636 10.45 -24.87 -5.74
C GLU A 636 9.05 -24.63 -6.30
N ASP A 637 8.94 -24.70 -7.63
CA ASP A 637 7.71 -24.29 -8.30
C ASP A 637 6.55 -25.24 -8.01
N ALA A 638 6.82 -26.55 -8.02
CA ALA A 638 5.77 -27.55 -7.85
C ALA A 638 5.17 -27.49 -6.45
N ILE A 639 6.03 -27.39 -5.43
CA ILE A 639 5.56 -27.38 -4.04
C ILE A 639 4.82 -26.08 -3.73
N ARG A 640 5.31 -24.94 -4.22
CA ARG A 640 4.67 -23.66 -3.96
C ARG A 640 3.32 -23.56 -4.67
N GLU A 641 3.25 -24.00 -5.93
CA GLU A 641 1.99 -23.99 -6.66
C GLU A 641 0.97 -24.95 -6.04
N ALA A 642 1.42 -26.13 -5.61
CA ALA A 642 0.51 -27.08 -4.98
C ALA A 642 0.01 -26.57 -3.63
N GLY A 643 0.88 -25.93 -2.85
CA GLY A 643 0.45 -25.33 -1.60
C GLY A 643 -0.51 -24.17 -1.74
N PHE A 644 -0.31 -23.32 -2.74
CA PHE A 644 -1.24 -22.21 -2.99
C PHE A 644 -2.59 -22.70 -3.49
N GLN A 645 -2.60 -23.73 -4.36
CA GLN A 645 -3.86 -24.41 -4.65
C GLN A 645 -4.55 -25.04 -3.46
N LEU A 646 -3.81 -25.69 -2.56
CA LEU A 646 -4.45 -26.27 -1.39
C LEU A 646 -5.03 -25.18 -0.48
N LEU A 647 -4.31 -24.07 -0.31
CA LEU A 647 -4.82 -22.95 0.47
C LEU A 647 -6.06 -22.31 -0.15
N LYS A 648 -6.10 -22.24 -1.49
CA LYS A 648 -7.31 -21.77 -2.16
C LYS A 648 -8.46 -22.74 -1.99
N ALA A 649 -8.15 -24.05 -1.97
CA ALA A 649 -9.22 -25.06 -1.88
C ALA A 649 -9.81 -25.16 -0.48
N ILE A 650 -9.03 -24.85 0.56
CA ILE A 650 -9.53 -24.97 1.92
C ILE A 650 -10.59 -23.92 2.22
N THR A 651 -10.30 -22.65 1.94
CA THR A 651 -11.23 -21.57 2.27
C THR A 651 -12.19 -21.21 1.15
N SER A 652 -11.98 -21.73 -0.06
CA SER A 652 -12.79 -21.50 -1.26
C SER A 652 -12.86 -20.04 -1.68
N GLU A 653 -11.93 -19.21 -1.22
CA GLU A 653 -11.78 -17.83 -1.69
C GLU A 653 -10.79 -17.85 -2.84
N SER A 654 -11.30 -17.80 -4.07
CA SER A 654 -10.46 -18.03 -5.25
C SER A 654 -9.60 -16.83 -5.61
N GLN A 655 -8.70 -16.45 -4.71
CA GLN A 655 -7.70 -15.39 -4.86
C GLN A 655 -6.73 -15.55 -3.70
N PRO A 656 -5.44 -15.27 -3.87
CA PRO A 656 -4.49 -15.52 -2.77
C PRO A 656 -4.65 -14.59 -1.58
N SER A 657 -4.82 -13.29 -1.84
CA SER A 657 -4.98 -12.32 -0.75
C SER A 657 -6.31 -12.54 -0.01
N ASP A 658 -7.37 -12.87 -0.75
CA ASP A 658 -8.64 -13.20 -0.12
C ASP A 658 -8.56 -14.50 0.67
N ALA A 659 -7.76 -15.46 0.18
CA ALA A 659 -7.55 -16.70 0.93
C ALA A 659 -6.84 -16.44 2.25
N VAL A 660 -5.79 -15.63 2.22
CA VAL A 660 -5.04 -15.30 3.45
C VAL A 660 -5.91 -14.48 4.40
N GLY A 661 -6.74 -13.59 3.86
CA GLY A 661 -7.68 -12.84 4.69
C GLY A 661 -8.71 -13.73 5.37
N ARG A 662 -9.25 -14.71 4.65
CA ARG A 662 -10.21 -15.64 5.25
C ARG A 662 -9.54 -16.55 6.28
N MET A 663 -8.30 -16.97 6.01
CA MET A 663 -7.57 -17.76 7.01
C MET A 663 -7.29 -16.97 8.28
N LEU A 664 -6.99 -15.66 8.13
CA LEU A 664 -6.84 -14.82 9.31
C LEU A 664 -8.16 -14.58 10.02
N GLU A 665 -9.27 -14.62 9.27
CA GLU A 665 -10.59 -14.49 9.89
C GLU A 665 -10.94 -15.70 10.74
N VAL A 666 -10.75 -16.90 10.20
CA VAL A 666 -11.14 -18.11 10.94
C VAL A 666 -10.07 -18.51 11.96
N TYR A 667 -8.88 -18.84 11.48
CA TYR A 667 -7.79 -19.32 12.33
C TYR A 667 -6.80 -18.17 12.55
N PHE A 668 -6.99 -17.41 13.61
CA PHE A 668 -6.15 -16.25 13.85
C PHE A 668 -4.78 -16.66 14.37
N THR A 669 -4.73 -17.32 15.52
CA THR A 669 -3.45 -17.63 16.16
C THR A 669 -2.69 -18.81 15.53
N PRO A 670 -3.33 -19.95 15.11
CA PRO A 670 -2.54 -20.96 14.36
C PRO A 670 -1.88 -20.46 13.09
N PHE A 671 -2.56 -19.64 12.28
CA PHE A 671 -1.96 -19.16 11.04
C PHE A 671 -0.87 -18.13 11.30
N LEU A 672 -1.10 -17.22 12.24
CA LEU A 672 -0.09 -16.21 12.56
C LEU A 672 1.10 -16.80 13.31
N ASN A 673 0.96 -18.00 13.88
CA ASN A 673 2.14 -18.67 14.42
C ASN A 673 2.86 -19.52 13.37
N ALA A 674 2.10 -20.16 12.47
CA ALA A 674 2.69 -20.99 11.43
C ALA A 674 3.47 -20.16 10.43
N PHE A 675 2.96 -18.97 10.07
CA PHE A 675 3.68 -18.10 9.15
C PHE A 675 4.98 -17.61 9.75
N SER A 676 4.94 -17.21 11.03
CA SER A 676 6.11 -16.71 11.72
C SER A 676 7.19 -17.78 11.85
N GLN A 677 6.78 -19.01 12.19
CA GLN A 677 7.76 -20.10 12.31
C GLN A 677 8.34 -20.47 10.93
N ALA A 678 7.48 -20.56 9.91
CA ALA A 678 7.93 -20.97 8.58
C ALA A 678 8.86 -19.95 7.95
N VAL A 679 8.65 -18.66 8.21
CA VAL A 679 9.55 -17.65 7.66
C VAL A 679 10.82 -17.55 8.50
N ASP A 680 10.69 -17.64 9.84
CA ASP A 680 11.82 -17.46 10.74
C ASP A 680 12.82 -18.61 10.60
N LYS A 681 12.35 -19.80 10.21
CA LYS A 681 13.25 -20.94 10.04
C LYS A 681 14.24 -20.76 8.89
N LEU A 682 14.02 -19.81 7.99
CA LEU A 682 14.81 -19.67 6.78
C LEU A 682 15.62 -18.38 6.73
N THR A 683 15.29 -17.38 7.54
CA THR A 683 16.03 -16.11 7.54
C THR A 683 16.86 -15.96 8.81
N ALA A 684 17.53 -17.03 9.24
CA ALA A 684 18.32 -17.00 10.46
C ALA A 684 19.82 -17.04 10.23
N THR A 685 20.29 -17.41 9.04
CA THR A 685 21.72 -17.52 8.75
C THR A 685 22.03 -16.81 7.44
N LYS A 686 23.14 -16.06 7.45
CA LYS A 686 23.60 -15.32 6.26
C LYS A 686 24.97 -15.89 5.89
N ASP A 687 25.02 -16.76 4.89
CA ASP A 687 26.28 -17.35 4.44
C ASP A 687 26.25 -17.42 2.92
N ALA A 688 27.21 -18.15 2.34
CA ALA A 688 27.20 -18.39 0.90
C ALA A 688 26.29 -19.55 0.51
N ASN A 689 25.81 -20.33 1.46
CA ASN A 689 24.88 -21.42 1.21
C ASN A 689 23.45 -21.07 1.55
N SER A 690 23.16 -19.79 1.77
CA SER A 690 21.79 -19.37 2.08
C SER A 690 20.91 -19.52 0.85
N PRO A 691 19.66 -19.94 1.02
CA PRO A 691 18.78 -20.14 -0.14
C PRO A 691 18.35 -18.81 -0.76
N TRP A 692 18.16 -18.84 -2.07
CA TRP A 692 17.81 -17.65 -2.84
C TRP A 692 16.40 -17.68 -3.42
N SER A 693 15.94 -18.84 -3.90
CA SER A 693 14.63 -18.91 -4.54
C SER A 693 13.47 -18.79 -3.56
N HIS A 694 13.74 -18.85 -2.26
CA HIS A 694 12.73 -18.68 -1.23
C HIS A 694 12.42 -17.22 -0.93
N MET A 695 13.25 -16.28 -1.38
CA MET A 695 13.11 -14.89 -0.95
C MET A 695 12.19 -14.08 -1.85
N ILE A 696 12.01 -14.50 -3.10
CA ILE A 696 10.98 -13.90 -3.95
C ILE A 696 9.55 -14.11 -3.42
N PRO A 697 9.11 -15.32 -3.06
CA PRO A 697 7.73 -15.42 -2.55
C PRO A 697 7.57 -15.26 -1.04
N ILE A 698 8.57 -14.74 -0.32
CA ILE A 698 8.34 -14.32 1.05
C ILE A 698 7.66 -12.94 1.07
N LEU A 699 8.12 -12.03 0.20
CA LEU A 699 7.57 -10.69 0.14
C LEU A 699 6.11 -10.69 -0.31
N LYS A 700 5.76 -11.56 -1.26
CA LYS A 700 4.38 -11.65 -1.74
C LYS A 700 3.44 -12.12 -0.64
N CYS A 701 3.86 -13.12 0.15
CA CYS A 701 3.01 -13.61 1.23
C CYS A 701 2.91 -12.59 2.36
N SER A 702 3.99 -11.85 2.62
CA SER A 702 3.94 -10.78 3.61
C SER A 702 2.98 -9.67 3.19
N ASP A 703 2.99 -9.33 1.89
CA ASP A 703 2.03 -8.37 1.35
C ASP A 703 0.61 -8.88 1.45
N PHE A 704 0.40 -10.18 1.21
CA PHE A 704 -0.92 -10.78 1.31
C PHE A 704 -1.47 -10.69 2.73
N VAL A 705 -0.62 -10.98 3.73
CA VAL A 705 -1.04 -10.87 5.13
C VAL A 705 -1.33 -9.41 5.49
N LEU A 706 -0.50 -8.48 4.98
CA LEU A 706 -0.67 -7.07 5.36
C LEU A 706 -1.95 -6.46 4.77
N THR A 707 -2.25 -6.75 3.50
CA THR A 707 -3.52 -6.25 2.96
C THR A 707 -4.72 -7.13 3.33
N GLY A 708 -4.50 -8.29 3.93
CA GLY A 708 -5.62 -8.95 4.57
C GLY A 708 -5.82 -8.57 6.02
N LEU A 709 -4.90 -7.80 6.59
CA LEU A 709 -4.93 -7.50 8.02
C LEU A 709 -5.13 -6.02 8.37
N CYS A 710 -4.85 -5.10 7.45
CA CYS A 710 -4.88 -3.67 7.77
C CYS A 710 -5.71 -2.84 6.79
N ASP A 711 -6.43 -3.51 5.89
CA ASP A 711 -7.32 -2.78 4.94
C ASP A 711 -8.29 -2.00 5.80
N PRO A 712 -8.77 -0.81 5.40
CA PRO A 712 -9.57 0.01 6.27
C PRO A 712 -11.07 -0.31 6.11
N SER A 713 -11.40 -1.50 5.64
CA SER A 713 -12.80 -1.92 5.51
C SER A 713 -12.84 -3.42 5.75
N SER A 714 -11.86 -4.19 5.20
CA SER A 714 -11.79 -5.63 5.45
C SER A 714 -10.66 -6.00 6.39
N GLY A 715 -10.15 -5.07 7.18
CA GLY A 715 -9.07 -5.38 8.09
C GLY A 715 -9.60 -6.06 9.34
N GLN A 716 -8.91 -7.11 9.77
CA GLN A 716 -9.31 -7.82 10.98
C GLN A 716 -8.97 -7.03 12.24
N LEU A 717 -8.05 -6.07 12.16
CA LEU A 717 -7.67 -5.28 13.30
C LEU A 717 -8.61 -4.10 13.55
N ARG A 718 -9.51 -3.81 12.61
CA ARG A 718 -10.48 -2.74 12.74
C ARG A 718 -11.85 -3.23 13.18
N ARG A 719 -11.97 -4.48 13.57
CA ARG A 719 -13.26 -5.10 13.79
C ARG A 719 -13.42 -5.69 15.18
N LYS A 720 -12.36 -6.25 15.76
CA LYS A 720 -12.47 -6.99 17.00
C LYS A 720 -11.40 -6.56 17.99
N VAL A 721 -11.69 -6.79 19.27
CA VAL A 721 -10.71 -6.60 20.33
C VAL A 721 -9.83 -7.85 20.42
N LEU A 722 -8.65 -7.70 21.01
CA LEU A 722 -7.66 -8.76 21.02
C LEU A 722 -7.46 -9.29 22.44
N THR A 723 -7.41 -10.61 22.57
CA THR A 723 -7.17 -11.26 23.85
C THR A 723 -5.66 -11.43 24.05
N THR A 724 -5.28 -12.27 25.02
CA THR A 724 -3.86 -12.44 25.37
C THR A 724 -3.08 -13.13 24.25
N GLU A 725 -3.67 -14.15 23.62
CA GLU A 725 -2.93 -14.93 22.62
C GLU A 725 -2.81 -14.17 21.30
N GLU A 726 -3.87 -13.45 20.91
CA GLU A 726 -3.89 -12.78 19.61
C GLU A 726 -2.93 -11.60 19.58
N HIS A 727 -2.76 -10.93 20.72
CA HIS A 727 -1.77 -9.86 20.87
C HIS A 727 -0.37 -10.38 20.61
N ALA A 728 -0.04 -11.55 21.20
CA ALA A 728 1.28 -12.15 21.02
C ALA A 728 1.49 -12.63 19.59
N ALA A 729 0.43 -13.16 18.96
CA ALA A 729 0.53 -13.61 17.57
C ALA A 729 0.82 -12.44 16.62
N VAL A 730 0.11 -11.32 16.80
CA VAL A 730 0.31 -10.15 15.95
C VAL A 730 1.69 -9.55 16.16
N LYS A 731 2.14 -9.49 17.42
CA LYS A 731 3.47 -8.97 17.74
C LYS A 731 4.58 -9.82 17.12
N ARG A 732 4.43 -11.15 17.20
CA ARG A 732 5.41 -12.07 16.63
C ARG A 732 5.46 -11.95 15.11
N TRP A 733 4.32 -11.77 14.45
CA TRP A 733 4.30 -11.58 13.01
C TRP A 733 5.00 -10.28 12.61
N TRP A 734 4.81 -9.21 13.40
CA TRP A 734 5.47 -7.93 13.15
C TRP A 734 6.99 -8.05 13.19
N GLU A 735 7.52 -8.68 14.24
CA GLU A 735 8.97 -8.86 14.34
C GLU A 735 9.51 -9.77 13.24
N CYS A 736 8.75 -10.82 12.89
CA CYS A 736 9.18 -11.74 11.85
C CYS A 736 9.29 -11.07 10.49
N VAL A 737 8.29 -10.24 10.13
CA VAL A 737 8.30 -9.66 8.79
C VAL A 737 9.38 -8.58 8.67
N TRP A 738 9.65 -7.83 9.75
CA TRP A 738 10.72 -6.85 9.65
C TRP A 738 12.10 -7.52 9.63
N GLN A 739 12.25 -8.64 10.32
CA GLN A 739 13.50 -9.41 10.23
C GLN A 739 13.72 -9.97 8.83
N ALA A 740 12.64 -10.41 8.17
CA ALA A 740 12.75 -10.91 6.80
C ALA A 740 13.16 -9.80 5.83
N VAL A 741 12.63 -8.59 6.01
CA VAL A 741 13.02 -7.46 5.16
C VAL A 741 14.50 -7.12 5.37
N ASP A 742 14.95 -7.14 6.63
CA ASP A 742 16.37 -6.86 6.93
C ASP A 742 17.30 -7.90 6.31
N HIS A 743 16.92 -9.18 6.40
CA HIS A 743 17.74 -10.25 5.79
C HIS A 743 17.78 -10.10 4.27
N SER A 744 16.65 -9.71 3.66
CA SER A 744 16.61 -9.54 2.21
C SER A 744 17.51 -8.39 1.75
N PHE A 745 17.55 -7.29 2.53
CA PHE A 745 18.42 -6.19 2.14
C PHE A 745 19.90 -6.49 2.41
N ARG A 746 20.22 -7.27 3.44
CA ARG A 746 21.59 -7.33 3.93
C ARG A 746 22.52 -8.11 3.00
N MET A 747 22.08 -9.26 2.51
CA MET A 747 22.96 -10.22 1.84
C MET A 747 23.01 -10.04 0.31
N MET A 748 22.78 -8.82 -0.19
CA MET A 748 22.80 -8.53 -1.62
C MET A 748 24.18 -8.74 -2.24
N ARG A 749 25.24 -8.38 -1.51
CA ARG A 749 26.60 -8.48 -2.04
C ARG A 749 27.02 -9.93 -2.22
N ILE A 750 26.65 -10.81 -1.29
CA ILE A 750 26.98 -12.23 -1.41
C ILE A 750 26.12 -12.93 -2.45
N TRP A 751 25.01 -12.30 -2.86
CA TRP A 751 24.13 -12.86 -3.88
C TRP A 751 24.46 -12.38 -5.28
N HIS A 752 25.12 -11.23 -5.42
CA HIS A 752 25.33 -10.61 -6.72
C HIS A 752 26.41 -11.30 -7.57
N ILE A 753 26.99 -12.40 -7.10
CA ILE A 753 28.04 -13.11 -7.84
C ILE A 753 27.51 -14.30 -8.61
N LYS A 754 26.21 -14.60 -8.52
CA LYS A 754 25.68 -15.80 -9.16
C LYS A 754 24.35 -15.59 -9.86
N ILE A 755 23.89 -14.35 -10.03
CA ILE A 755 22.61 -14.07 -10.68
C ILE A 755 22.79 -12.89 -11.63
N ASP A 756 21.80 -12.73 -12.51
CA ASP A 756 21.83 -11.67 -13.50
C ASP A 756 21.55 -10.31 -12.86
N LYS A 757 21.78 -9.25 -13.63
CA LYS A 757 21.65 -7.89 -13.10
C LYS A 757 20.20 -7.46 -12.98
N LYS A 758 19.34 -7.91 -13.89
CA LYS A 758 17.96 -7.46 -13.91
C LYS A 758 17.16 -8.04 -12.76
N VAL A 759 17.41 -9.30 -12.40
CA VAL A 759 16.70 -9.93 -11.30
C VAL A 759 17.09 -9.29 -9.96
N MET A 760 18.35 -8.86 -9.82
CA MET A 760 18.77 -8.21 -8.59
C MET A 760 18.23 -6.79 -8.49
N GLU A 761 18.18 -6.07 -9.63
CA GLU A 761 17.61 -4.72 -9.63
C GLU A 761 16.12 -4.75 -9.31
N ASP A 762 15.37 -5.65 -9.96
CA ASP A 762 13.94 -5.76 -9.68
C ASP A 762 13.69 -6.28 -8.27
N PHE A 763 14.58 -7.13 -7.74
CA PHE A 763 14.45 -7.59 -6.36
C PHE A 763 14.64 -6.45 -5.37
N CYS A 764 15.62 -5.58 -5.62
CA CYS A 764 15.85 -4.46 -4.71
C CYS A 764 14.69 -3.46 -4.75
N ARG A 765 14.12 -3.24 -5.94
CA ARG A 765 12.95 -2.38 -6.06
C ARG A 765 11.74 -2.97 -5.33
N ASP A 766 11.53 -4.28 -5.44
CA ASP A 766 10.41 -4.93 -4.75
C ASP A 766 10.57 -4.89 -3.23
N VAL A 767 11.79 -5.07 -2.74
CA VAL A 767 12.03 -5.03 -1.30
C VAL A 767 11.83 -3.61 -0.76
N MET A 768 12.23 -2.60 -1.53
CA MET A 768 12.00 -1.20 -1.16
C MET A 768 10.51 -0.89 -1.08
N GLU A 769 9.73 -1.35 -2.06
CA GLU A 769 8.29 -1.08 -2.04
C GLU A 769 7.59 -1.82 -0.90
N LEU A 770 8.04 -3.04 -0.59
CA LEU A 770 7.48 -3.77 0.56
C LEU A 770 7.79 -3.07 1.87
N GLY A 771 8.99 -2.51 2.00
CA GLY A 771 9.32 -1.75 3.20
C GLY A 771 8.48 -0.49 3.35
N ASN A 772 8.20 0.18 2.23
CA ASN A 772 7.32 1.36 2.26
C ASN A 772 5.90 0.99 2.70
N LYS A 773 5.35 -0.08 2.12
CA LYS A 773 3.99 -0.52 2.48
C LYS A 773 3.93 -1.02 3.92
N LEU A 774 5.03 -1.58 4.42
CA LEU A 774 5.06 -2.06 5.80
C LEU A 774 5.13 -0.90 6.78
N LEU A 775 5.89 0.15 6.46
CA LEU A 775 6.00 1.27 7.38
C LEU A 775 4.80 2.21 7.31
N ALA A 776 3.98 2.12 6.25
CA ALA A 776 2.83 3.02 6.15
C ALA A 776 1.71 2.76 7.15
N GLN A 777 1.73 1.65 7.91
CA GLN A 777 0.60 1.20 8.71
C GLN A 777 0.97 0.95 10.17
N ASP A 778 1.65 1.91 10.81
CA ASP A 778 2.04 1.73 12.20
C ASP A 778 1.02 2.26 13.21
N GLY A 779 0.21 3.25 12.82
CA GLY A 779 -0.82 3.75 13.72
C GLY A 779 -1.92 2.74 13.98
N VAL A 780 -2.22 1.89 12.99
CA VAL A 780 -3.19 0.82 13.15
C VAL A 780 -2.71 -0.18 14.21
N MET A 781 -1.42 -0.56 14.15
CA MET A 781 -0.84 -1.43 15.16
C MET A 781 -0.84 -0.80 16.55
N ALA A 782 -0.52 0.50 16.62
CA ALA A 782 -0.47 1.16 17.92
C ALA A 782 -1.85 1.27 18.56
N SER A 783 -2.88 1.59 17.79
CA SER A 783 -4.21 1.71 18.36
C SER A 783 -5.01 0.42 18.30
N SER A 784 -4.42 -0.68 17.84
CA SER A 784 -5.02 -2.00 17.98
C SER A 784 -4.38 -2.86 19.06
N LEU A 785 -3.08 -2.68 19.33
CA LEU A 785 -2.38 -3.53 20.29
C LEU A 785 -2.31 -2.90 21.68
N ALA A 786 -3.30 -2.10 22.04
CA ALA A 786 -3.33 -1.46 23.36
C ALA A 786 -4.54 -1.94 24.15
N GLU A 791 -5.31 6.92 26.39
CA GLU A 791 -4.28 7.77 25.79
C GLU A 791 -2.92 7.46 26.39
N ASP A 792 -2.93 6.71 27.50
CA ASP A 792 -1.69 6.29 28.14
C ASP A 792 -1.14 5.00 27.54
N ALA A 793 -2.01 4.04 27.23
CA ALA A 793 -1.57 2.79 26.63
C ALA A 793 -1.31 2.91 25.14
N ILE A 794 -1.72 4.01 24.52
CA ILE A 794 -1.45 4.25 23.10
C ILE A 794 0.05 4.37 22.86
N SER A 795 0.73 5.14 23.73
CA SER A 795 2.18 5.29 23.62
C SER A 795 2.91 4.00 23.99
N LYS A 796 2.36 3.24 24.94
CA LYS A 796 2.94 1.95 25.30
C LYS A 796 2.87 0.96 24.15
N ALA A 797 1.77 0.95 23.41
CA ALA A 797 1.66 0.05 22.26
C ALA A 797 2.47 0.56 21.08
N MET A 798 2.56 1.89 20.89
CA MET A 798 3.36 2.45 19.80
C MET A 798 4.86 2.21 20.01
N ARG A 799 5.31 2.21 21.28
CA ARG A 799 6.73 1.98 21.56
C ARG A 799 7.18 0.56 21.24
N GLU A 800 6.25 -0.39 21.17
CA GLU A 800 6.59 -1.76 20.81
C GLU A 800 6.39 -2.05 19.32
N VAL A 801 5.89 -1.09 18.56
CA VAL A 801 5.75 -1.27 17.12
C VAL A 801 7.01 -0.83 16.38
N LEU A 802 7.68 0.22 16.87
CA LEU A 802 8.82 0.82 16.18
C LEU A 802 10.16 0.19 16.55
N ASP A 803 10.16 -0.85 17.37
CA ASP A 803 11.40 -1.55 17.68
C ASP A 803 11.88 -2.50 16.56
N PRO A 804 11.03 -3.26 15.86
CA PRO A 804 11.52 -3.99 14.67
C PRO A 804 11.99 -3.11 13.52
N PRO A 805 11.40 -1.94 13.21
CA PRO A 805 12.02 -1.11 12.15
C PRO A 805 13.37 -0.52 12.51
N ARG A 806 13.72 -0.43 13.79
CA ARG A 806 15.02 0.09 14.17
C ARG A 806 16.14 -0.89 13.83
N LYS A 807 15.85 -2.19 13.87
CA LYS A 807 16.85 -3.19 13.48
C LYS A 807 17.17 -3.11 11.99
N CYS A 808 16.15 -2.91 11.15
CA CYS A 808 16.34 -2.72 9.72
C CYS A 808 16.54 -1.24 9.42
N SER A 809 17.67 -0.70 9.85
CA SER A 809 18.03 0.68 9.57
C SER A 809 19.38 0.81 8.89
N TYR A 810 20.38 0.02 9.28
CA TYR A 810 21.67 0.05 8.63
C TYR A 810 21.59 -0.51 7.21
N SER A 811 20.69 -1.46 6.99
CA SER A 811 20.51 -2.00 5.65
C SER A 811 19.88 -0.97 4.72
N LEU A 812 19.02 -0.11 5.26
CA LEU A 812 18.41 0.94 4.46
C LEU A 812 19.43 2.00 4.06
N ALA A 813 20.29 2.40 4.99
CA ALA A 813 21.29 3.43 4.69
C ALA A 813 22.56 2.82 4.09
N ASP A 814 22.38 1.95 3.10
CA ASP A 814 23.48 1.40 2.31
C ASP A 814 23.12 1.29 0.84
N MET A 815 21.84 1.43 0.49
CA MET A 815 21.37 1.32 -0.88
C MET A 815 21.20 2.69 -1.55
N LEU A 816 21.67 3.75 -0.91
CA LEU A 816 21.70 5.07 -1.52
C LEU A 816 22.94 5.29 -2.38
N GLN A 817 23.88 4.34 -2.37
CA GLN A 817 25.12 4.45 -3.12
C GLN A 817 25.02 3.90 -4.54
N LEU A 818 23.89 3.31 -4.91
CA LEU A 818 23.76 2.68 -6.21
C LEU A 818 23.59 3.73 -7.31
N ARG A 819 23.61 3.25 -8.56
CA ARG A 819 23.46 4.12 -9.72
C ARG A 819 22.03 4.14 -10.24
N ASP A 820 21.07 3.73 -9.42
CA ASP A 820 19.66 3.74 -9.79
C ASP A 820 19.02 5.05 -9.35
N LYS A 821 18.07 5.53 -10.17
CA LYS A 821 17.39 6.79 -9.87
C LYS A 821 16.03 6.60 -9.23
N TYR A 822 15.46 5.39 -9.32
CA TYR A 822 14.15 5.14 -8.73
C TYR A 822 14.26 4.65 -7.30
N LEU A 823 15.31 3.89 -6.98
CA LEU A 823 15.43 3.31 -5.65
C LEU A 823 15.77 4.35 -4.59
N VAL A 824 16.55 5.37 -4.99
CA VAL A 824 17.01 6.37 -4.04
C VAL A 824 15.84 7.18 -3.49
N MET A 825 14.82 7.43 -4.34
CA MET A 825 13.60 8.10 -3.90
C MET A 825 12.91 7.35 -2.78
N GLY A 826 12.68 6.05 -2.97
CA GLY A 826 11.99 5.25 -1.97
C GLY A 826 12.78 5.06 -0.69
N ILE A 827 14.10 4.88 -0.81
CA ILE A 827 14.94 4.74 0.38
C ILE A 827 14.97 6.04 1.18
N ILE A 828 15.03 7.19 0.48
CA ILE A 828 15.00 8.49 1.15
C ILE A 828 13.67 8.69 1.87
N GLU A 829 12.56 8.31 1.23
CA GLU A 829 11.24 8.46 1.84
C GLU A 829 11.08 7.58 3.08
N THR A 830 11.57 6.33 3.01
CA THR A 830 11.49 5.42 4.14
C THR A 830 12.35 5.89 5.31
N ILE A 831 13.57 6.36 5.01
CA ILE A 831 14.48 6.87 6.04
C ILE A 831 13.90 8.10 6.72
N LYS A 832 13.31 9.02 5.93
CA LYS A 832 12.71 10.22 6.50
C LYS A 832 11.51 9.90 7.38
N LYS A 833 10.63 9.00 6.91
CA LYS A 833 9.44 8.64 7.69
C LYS A 833 9.83 7.92 8.98
N LEU A 834 10.78 6.99 8.90
CA LEU A 834 11.22 6.26 10.08
C LEU A 834 11.89 7.18 11.09
N LEU A 835 12.74 8.10 10.63
CA LEU A 835 13.43 9.02 11.54
C LEU A 835 12.46 9.99 12.19
N SER A 836 11.47 10.49 11.43
CA SER A 836 10.46 11.37 12.00
C SER A 836 9.61 10.67 13.04
N ARG A 837 9.20 9.42 12.76
CA ARG A 837 8.38 8.68 13.71
C ARG A 837 9.19 8.28 14.94
N LEU A 838 10.48 8.00 14.77
CA LEU A 838 11.34 7.68 15.91
C LEU A 838 11.58 8.89 16.80
N GLN A 839 11.78 10.07 16.20
CA GLN A 839 11.99 11.27 17.00
C GLN A 839 10.68 11.78 17.59
N GLU A 840 9.54 11.40 17.01
CA GLU A 840 8.25 11.79 17.58
C GLU A 840 8.01 11.10 18.92
N ASN A 841 8.07 9.77 18.93
CA ASN A 841 7.70 9.00 20.14
C ASN A 841 8.86 8.90 21.14
N GLU A 842 9.91 9.71 20.98
CA GLU A 842 10.98 9.80 22.00
C GLU A 842 11.83 8.54 22.07
N MET A 843 12.69 8.33 21.09
CA MET A 843 13.63 7.17 21.16
C MET A 843 14.94 7.55 20.45
N ASN A 844 15.69 6.59 19.90
CA ASN A 844 16.92 6.82 19.17
C ASN A 844 17.08 5.77 18.08
N LEU A 845 17.89 6.14 17.06
CA LEU A 845 18.43 5.40 15.92
C LEU A 845 19.67 4.62 16.37
N PRO A 846 19.96 3.47 15.73
CA PRO A 846 21.22 2.77 16.02
C PRO A 846 22.43 3.60 15.62
N GLN A 847 23.52 3.40 16.37
CA GLN A 847 24.71 4.23 16.19
C GLN A 847 25.44 3.89 14.90
N ARG A 848 25.35 2.64 14.44
CA ARG A 848 26.02 2.26 13.21
C ARG A 848 25.35 2.88 11.99
N THR A 849 24.02 3.03 12.02
CA THR A 849 23.30 3.66 10.93
C THR A 849 23.60 5.16 10.86
N ARG A 850 23.63 5.83 12.02
CA ARG A 850 23.97 7.24 12.06
C ARG A 850 25.43 7.48 11.64
N GLY A 851 26.33 6.60 12.07
CA GLY A 851 27.73 6.72 11.67
C GLY A 851 27.94 6.45 10.18
N HIS A 852 27.17 5.52 9.61
CA HIS A 852 27.25 5.29 8.18
C HIS A 852 26.65 6.44 7.39
N LEU A 853 25.60 7.08 7.93
CA LEU A 853 25.02 8.23 7.26
C LEU A 853 25.90 9.47 7.42
N ASP A 854 26.59 9.59 8.55
CA ASP A 854 27.44 10.75 8.80
C ASP A 854 28.68 10.73 7.92
N SER A 855 29.24 9.55 7.68
CA SER A 855 30.43 9.37 6.85
C SER A 855 30.11 9.29 5.37
N MET A 856 28.95 9.79 4.95
CA MET A 856 28.48 9.64 3.59
C MET A 856 28.00 10.94 2.97
N LEU A 857 27.52 11.89 3.77
CA LEU A 857 26.95 13.13 3.27
C LEU A 857 27.69 14.36 3.79
N LYS A 858 28.89 14.18 4.35
CA LYS A 858 29.66 15.28 4.89
C LYS A 858 31.06 15.29 4.29
N LYS A 859 31.55 16.50 4.04
CA LYS A 859 32.87 16.67 3.42
C LYS A 859 33.97 16.42 4.44
N THR A 860 34.85 15.46 4.13
CA THR A 860 35.99 15.15 4.99
C THR A 860 37.09 14.48 4.19
N MET A 867 39.45 17.82 0.28
CA MET A 867 38.25 17.55 1.04
C MET A 867 37.22 16.82 0.18
N ASP A 868 36.99 15.55 0.49
CA ASP A 868 36.06 14.71 -0.26
C ASP A 868 35.08 14.02 0.67
N TYR A 869 34.33 13.07 0.12
CA TYR A 869 33.44 12.23 0.93
C TYR A 869 34.10 10.88 1.16
N LEU A 870 33.81 10.28 2.31
CA LEU A 870 34.38 8.97 2.63
C LEU A 870 33.78 7.86 1.79
N THR A 871 32.54 8.04 1.32
CA THR A 871 31.88 7.08 0.44
C THR A 871 31.33 7.85 -0.76
N LYS A 872 31.68 7.39 -1.96
CA LYS A 872 31.24 8.07 -3.17
C LYS A 872 29.76 7.79 -3.43
N THR A 873 28.96 8.85 -3.54
CA THR A 873 27.55 8.75 -3.81
C THR A 873 27.21 9.43 -5.12
N ASN A 874 26.00 9.18 -5.61
CA ASN A 874 25.46 9.88 -6.76
C ASN A 874 24.25 10.73 -6.38
N LEU A 875 24.22 11.20 -5.14
CA LEU A 875 23.09 11.99 -4.66
C LEU A 875 23.12 13.40 -5.25
N THR A 876 21.95 14.03 -5.31
CA THR A 876 21.83 15.39 -5.79
C THR A 876 22.03 16.37 -4.64
N ASP A 877 21.73 17.65 -4.87
CA ASP A 877 21.81 18.66 -3.84
C ASP A 877 20.49 18.88 -3.09
N VAL A 878 19.43 18.18 -3.47
CA VAL A 878 18.17 18.28 -2.74
C VAL A 878 18.08 17.20 -1.67
N GLN A 879 18.46 15.96 -2.02
CA GLN A 879 18.42 14.84 -1.09
C GLN A 879 19.43 15.03 0.04
N ARG A 880 20.59 15.60 -0.26
CA ARG A 880 21.62 15.85 0.74
C ARG A 880 21.13 16.85 1.79
N ILE A 881 20.49 17.93 1.33
CA ILE A 881 19.92 18.93 2.24
C ILE A 881 18.76 18.34 3.03
N GLU A 882 17.92 17.53 2.37
CA GLU A 882 16.75 16.95 3.04
C GLU A 882 17.16 16.01 4.17
N LEU A 883 18.14 15.13 3.91
CA LEU A 883 18.64 14.23 4.94
C LEU A 883 19.39 14.99 6.03
N LEU A 884 20.33 15.81 5.60
CA LEU A 884 21.22 16.47 6.58
C LEU A 884 20.35 17.34 7.50
N LYS A 885 19.07 17.46 7.18
CA LYS A 885 18.16 18.26 8.04
C LYS A 885 17.33 17.32 8.90
N ALA A 886 16.37 16.62 8.29
CA ALA A 886 15.60 15.63 9.07
C ALA A 886 16.52 14.90 10.03
N LEU A 887 17.82 14.80 9.73
CA LEU A 887 18.61 14.06 10.70
C LEU A 887 18.94 14.91 11.91
N GLY A 888 19.25 16.19 11.68
CA GLY A 888 19.61 17.10 12.77
C GLY A 888 20.85 17.91 12.48
N ARG A 932 13.45 24.54 2.72
CA ARG A 932 12.23 24.62 1.94
C ARG A 932 11.58 23.25 1.77
N LEU A 933 10.74 22.88 2.74
CA LEU A 933 10.10 21.58 2.77
C LEU A 933 8.63 21.74 3.15
N ILE A 934 7.93 20.62 3.26
CA ILE A 934 6.49 20.60 3.53
C ILE A 934 6.29 20.13 4.98
N PRO A 935 5.63 20.93 5.82
CA PRO A 935 5.47 20.56 7.24
C PRO A 935 4.25 19.69 7.44
N PRO A 936 4.07 19.09 8.63
CA PRO A 936 2.82 18.39 8.92
C PRO A 936 1.65 19.34 9.15
N MET A 937 0.45 18.84 8.86
CA MET A 937 -0.82 19.58 8.93
C MET A 937 -1.83 18.87 9.82
N ASP A 938 -1.44 18.45 11.03
CA ASP A 938 -2.32 17.63 11.86
C ASP A 938 -2.94 18.38 13.03
N VAL A 939 -2.48 19.59 13.34
CA VAL A 939 -3.14 20.39 14.37
C VAL A 939 -4.18 21.32 13.73
N LEU A 940 -3.94 21.69 12.47
CA LEU A 940 -4.91 22.46 11.69
C LEU A 940 -6.22 21.69 11.51
N HIS A 941 -6.12 20.38 11.31
CA HIS A 941 -7.31 19.56 11.10
C HIS A 941 -8.17 19.50 12.36
N GLN A 942 -7.54 19.33 13.53
CA GLN A 942 -8.33 19.31 14.76
C GLN A 942 -8.88 20.69 15.09
N ALA A 943 -8.11 21.75 14.81
CA ALA A 943 -8.57 23.11 15.07
C ALA A 943 -9.77 23.47 14.20
N ILE A 944 -9.84 22.95 12.98
CA ILE A 944 -11.01 23.23 12.15
C ILE A 944 -12.13 22.20 12.31
N LEU A 945 -11.86 21.02 12.88
CA LEU A 945 -12.91 20.02 12.99
C LEU A 945 -13.51 19.91 14.39
N GLU A 946 -13.00 20.66 15.37
CA GLU A 946 -13.65 20.72 16.66
C GLU A 946 -14.77 21.76 16.72
N TRP A 947 -15.26 22.24 15.57
CA TRP A 947 -16.17 23.37 15.49
C TRP A 947 -17.61 22.93 15.33
N ASP A 948 -18.51 23.80 15.78
CA ASP A 948 -19.93 23.72 15.50
C ASP A 948 -20.24 24.83 14.49
N ILE A 949 -20.74 24.45 13.31
CA ILE A 949 -20.88 25.42 12.22
C ILE A 949 -22.03 26.37 12.47
N PHE A 950 -22.98 25.98 13.29
CA PHE A 950 -24.18 26.77 13.51
C PHE A 950 -24.02 27.78 14.65
N HIS A 951 -22.79 28.14 14.96
CA HIS A 951 -22.51 29.22 15.91
C HIS A 951 -22.97 30.55 15.32
N GLU A 952 -23.58 31.37 16.17
CA GLU A 952 -24.21 32.62 15.73
C GLU A 952 -23.29 33.83 15.84
N GLY A 953 -22.06 33.66 16.33
CA GLY A 953 -21.16 34.78 16.49
C GLY A 953 -20.44 35.14 15.21
N ASN A 954 -19.57 36.15 15.33
CA ASN A 954 -18.69 36.56 14.24
C ASN A 954 -17.23 36.18 14.51
N ASP A 955 -16.98 35.41 15.56
CA ASP A 955 -15.67 34.95 15.96
C ASP A 955 -15.71 33.44 16.19
N PRO A 956 -14.59 32.74 16.06
CA PRO A 956 -14.57 31.29 16.34
C PRO A 956 -14.88 31.00 17.79
N PRO A 957 -15.54 29.88 18.08
CA PRO A 957 -15.83 29.52 19.48
C PRO A 957 -14.57 29.27 20.31
N ASN A 958 -13.49 28.79 19.71
CA ASN A 958 -12.24 28.67 20.44
C ASN A 958 -11.58 30.03 20.55
N GLY A 959 -10.46 30.09 21.27
CA GLY A 959 -9.83 31.38 21.49
C GLY A 959 -8.92 31.80 20.35
N TYR A 960 -9.46 32.62 19.45
CA TYR A 960 -8.69 33.12 18.30
C TYR A 960 -9.14 34.57 18.08
N ARG A 961 -8.34 35.52 18.56
CA ARG A 961 -8.61 36.93 18.40
C ARG A 961 -7.55 37.57 17.53
N CYS A 962 -7.92 38.64 16.84
CA CYS A 962 -7.06 39.27 15.86
C CYS A 962 -7.31 40.77 15.87
N GLY A 963 -6.88 41.45 14.81
CA GLY A 963 -6.93 42.88 14.73
C GLY A 963 -5.61 43.58 14.87
N ASN A 964 -4.50 42.86 14.86
CA ASN A 964 -3.16 43.42 15.02
C ASN A 964 -2.38 43.22 13.74
N VAL A 965 -2.07 44.31 13.04
CA VAL A 965 -1.16 44.31 11.89
C VAL A 965 -0.13 45.39 12.17
N SER A 966 1.06 44.99 12.61
CA SER A 966 2.08 45.95 13.04
C SER A 966 2.91 46.49 11.89
N ASP A 967 2.82 45.88 10.71
CA ASP A 967 3.44 46.27 9.43
C ASP A 967 4.96 46.13 9.40
N THR A 968 5.61 45.83 10.52
CA THR A 968 7.07 45.77 10.58
C THR A 968 7.50 44.60 11.48
N TYR A 969 6.97 43.40 11.20
CA TYR A 969 7.34 42.21 11.98
C TYR A 969 8.80 41.85 11.77
N PRO A 970 9.67 42.06 12.76
CA PRO A 970 11.11 41.83 12.52
C PRO A 970 11.58 40.42 12.84
N ASP A 971 10.80 39.39 12.48
CA ASP A 971 11.05 38.02 12.91
C ASP A 971 10.12 37.06 12.18
N PRO A 972 10.56 35.86 11.83
CA PRO A 972 9.63 34.88 11.24
C PRO A 972 8.70 34.23 12.25
N TYR A 973 9.14 34.01 13.48
CA TYR A 973 8.31 33.30 14.46
C TYR A 973 7.19 34.20 14.98
N SER A 974 7.48 35.48 15.21
CA SER A 974 6.43 36.42 15.58
C SER A 974 5.46 36.63 14.43
N TYR A 975 5.95 36.57 13.20
CA TYR A 975 5.10 36.58 12.01
C TYR A 975 4.17 35.37 11.99
N LYS A 976 4.69 34.21 12.36
CA LYS A 976 3.87 33.00 12.46
C LYS A 976 2.81 33.11 13.55
N GLN A 977 3.21 33.67 14.71
CA GLN A 977 2.28 33.84 15.82
C GLN A 977 1.18 34.86 15.50
N THR A 978 1.51 35.86 14.69
CA THR A 978 0.48 36.80 14.25
C THR A 978 -0.43 36.18 13.19
N PHE A 979 0.13 35.42 12.25
CA PHE A 979 -0.61 35.00 11.07
C PHE A 979 -1.24 33.62 11.17
N PHE A 980 -1.07 32.91 12.30
CA PHE A 980 -1.83 31.68 12.47
C PHE A 980 -3.29 31.93 12.89
N PRO A 981 -3.61 32.79 13.89
CA PRO A 981 -5.04 33.11 14.08
C PRO A 981 -5.64 33.91 12.95
N LEU A 982 -4.81 34.68 12.22
CA LEU A 982 -5.26 35.35 10.99
C LEU A 982 -5.63 34.36 9.90
N LEU A 983 -5.10 33.13 9.96
CA LEU A 983 -5.47 32.05 9.05
C LEU A 983 -6.70 31.30 9.54
N ILE A 984 -6.80 31.06 10.86
CA ILE A 984 -7.95 30.34 11.41
C ILE A 984 -9.23 31.17 11.26
N ASN A 985 -9.14 32.49 11.50
CA ASN A 985 -10.30 33.36 11.35
C ASN A 985 -10.75 33.44 9.90
N GLU A 986 -9.79 33.48 8.97
CA GLU A 986 -10.11 33.49 7.54
C GLU A 986 -10.78 32.18 7.14
N ALA A 987 -10.33 31.06 7.69
CA ALA A 987 -10.99 29.77 7.44
C ALA A 987 -12.40 29.75 8.00
N TRP A 988 -12.62 30.34 9.18
CA TRP A 988 -13.95 30.40 9.78
C TRP A 988 -14.92 31.23 8.95
N ARG A 989 -14.47 32.40 8.49
CA ARG A 989 -15.32 33.25 7.66
C ARG A 989 -15.59 32.61 6.30
N SER A 990 -14.59 31.90 5.75
CA SER A 990 -14.80 31.15 4.52
C SER A 990 -15.80 30.02 4.71
N PHE A 991 -15.75 29.35 5.88
CA PHE A 991 -16.67 28.25 6.17
C PHE A 991 -18.11 28.75 6.28
N VAL A 992 -18.32 29.86 6.99
CA VAL A 992 -19.67 30.39 7.16
C VAL A 992 -20.21 30.94 5.84
N THR A 993 -19.37 31.67 5.10
CA THR A 993 -19.77 32.21 3.80
C THR A 993 -20.05 31.10 2.80
N ALA A 994 -19.36 29.97 2.92
CA ALA A 994 -19.64 28.83 2.07
C ALA A 994 -20.84 28.04 2.56
N LYS A 995 -21.17 28.15 3.85
CA LYS A 995 -22.40 27.53 4.34
C LYS A 995 -23.62 28.28 3.84
N ASP A 996 -23.49 29.60 3.62
CA ASP A 996 -24.61 30.39 3.13
C ASP A 996 -25.01 30.03 1.71
N GLU A 997 -24.03 29.80 0.83
CA GLU A 997 -24.28 29.62 -0.61
C GLU A 997 -23.61 28.34 -1.11
N THR A 998 -23.87 27.23 -0.42
CA THR A 998 -23.15 25.98 -0.63
C THR A 998 -23.45 25.36 -2.00
N THR A 999 -24.73 25.26 -2.35
CA THR A 999 -25.23 24.70 -3.62
C THR A 999 -24.72 23.27 -3.83
N SER A 1000 -24.76 22.46 -2.78
CA SER A 1000 -24.39 21.05 -2.86
C SER A 1000 -25.47 20.20 -2.21
N LYS A 1001 -25.82 19.11 -2.86
CA LYS A 1001 -26.81 18.17 -2.35
C LYS A 1001 -26.17 17.24 -1.31
N PRO A 1002 -26.95 16.68 -0.39
CA PRO A 1002 -26.39 15.73 0.58
C PRO A 1002 -26.34 14.31 0.04
N PHE A 1003 -25.47 13.52 0.66
CA PHE A 1003 -25.37 12.09 0.38
C PHE A 1003 -25.24 11.34 1.70
N GLY A 1004 -25.64 10.07 1.68
CA GLY A 1004 -25.69 9.26 2.89
C GLY A 1004 -24.54 8.27 2.99
N ILE A 1005 -23.93 8.21 4.17
CA ILE A 1005 -22.79 7.33 4.41
C ILE A 1005 -23.15 6.32 5.51
N LYS A 1006 -22.46 5.18 5.46
CA LYS A 1006 -22.65 4.10 6.42
C LYS A 1006 -21.29 3.69 6.95
N VAL A 1007 -21.17 3.56 8.27
CA VAL A 1007 -19.88 3.29 8.89
C VAL A 1007 -19.45 1.86 8.60
N LEU A 1008 -18.23 1.68 8.09
CA LEU A 1008 -17.68 0.35 7.87
C LEU A 1008 -16.65 -0.06 8.91
N SER A 1009 -15.89 0.88 9.45
CA SER A 1009 -14.89 0.56 10.47
C SER A 1009 -14.62 1.81 11.29
N ARG A 1010 -15.03 1.79 12.55
CA ARG A 1010 -14.69 2.86 13.49
C ARG A 1010 -13.40 2.50 14.23
N MET A 1011 -12.45 3.43 14.26
CA MET A 1011 -11.17 3.20 14.92
C MET A 1011 -10.47 4.52 15.23
N THR A 1012 -9.95 4.66 16.45
CA THR A 1012 -9.23 5.86 16.85
C THR A 1012 -7.76 5.73 16.45
N VAL A 1013 -7.54 5.73 15.14
CA VAL A 1013 -6.20 5.62 14.57
C VAL A 1013 -5.69 7.02 14.23
N ASP A 1014 -4.45 7.30 14.67
CA ASP A 1014 -3.75 8.57 14.42
C ASP A 1014 -4.51 9.76 15.00
N LYS A 1015 -5.02 9.59 16.22
CA LYS A 1015 -5.65 10.59 17.09
C LYS A 1015 -6.99 11.11 16.61
N PHE A 1016 -7.48 10.68 15.44
CA PHE A 1016 -8.74 11.15 14.91
C PHE A 1016 -9.64 9.95 14.66
N MET A 1017 -10.95 10.14 14.86
CA MET A 1017 -11.92 9.06 14.73
C MET A 1017 -12.15 8.78 13.25
N GLU A 1018 -11.22 8.03 12.66
CA GLU A 1018 -11.20 7.81 11.21
C GLU A 1018 -12.27 6.78 10.83
N VAL A 1019 -13.36 7.27 10.29
CA VAL A 1019 -14.49 6.46 9.85
C VAL A 1019 -14.35 6.21 8.36
N THR A 1020 -14.66 4.99 7.92
CA THR A 1020 -14.57 4.67 6.50
C THR A 1020 -15.95 4.35 5.94
N ALA A 1021 -16.13 4.63 4.66
CA ALA A 1021 -17.37 4.32 3.97
C ALA A 1021 -17.07 4.01 2.51
N ALA A 1022 -18.03 3.37 1.86
CA ALA A 1022 -17.94 3.02 0.44
C ALA A 1022 -18.98 3.85 -0.31
N VAL A 1023 -18.55 4.97 -0.87
CA VAL A 1023 -19.42 5.86 -1.63
C VAL A 1023 -19.55 5.29 -3.03
N PRO A 1024 -20.74 5.35 -3.65
CA PRO A 1024 -20.87 4.91 -5.05
C PRO A 1024 -20.11 5.82 -5.99
N ALA A 1025 -19.84 5.29 -7.20
CA ALA A 1025 -19.00 6.00 -8.17
C ALA A 1025 -19.69 7.25 -8.70
N GLN A 1026 -21.01 7.19 -8.88
CA GLN A 1026 -21.73 8.30 -9.49
C GLN A 1026 -21.77 9.51 -8.56
N ILE A 1027 -21.85 9.29 -7.25
CA ILE A 1027 -21.87 10.38 -6.28
C ILE A 1027 -20.50 11.03 -6.19
N SER A 1028 -19.44 10.22 -6.16
CA SER A 1028 -18.08 10.75 -6.08
C SER A 1028 -17.69 11.49 -7.35
N LYS A 1029 -18.17 11.01 -8.50
CA LYS A 1029 -17.88 11.72 -9.75
C LYS A 1029 -18.71 12.99 -9.87
N ASP A 1030 -19.96 12.98 -9.39
CA ASP A 1030 -20.82 14.14 -9.52
C ASP A 1030 -20.42 15.26 -8.57
N ARG A 1031 -20.12 14.93 -7.32
CA ARG A 1031 -19.83 15.95 -6.32
C ARG A 1031 -18.34 16.29 -6.22
N GLY A 1032 -17.48 15.57 -6.94
CA GLY A 1032 -16.05 15.88 -6.90
C GLY A 1032 -15.38 15.61 -5.57
N LEU A 1033 -15.64 14.44 -4.98
CA LEU A 1033 -15.03 14.05 -3.72
C LEU A 1033 -13.55 13.76 -3.94
N THR A 1034 -12.70 14.72 -3.60
CA THR A 1034 -11.25 14.53 -3.61
C THR A 1034 -10.74 14.59 -2.18
N GLU A 1035 -9.42 14.49 -2.04
CA GLU A 1035 -8.82 14.66 -0.72
C GLU A 1035 -8.79 16.13 -0.35
N GLY A 1036 -8.94 16.41 0.94
CA GLY A 1036 -8.98 17.78 1.41
C GLY A 1036 -10.35 18.43 1.33
N ASP A 1037 -11.36 17.63 0.96
CA ASP A 1037 -12.72 18.13 0.74
C ASP A 1037 -13.49 18.06 2.05
N ILE A 1038 -14.18 19.13 2.42
CA ILE A 1038 -14.72 19.29 3.77
C ILE A 1038 -16.24 19.12 3.73
N VAL A 1039 -16.74 18.24 4.61
CA VAL A 1039 -18.14 17.85 4.63
C VAL A 1039 -18.71 18.07 6.03
N ILE A 1040 -20.04 18.00 6.14
CA ILE A 1040 -20.73 18.05 7.42
C ILE A 1040 -21.17 16.63 7.74
N ILE A 1041 -21.36 16.33 9.01
CA ILE A 1041 -21.92 15.05 9.44
C ILE A 1041 -23.03 15.31 10.44
N SER A 1042 -24.20 14.72 10.19
CA SER A 1042 -25.38 15.02 10.98
C SER A 1042 -26.32 13.82 10.96
N LYS A 1043 -27.15 13.72 12.00
CA LYS A 1043 -28.26 12.80 12.01
C LYS A 1043 -29.55 13.46 11.52
N GLY A 1044 -29.49 14.73 11.14
CA GLY A 1044 -30.69 15.43 10.70
C GLY A 1044 -31.06 15.12 9.26
N GLU A 1045 -32.35 15.29 8.96
CA GLU A 1045 -32.85 14.99 7.62
C GLU A 1045 -32.41 16.04 6.59
N ASP A 1046 -32.08 17.25 7.04
CA ASP A 1046 -31.56 18.29 6.16
C ASP A 1046 -30.39 19.01 6.84
N PRO A 1047 -29.17 18.47 6.75
CA PRO A 1047 -28.09 18.86 7.67
C PRO A 1047 -27.60 20.31 7.57
N LEU A 1048 -28.16 21.11 6.67
CA LEU A 1048 -27.77 22.49 6.47
C LEU A 1048 -28.61 23.49 7.28
N ASN A 1049 -29.81 23.10 7.71
CA ASN A 1049 -30.69 24.01 8.45
C ASN A 1049 -31.36 23.31 9.63
N GLN A 1050 -30.67 22.38 10.28
CA GLN A 1050 -31.15 21.80 11.53
C GLN A 1050 -30.02 21.90 12.57
N PRO A 1051 -29.91 23.04 13.25
CA PRO A 1051 -28.87 23.19 14.28
C PRO A 1051 -29.18 22.47 15.58
N GLN A 1052 -30.41 22.00 15.77
CA GLN A 1052 -30.81 21.35 17.01
C GLN A 1052 -30.48 19.86 17.05
N GLU A 1053 -29.90 19.31 16.00
CA GLU A 1053 -29.59 17.90 15.91
C GLU A 1053 -28.13 17.65 16.32
N LEU A 1054 -27.67 16.42 16.10
CA LEU A 1054 -26.33 16.00 16.49
C LEU A 1054 -25.44 16.03 15.25
N HIS A 1055 -24.35 16.81 15.31
CA HIS A 1055 -23.64 17.15 14.08
C HIS A 1055 -22.20 17.51 14.42
N CYS A 1056 -21.36 17.50 13.38
CA CYS A 1056 -19.96 17.96 13.42
C CYS A 1056 -19.46 18.17 12.00
N LEU A 1057 -18.15 18.40 11.88
CA LEU A 1057 -17.46 18.61 10.61
C LEU A 1057 -16.53 17.44 10.32
N SER A 1058 -16.19 17.25 9.05
CA SER A 1058 -15.21 16.23 8.67
C SER A 1058 -14.41 16.69 7.47
N ARG A 1059 -13.23 16.08 7.31
CA ARG A 1059 -12.36 16.29 6.16
C ARG A 1059 -12.08 14.94 5.51
N ILE A 1060 -12.19 14.88 4.18
CA ILE A 1060 -11.86 13.67 3.46
C ILE A 1060 -10.36 13.48 3.49
N TRP A 1061 -9.91 12.32 4.00
CA TRP A 1061 -8.51 12.09 4.30
C TRP A 1061 -7.83 11.18 3.28
N LYS A 1062 -8.52 10.17 2.78
CA LYS A 1062 -7.91 9.25 1.82
C LYS A 1062 -9.00 8.68 0.93
N THR A 1063 -8.81 8.79 -0.38
CA THR A 1063 -9.74 8.32 -1.38
C THR A 1063 -9.08 7.24 -2.20
N THR A 1064 -9.71 6.06 -2.29
CA THR A 1064 -9.17 4.93 -3.01
C THR A 1064 -10.18 4.45 -4.03
N TYR A 1065 -9.75 4.33 -5.29
CA TYR A 1065 -10.64 3.92 -6.37
C TYR A 1065 -10.63 2.40 -6.46
N LYS A 1066 -11.66 1.77 -5.90
CA LYS A 1066 -11.85 0.33 -5.97
C LYS A 1066 -12.49 -0.03 -7.30
N LYS A 1067 -13.08 -1.23 -7.38
CA LYS A 1067 -13.68 -1.73 -8.62
C LYS A 1067 -14.82 -0.83 -9.11
N ASP A 1068 -15.85 -0.63 -8.30
CA ASP A 1068 -16.88 0.35 -8.61
C ASP A 1068 -17.00 1.43 -7.55
N THR A 1069 -17.16 1.06 -6.29
CA THR A 1069 -17.41 2.02 -5.22
C THR A 1069 -16.10 2.57 -4.67
N VAL A 1070 -16.02 3.90 -4.63
CA VAL A 1070 -14.87 4.57 -4.03
C VAL A 1070 -14.85 4.33 -2.53
N GLU A 1071 -13.69 4.01 -1.98
CA GLU A 1071 -13.52 3.85 -0.55
C GLU A 1071 -12.97 5.16 0.01
N VAL A 1072 -13.75 5.82 0.86
CA VAL A 1072 -13.41 7.12 1.39
C VAL A 1072 -13.22 7.01 2.90
N VAL A 1073 -12.10 7.52 3.40
CA VAL A 1073 -11.84 7.52 4.83
C VAL A 1073 -11.99 8.92 5.38
N TYR A 1074 -13.16 9.24 5.92
CA TYR A 1074 -13.36 10.51 6.60
C TYR A 1074 -12.64 10.49 7.95
N ARG A 1075 -12.19 11.67 8.36
CA ARG A 1075 -11.61 11.83 9.69
C ARG A 1075 -12.53 12.72 10.52
N LEU A 1076 -12.64 12.41 11.81
CA LEU A 1076 -13.60 13.04 12.70
C LEU A 1076 -12.90 13.62 13.92
N ASN A 1077 -13.67 14.03 14.94
CA ASN A 1077 -13.11 14.59 16.17
C ASN A 1077 -13.82 13.98 17.37
N ALA A 1078 -13.12 13.11 18.10
CA ALA A 1078 -13.70 12.43 19.26
C ALA A 1078 -13.43 13.19 20.56
N LYS A 1079 -13.78 14.48 20.59
CA LYS A 1079 -13.60 15.31 21.78
C LYS A 1079 -14.82 16.21 21.99
N GLY A 1080 -16.01 15.64 21.86
CA GLY A 1080 -17.21 16.45 21.99
C GLY A 1080 -18.18 16.17 20.87
N ASN A 1081 -17.92 15.11 20.11
CA ASN A 1081 -18.81 14.69 19.04
C ASN A 1081 -20.14 14.22 19.61
N GLN A 1082 -21.22 14.88 19.20
CA GLN A 1082 -22.54 14.51 19.70
C GLN A 1082 -23.03 13.21 19.08
N ILE A 1083 -22.59 12.89 17.86
CA ILE A 1083 -22.95 11.64 17.21
C ILE A 1083 -22.10 10.47 17.65
N LEU A 1084 -21.11 10.71 18.53
CA LEU A 1084 -20.16 9.67 18.90
C LEU A 1084 -20.77 8.49 19.66
N PRO A 1085 -21.71 8.65 20.60
CA PRO A 1085 -22.47 7.47 21.05
C PRO A 1085 -23.31 6.83 19.96
N ALA A 1086 -23.82 7.61 19.00
CA ALA A 1086 -24.61 7.07 17.91
C ALA A 1086 -23.77 6.45 16.80
N LEU A 1087 -22.46 6.67 16.82
CA LEU A 1087 -21.58 6.03 15.85
C LEU A 1087 -21.51 4.53 16.13
N THR A 1088 -21.79 3.72 15.11
CA THR A 1088 -21.92 2.27 15.22
C THR A 1088 -21.81 1.73 13.79
N PRO A 1089 -21.14 0.60 13.57
CA PRO A 1089 -21.17 -0.04 12.26
C PRO A 1089 -22.59 -0.42 11.87
N GLY A 1090 -23.05 0.08 10.73
CA GLY A 1090 -24.44 -0.06 10.36
C GLY A 1090 -25.31 1.12 10.73
N SER A 1091 -24.77 2.33 10.73
CA SER A 1091 -25.51 3.55 11.06
C SER A 1091 -25.49 4.48 9.85
N GLU A 1092 -26.62 4.55 9.15
CA GLU A 1092 -26.71 5.42 7.98
C GLU A 1092 -26.85 6.87 8.42
N PHE A 1093 -26.01 7.74 7.84
CA PHE A 1093 -25.96 9.16 8.18
C PHE A 1093 -26.36 10.00 6.98
N GLN A 1094 -26.30 11.32 7.13
CA GLN A 1094 -26.51 12.26 6.04
C GLN A 1094 -25.40 13.31 6.08
N VAL A 1095 -24.74 13.52 4.93
CA VAL A 1095 -23.48 14.23 4.82
C VAL A 1095 -23.53 15.19 3.63
N VAL A 1096 -23.18 16.46 3.85
CA VAL A 1096 -23.12 17.46 2.79
C VAL A 1096 -21.80 18.23 2.90
N LYS A 1097 -21.32 18.74 1.76
CA LYS A 1097 -19.95 19.23 1.61
C LYS A 1097 -19.92 20.76 1.56
N ILE A 1098 -18.79 21.35 1.97
CA ILE A 1098 -18.68 22.80 2.11
C ILE A 1098 -17.57 23.37 1.20
N THR A 1099 -16.31 23.02 1.46
CA THR A 1099 -15.17 23.67 0.77
C THR A 1099 -14.01 22.69 0.65
N ASN A 1100 -12.83 23.24 0.39
CA ASN A 1100 -11.58 22.50 0.21
C ASN A 1100 -10.50 23.18 1.04
N MET A 1101 -9.52 22.40 1.47
CA MET A 1101 -8.45 22.91 2.32
C MET A 1101 -7.18 23.27 1.58
N THR A 1102 -7.16 23.13 0.24
CA THR A 1102 -5.91 23.10 -0.52
C THR A 1102 -5.17 24.43 -0.45
N THR A 1103 -5.90 25.54 -0.62
CA THR A 1103 -5.28 26.85 -0.54
C THR A 1103 -4.84 27.18 0.88
N ILE A 1104 -5.62 26.75 1.88
CA ILE A 1104 -5.27 27.02 3.27
C ILE A 1104 -4.04 26.22 3.69
N GLU A 1105 -3.94 24.97 3.22
CA GLU A 1105 -2.75 24.16 3.49
C GLU A 1105 -1.52 24.72 2.79
N ARG A 1106 -1.69 25.25 1.57
CA ARG A 1106 -0.55 25.86 0.87
C ARG A 1106 -0.11 27.16 1.53
N GLU A 1107 -1.08 27.94 2.05
CA GLU A 1107 -0.74 29.14 2.83
C GLU A 1107 -0.03 28.78 4.12
N TYR A 1108 -0.43 27.67 4.76
CA TYR A 1108 0.27 27.17 5.93
C TYR A 1108 1.71 26.76 5.60
N ALA A 1109 1.89 26.10 4.45
CA ALA A 1109 3.24 25.66 4.04
C ALA A 1109 4.13 26.87 3.74
N ALA A 1110 3.58 27.88 3.06
CA ALA A 1110 4.33 29.11 2.81
C ALA A 1110 4.67 29.84 4.10
N LEU A 1111 3.72 29.88 5.05
CA LEU A 1111 3.95 30.54 6.33
C LEU A 1111 5.04 29.83 7.13
N GLU A 1112 5.06 28.50 7.11
CA GLU A 1112 6.05 27.78 7.90
C GLU A 1112 7.42 27.77 7.23
N SER A 1113 7.49 27.75 5.90
CA SER A 1113 8.76 27.69 5.20
C SER A 1113 9.19 29.04 4.62
N LEU A 1114 8.60 30.14 5.08
CA LEU A 1114 9.13 31.46 4.78
C LEU A 1114 10.52 31.70 5.37
N GLN A 1115 10.93 30.91 6.36
CA GLN A 1115 12.23 31.05 7.03
C GLN A 1115 13.42 30.70 6.13
N TYR A 1116 13.21 30.25 4.89
CA TYR A 1116 14.31 29.91 4.00
C TYR A 1116 14.15 30.60 2.64
N TYR A 1117 13.50 31.76 2.61
CA TYR A 1117 13.39 32.54 1.39
C TYR A 1117 14.63 33.42 1.22
N ASP A 1118 14.76 33.99 0.01
CA ASP A 1118 15.83 34.93 -0.28
C ASP A 1118 15.39 36.38 -0.21
N LEU A 1119 14.10 36.63 0.00
CA LEU A 1119 13.53 37.97 0.09
C LEU A 1119 12.96 38.23 1.49
N MET A 1120 13.73 37.89 2.53
CA MET A 1120 13.26 37.97 3.90
C MET A 1120 12.91 39.39 4.32
N ASP A 1121 13.84 40.33 4.13
CA ASP A 1121 13.67 41.68 4.65
C ASP A 1121 12.58 42.42 3.90
N GLU A 1122 12.45 42.17 2.60
CA GLU A 1122 11.45 42.85 1.80
C GLU A 1122 10.05 42.29 2.08
N ILE A 1123 9.96 41.02 2.47
CA ILE A 1123 8.67 40.43 2.84
C ILE A 1123 8.25 40.92 4.23
N LEU A 1124 9.17 40.91 5.19
CA LEU A 1124 8.84 41.26 6.56
C LEU A 1124 8.65 42.77 6.72
N LYS A 1125 9.69 43.55 6.39
CA LYS A 1125 9.68 45.00 6.60
C LYS A 1125 8.75 45.74 5.64
N ALA A 1126 8.22 45.06 4.61
CA ALA A 1126 7.31 45.63 3.60
C ALA A 1126 7.91 46.83 2.90
N GLN A 1127 9.20 46.72 2.53
CA GLN A 1127 9.92 47.79 1.85
C GLN A 1127 10.09 47.46 0.38
N PRO A 1128 9.64 48.30 -0.53
CA PRO A 1128 9.84 48.06 -1.96
C PRO A 1128 11.16 48.67 -2.43
N SER A 1129 11.40 48.55 -3.74
CA SER A 1129 12.61 49.10 -4.35
C SER A 1129 12.49 50.62 -4.44
N PRO A 1130 13.58 51.35 -4.19
CA PRO A 1130 13.52 52.81 -4.21
C PRO A 1130 13.28 53.38 -5.60
N MET A 1131 12.61 54.53 -5.63
CA MET A 1131 12.27 55.22 -6.87
C MET A 1131 13.39 56.17 -7.29
N LEU A 1132 13.54 56.31 -8.60
CA LEU A 1132 14.65 57.08 -9.16
C LEU A 1132 14.29 57.52 -10.58
N THR A 1133 14.87 58.64 -11.01
CA THR A 1133 14.41 59.41 -12.17
C THR A 1133 15.37 59.26 -13.35
N PHE A 1134 14.81 59.18 -14.55
CA PHE A 1134 15.53 59.04 -15.82
C PHE A 1134 15.52 60.30 -16.67
N GLY A 1135 16.41 60.29 -17.66
CA GLY A 1135 16.49 61.40 -18.59
C GLY A 1135 15.29 61.46 -19.51
N ASP A 1136 15.05 62.66 -20.03
CA ASP A 1136 13.84 62.95 -20.78
C ASP A 1136 13.94 62.56 -22.25
N GLU A 1137 14.91 61.75 -22.64
CA GLU A 1137 14.99 61.22 -24.00
C GLU A 1137 14.75 59.72 -24.07
N ALA A 1138 15.25 58.96 -23.08
CA ALA A 1138 14.98 57.53 -23.03
C ALA A 1138 13.51 57.24 -22.73
N ILE A 1139 12.86 58.13 -21.96
CA ILE A 1139 11.44 58.02 -21.70
C ILE A 1139 10.65 58.13 -22.99
N LYS A 1140 11.00 59.12 -23.83
CA LYS A 1140 10.32 59.28 -25.11
C LYS A 1140 10.67 58.16 -26.07
N ALA A 1141 11.90 57.63 -25.97
CA ALA A 1141 12.32 56.52 -26.81
C ALA A 1141 11.53 55.24 -26.52
N VAL A 1142 11.29 54.95 -25.25
CA VAL A 1142 10.51 53.76 -24.93
C VAL A 1142 9.02 54.03 -25.12
N MET A 1143 8.61 55.31 -25.06
CA MET A 1143 7.24 55.66 -25.43
C MET A 1143 6.99 55.43 -26.91
N ASP A 1144 8.01 55.66 -27.74
CA ASP A 1144 7.89 55.48 -29.18
C ASP A 1144 8.25 54.07 -29.63
N ASN A 1145 8.12 53.07 -28.75
CA ASN A 1145 8.38 51.68 -29.09
C ASN A 1145 7.13 50.83 -29.02
N TYR A 1146 6.44 50.83 -27.87
CA TYR A 1146 5.17 50.11 -27.72
C TYR A 1146 3.97 51.04 -27.85
N GLN A 1147 4.19 52.31 -28.23
CA GLN A 1147 3.18 53.36 -28.32
C GLN A 1147 2.45 53.53 -26.99
N LEU A 1148 3.25 53.77 -25.94
CA LEU A 1148 2.79 53.82 -24.57
C LEU A 1148 2.55 55.26 -24.13
N ASN A 1149 2.35 55.44 -22.84
CA ASN A 1149 2.04 56.71 -22.18
C ASN A 1149 3.17 57.11 -21.24
N PRO A 1150 3.27 58.40 -20.87
CA PRO A 1150 4.29 58.79 -19.89
C PRO A 1150 4.13 58.17 -18.51
N GLY A 1151 2.94 57.69 -18.15
CA GLY A 1151 2.80 56.94 -16.92
C GLY A 1151 3.19 55.49 -17.04
N GLN A 1152 2.95 54.88 -18.20
CA GLN A 1152 3.20 53.46 -18.41
C GLN A 1152 4.55 53.16 -19.03
N ALA A 1153 5.41 54.16 -19.23
CA ALA A 1153 6.75 53.95 -19.74
C ALA A 1153 7.83 54.17 -18.69
N ARG A 1154 7.62 55.13 -17.80
CA ARG A 1154 8.51 55.33 -16.67
C ARG A 1154 8.51 54.11 -15.76
N ALA A 1155 7.35 53.46 -15.59
CA ALA A 1155 7.27 52.22 -14.83
C ALA A 1155 8.00 51.08 -15.52
N ILE A 1156 7.88 50.99 -16.85
CA ILE A 1156 8.59 49.98 -17.64
C ILE A 1156 10.09 50.11 -17.47
N LEU A 1157 10.60 51.34 -17.59
CA LEU A 1157 12.03 51.56 -17.50
C LEU A 1157 12.55 51.41 -16.07
N ASN A 1158 11.78 51.85 -15.08
CA ASN A 1158 12.16 51.67 -13.68
C ASN A 1158 12.18 50.20 -13.27
N ALA A 1159 11.23 49.40 -13.76
CA ALA A 1159 11.23 47.98 -13.41
C ALA A 1159 12.27 47.22 -14.22
N LYS A 1160 12.66 47.74 -15.39
CA LYS A 1160 13.82 47.18 -16.09
C LYS A 1160 15.10 47.42 -15.28
N GLU A 1161 15.23 48.61 -14.67
CA GLU A 1161 16.49 48.96 -14.04
C GLU A 1161 16.70 48.22 -12.72
N ASN A 1162 15.83 48.45 -11.73
CA ASN A 1162 16.14 48.02 -10.37
C ASN A 1162 15.61 46.61 -10.10
N ASP A 1163 16.07 46.05 -8.99
CA ASP A 1163 15.63 44.75 -8.50
C ASP A 1163 14.83 44.91 -7.21
N GLY A 1164 14.18 43.84 -6.80
CA GLY A 1164 13.32 43.88 -5.64
C GLY A 1164 11.88 44.17 -6.02
N PHE A 1165 11.11 44.58 -5.01
CA PHE A 1165 9.69 44.81 -5.19
C PHE A 1165 9.43 46.16 -5.81
N THR A 1166 8.73 46.17 -6.96
CA THR A 1166 8.28 47.40 -7.60
C THR A 1166 6.75 47.41 -7.57
N LEU A 1167 6.18 48.55 -7.21
CA LEU A 1167 4.75 48.71 -7.03
C LEU A 1167 4.17 49.59 -8.12
N ILE A 1168 3.17 49.09 -8.83
CA ILE A 1168 2.41 49.85 -9.81
C ILE A 1168 0.95 49.81 -9.38
N GLN A 1169 0.34 50.98 -9.22
CA GLN A 1169 -1.03 51.12 -8.72
C GLN A 1169 -1.87 51.87 -9.74
N GLY A 1170 -3.04 51.32 -10.03
CA GLY A 1170 -3.96 51.95 -10.95
C GLY A 1170 -5.40 51.53 -10.74
N PRO A 1171 -6.32 52.43 -11.08
CA PRO A 1171 -7.75 52.08 -11.19
C PRO A 1171 -7.99 51.00 -12.25
N PRO A 1172 -9.22 50.44 -12.35
CA PRO A 1172 -9.38 49.29 -13.25
C PRO A 1172 -9.36 49.54 -14.76
N GLY A 1173 -8.86 50.68 -15.23
CA GLY A 1173 -8.77 50.85 -16.67
C GLY A 1173 -7.49 51.46 -17.21
N THR A 1174 -6.42 51.49 -16.41
CA THR A 1174 -5.24 52.25 -16.80
C THR A 1174 -4.42 51.55 -17.88
N GLY A 1175 -4.26 50.24 -17.79
CA GLY A 1175 -3.33 49.55 -18.67
C GLY A 1175 -2.24 48.79 -17.95
N LYS A 1176 -2.56 48.27 -16.74
CA LYS A 1176 -1.58 47.54 -15.95
C LYS A 1176 -1.20 46.21 -16.60
N THR A 1177 -2.15 45.55 -17.26
CA THR A 1177 -1.82 44.34 -18.01
C THR A 1177 -1.05 44.68 -19.28
N LYS A 1178 -1.30 45.86 -19.84
CA LYS A 1178 -0.55 46.30 -21.01
C LYS A 1178 0.90 46.61 -20.65
N THR A 1179 1.12 47.15 -19.44
CA THR A 1179 2.47 47.40 -18.95
C THR A 1179 3.24 46.09 -18.73
N ILE A 1180 2.56 45.07 -18.20
CA ILE A 1180 3.21 43.79 -17.87
C ILE A 1180 3.65 43.05 -19.13
N VAL A 1181 2.85 43.14 -20.20
CA VAL A 1181 3.18 42.49 -21.46
C VAL A 1181 4.39 43.14 -22.12
N ALA A 1182 4.49 44.47 -22.07
CA ALA A 1182 5.67 45.14 -22.59
C ALA A 1182 6.89 44.96 -21.68
N MET A 1183 6.67 44.56 -20.43
CA MET A 1183 7.78 44.23 -19.54
C MET A 1183 8.48 42.96 -20.00
N VAL A 1184 7.69 41.97 -20.44
CA VAL A 1184 8.22 40.67 -20.83
C VAL A 1184 9.09 40.79 -22.07
N GLY A 1185 8.63 41.57 -23.05
CA GLY A 1185 9.47 41.86 -24.21
C GLY A 1185 10.70 42.67 -23.86
N CYS A 1186 10.61 43.49 -22.81
CA CYS A 1186 11.78 44.23 -22.34
C CYS A 1186 12.77 43.32 -21.61
N LEU A 1187 12.26 42.39 -20.79
CA LEU A 1187 13.15 41.56 -19.98
C LEU A 1187 13.79 40.44 -20.76
N LEU A 1188 13.09 39.85 -21.72
CA LEU A 1188 13.60 38.70 -22.46
C LEU A 1188 14.52 39.09 -23.61
N THR A 1189 14.73 40.37 -23.84
CA THR A 1189 15.66 40.82 -24.87
C THR A 1189 17.03 41.11 -24.30
N LYS A 1218 13.99 32.16 -17.95
CA LYS A 1218 12.54 32.02 -18.05
C LYS A 1218 11.82 32.86 -17.00
N LEU A 1219 10.51 33.03 -17.18
CA LEU A 1219 9.71 33.89 -16.33
C LEU A 1219 8.50 33.14 -15.83
N LEU A 1220 8.06 33.48 -14.63
CA LEU A 1220 6.81 32.98 -14.05
C LEU A 1220 5.86 34.16 -13.86
N VAL A 1221 4.66 34.05 -14.42
CA VAL A 1221 3.64 35.09 -14.32
C VAL A 1221 2.44 34.48 -13.61
N CYS A 1222 2.05 35.08 -12.48
CA CYS A 1222 1.03 34.51 -11.61
C CYS A 1222 -0.10 35.51 -11.39
N ALA A 1223 -1.31 34.98 -11.19
CA ALA A 1223 -2.46 35.84 -10.83
C ALA A 1223 -3.48 35.08 -10.00
N PRO A 1224 -4.04 35.69 -8.94
CA PRO A 1224 -4.73 34.90 -7.90
C PRO A 1224 -6.01 34.21 -8.35
N SER A 1225 -6.66 34.69 -9.41
CA SER A 1225 -7.79 34.01 -10.01
C SER A 1225 -7.36 33.40 -11.34
N ASN A 1226 -8.20 32.50 -11.85
CA ASN A 1226 -7.89 31.85 -13.12
C ASN A 1226 -8.12 32.77 -14.32
N ALA A 1227 -9.06 33.71 -14.20
CA ALA A 1227 -9.43 34.58 -15.32
C ALA A 1227 -8.30 35.53 -15.69
N ALA A 1228 -7.63 36.10 -14.69
CA ALA A 1228 -6.51 36.99 -14.97
C ALA A 1228 -5.31 36.22 -15.54
N VAL A 1229 -5.13 34.97 -15.11
CA VAL A 1229 -4.08 34.12 -15.68
C VAL A 1229 -4.37 33.84 -17.15
N ASP A 1230 -5.64 33.56 -17.47
CA ASP A 1230 -6.02 33.31 -18.86
C ASP A 1230 -5.80 34.55 -19.74
N GLU A 1231 -6.12 35.73 -19.20
CA GLU A 1231 -5.86 36.97 -19.93
C GLU A 1231 -4.37 37.21 -20.14
N LEU A 1232 -3.56 36.95 -19.11
CA LEU A 1232 -2.11 37.11 -19.22
C LEU A 1232 -1.52 36.14 -20.23
N VAL A 1233 -2.01 34.90 -20.24
CA VAL A 1233 -1.52 33.88 -21.18
C VAL A 1233 -1.86 34.28 -22.61
N LEU A 1234 -3.10 34.75 -22.84
CA LEU A 1234 -3.51 35.17 -24.18
C LEU A 1234 -2.72 36.37 -24.66
N ARG A 1235 -2.46 37.33 -23.78
CA ARG A 1235 -1.73 38.53 -24.17
C ARG A 1235 -0.24 38.23 -24.41
N LEU A 1236 0.37 37.38 -23.58
CA LEU A 1236 1.76 37.02 -23.80
C LEU A 1236 1.95 36.06 -24.97
N LYS A 1237 0.90 35.36 -25.39
CA LYS A 1237 0.98 34.47 -26.53
C LYS A 1237 0.72 35.20 -27.85
N ALA A 1238 -0.14 36.23 -27.83
CA ALA A 1238 -0.54 36.90 -29.06
C ALA A 1238 0.61 37.61 -29.75
N GLY A 1239 1.45 38.30 -28.99
CA GLY A 1239 2.58 38.99 -29.61
C GLY A 1239 3.56 39.63 -28.65
N VAL A 1240 4.85 39.39 -28.89
CA VAL A 1240 5.92 39.93 -28.06
C VAL A 1240 6.82 40.77 -28.95
N LYS A 1241 7.15 41.98 -28.48
CA LYS A 1241 8.04 42.89 -29.19
C LYS A 1241 9.21 43.25 -28.28
N THR A 1242 10.43 43.05 -28.78
CA THR A 1242 11.63 43.31 -28.00
C THR A 1242 11.93 44.81 -27.96
N MET A 1243 13.06 45.16 -27.33
CA MET A 1243 13.46 46.57 -27.27
C MET A 1243 14.39 46.92 -28.43
N ASN A 1244 13.95 46.54 -29.63
CA ASN A 1244 14.60 46.96 -30.86
C ASN A 1244 13.61 47.25 -31.98
N GLY A 1245 12.31 47.10 -31.72
CA GLY A 1245 11.31 47.18 -32.76
C GLY A 1245 11.05 45.88 -33.50
N THR A 1246 11.62 44.77 -33.03
CA THR A 1246 11.51 43.49 -33.71
C THR A 1246 10.38 42.66 -33.13
N PHE A 1247 9.63 41.99 -34.01
CA PHE A 1247 8.50 41.15 -33.63
C PHE A 1247 9.02 39.73 -33.48
N HIS A 1248 9.12 39.26 -32.24
CA HIS A 1248 9.52 37.89 -31.96
C HIS A 1248 8.31 37.11 -31.42
N LYS A 1249 8.52 35.85 -31.06
CA LYS A 1249 7.46 35.02 -30.50
C LYS A 1249 8.10 34.03 -29.53
N ILE A 1250 7.84 34.20 -28.24
CA ILE A 1250 8.40 33.35 -27.20
C ILE A 1250 7.50 32.13 -26.97
N GLU A 1251 8.01 31.15 -26.23
CA GLU A 1251 7.27 29.91 -25.96
C GLU A 1251 6.55 30.01 -24.63
N VAL A 1252 5.26 29.66 -24.62
CA VAL A 1252 4.36 29.88 -23.50
C VAL A 1252 3.93 28.54 -22.92
N LEU A 1253 3.85 28.46 -21.59
CA LEU A 1253 3.41 27.28 -20.87
C LEU A 1253 2.47 27.67 -19.74
N ARG A 1254 1.46 26.84 -19.49
CA ARG A 1254 0.46 27.09 -18.46
C ARG A 1254 0.54 26.01 -17.39
N LEU A 1255 0.85 26.41 -16.16
CA LEU A 1255 1.03 25.51 -15.02
C LEU A 1255 -0.27 25.32 -14.25
N GLY A 1256 -1.36 24.99 -14.94
CA GLY A 1256 -2.66 24.93 -14.31
C GLY A 1256 -3.42 23.69 -14.72
N ARG A 1257 -4.63 23.57 -14.16
CA ARG A 1257 -5.50 22.44 -14.46
C ARG A 1257 -6.90 22.94 -14.83
N ASN A 1262 -9.12 27.80 -20.56
CA ASN A 1262 -9.93 28.30 -21.66
C ASN A 1262 -9.69 27.46 -22.92
N ALA A 1263 -10.24 27.93 -24.05
CA ALA A 1263 -10.06 27.20 -25.30
C ALA A 1263 -8.65 27.41 -25.86
N ALA A 1264 -8.15 28.63 -25.83
CA ALA A 1264 -6.81 28.92 -26.35
C ALA A 1264 -5.71 28.49 -25.39
N VAL A 1265 -5.99 28.50 -24.09
CA VAL A 1265 -4.98 28.10 -23.10
C VAL A 1265 -4.79 26.59 -23.10
N LYS A 1266 -5.78 25.83 -23.58
CA LYS A 1266 -5.72 24.36 -23.60
C LYS A 1266 -4.61 23.82 -24.49
N ASP A 1267 -4.09 24.62 -25.42
CA ASP A 1267 -2.98 24.20 -26.25
C ASP A 1267 -1.62 24.43 -25.61
N VAL A 1268 -1.55 25.19 -24.50
CA VAL A 1268 -0.25 25.47 -23.88
C VAL A 1268 -0.25 25.00 -22.43
N THR A 1269 -1.24 24.19 -22.06
CA THR A 1269 -1.32 23.68 -20.70
C THR A 1269 -0.26 22.61 -20.47
N LEU A 1270 0.35 22.62 -19.28
CA LEU A 1270 1.36 21.62 -18.95
C LEU A 1270 0.75 20.23 -18.83
N ASP A 1271 -0.50 20.15 -18.36
CA ASP A 1271 -1.16 18.86 -18.21
C ASP A 1271 -1.46 18.23 -19.57
N GLU A 1272 -1.78 19.06 -20.57
CA GLU A 1272 -2.04 18.51 -21.90
C GLU A 1272 -0.75 18.22 -22.65
N LEU A 1273 0.30 19.03 -22.43
CA LEU A 1273 1.56 18.86 -23.15
C LEU A 1273 2.30 17.61 -22.69
N VAL A 1274 2.23 17.30 -21.40
CA VAL A 1274 2.81 16.06 -20.90
C VAL A 1274 2.01 14.86 -21.39
N LYS A 1275 0.68 14.97 -21.38
CA LYS A 1275 -0.18 13.84 -21.73
C LYS A 1275 -0.14 13.54 -23.22
N ALA A 1276 0.08 14.57 -24.06
CA ALA A 1276 0.06 14.37 -25.51
C ALA A 1276 1.27 13.56 -25.97
N ARG A 1277 2.42 13.74 -25.30
CA ARG A 1277 3.61 12.97 -25.67
C ARG A 1277 3.48 11.52 -25.20
N MET A 1278 2.65 11.25 -24.19
CA MET A 1278 2.44 9.87 -23.73
C MET A 1278 1.68 9.05 -24.76
N ASP A 1279 0.65 9.64 -25.34
CA ASP A 1279 -0.23 8.91 -26.24
C ASP A 1279 0.39 8.79 -27.63
N ARG A 1291 -4.37 -12.69 -21.59
CA ARG A 1291 -5.32 -12.90 -20.51
C ARG A 1291 -6.42 -13.87 -20.94
N ASP A 1292 -6.84 -13.76 -22.20
CA ASP A 1292 -7.84 -14.69 -22.73
C ASP A 1292 -7.25 -16.06 -23.00
N GLN A 1293 -5.96 -16.13 -23.30
CA GLN A 1293 -5.31 -17.41 -23.55
C GLN A 1293 -5.19 -18.23 -22.26
N LEU A 1294 -4.85 -17.57 -21.16
CA LEU A 1294 -4.77 -18.26 -19.88
C LEU A 1294 -6.17 -18.61 -19.35
N HIS A 1295 -7.15 -17.76 -19.64
CA HIS A 1295 -8.52 -18.04 -19.21
C HIS A 1295 -9.14 -19.19 -19.99
N LYS A 1296 -8.75 -19.34 -21.26
CA LYS A 1296 -9.26 -20.44 -22.07
C LYS A 1296 -8.68 -21.77 -21.62
N GLU A 1297 -7.42 -21.77 -21.14
CA GLU A 1297 -6.79 -23.00 -20.69
C GLU A 1297 -7.38 -23.48 -19.36
N ALA A 1298 -7.72 -22.54 -18.47
CA ALA A 1298 -8.26 -22.93 -17.16
C ALA A 1298 -9.67 -23.47 -17.29
N GLY A 1299 -10.47 -22.91 -18.20
CA GLY A 1299 -11.81 -23.43 -18.43
C GLY A 1299 -11.79 -24.80 -19.08
N GLU A 1300 -10.85 -25.03 -20.00
CA GLU A 1300 -10.77 -26.32 -20.68
C GLU A 1300 -10.23 -27.41 -19.75
N ILE A 1301 -9.26 -27.07 -18.90
CA ILE A 1301 -8.68 -28.06 -18.01
C ILE A 1301 -9.62 -28.44 -16.87
N LYS A 1302 -10.56 -27.56 -16.54
CA LYS A 1302 -11.54 -27.88 -15.50
C LYS A 1302 -12.57 -28.89 -15.98
N ALA A 1303 -12.78 -28.96 -17.30
CA ALA A 1303 -13.76 -29.91 -17.84
C ALA A 1303 -13.25 -31.35 -17.74
N LYS A 1304 -11.94 -31.54 -17.83
CA LYS A 1304 -11.38 -32.88 -17.75
C LYS A 1304 -11.44 -33.43 -16.33
N LEU A 1305 -11.38 -32.55 -15.33
CA LEU A 1305 -11.43 -32.99 -13.94
C LEU A 1305 -12.82 -33.49 -13.56
N ALA A 1306 -13.87 -32.91 -14.17
CA ALA A 1306 -15.23 -33.35 -13.89
C ALA A 1306 -15.49 -34.73 -14.46
N GLU A 1307 -14.96 -35.02 -15.65
CA GLU A 1307 -15.18 -36.32 -16.28
C GLU A 1307 -14.34 -37.41 -15.62
N ILE A 1308 -13.10 -37.10 -15.26
CA ILE A 1308 -12.19 -38.11 -14.73
C ILE A 1308 -12.61 -38.53 -13.32
N ARG A 1309 -13.01 -37.56 -12.49
CA ARG A 1309 -13.43 -37.87 -11.12
C ARG A 1309 -14.69 -38.71 -11.07
N PRO A 1310 -15.75 -38.41 -11.83
CA PRO A 1310 -16.94 -39.28 -11.83
C PRO A 1310 -16.69 -40.65 -12.43
N GLN A 1311 -15.77 -40.75 -13.39
CA GLN A 1311 -15.39 -42.05 -13.92
C GLN A 1311 -14.58 -42.85 -12.89
N LEU A 1312 -13.82 -42.14 -12.04
CA LEU A 1312 -13.05 -42.80 -10.99
C LEU A 1312 -13.96 -43.40 -9.92
N ASP A 1313 -14.98 -42.67 -9.51
CA ASP A 1313 -15.85 -43.09 -8.42
C ASP A 1313 -17.05 -43.87 -8.95
N ALA A 1324 -7.79 -48.07 -13.55
CA ALA A 1324 -7.62 -47.48 -12.23
C ALA A 1324 -6.27 -46.78 -12.12
N MET A 1325 -5.19 -47.54 -12.39
CA MET A 1325 -3.85 -46.98 -12.40
C MET A 1325 -3.66 -45.95 -13.52
N LYS A 1326 -4.08 -46.31 -14.73
CA LYS A 1326 -3.97 -45.46 -15.93
C LYS A 1326 -4.75 -44.17 -15.76
N LEU A 1327 -5.95 -44.27 -15.18
CA LEU A 1327 -6.81 -43.13 -14.89
C LEU A 1327 -6.16 -42.20 -13.87
N GLN A 1328 -5.47 -42.76 -12.87
CA GLN A 1328 -4.91 -41.93 -11.80
C GLN A 1328 -3.70 -41.14 -12.27
N ARG A 1329 -2.98 -41.62 -13.29
CA ARG A 1329 -1.89 -40.82 -13.85
C ARG A 1329 -2.43 -39.65 -14.63
N GLU A 1330 -3.59 -39.82 -15.29
CA GLU A 1330 -4.21 -38.72 -16.02
C GLU A 1330 -4.75 -37.66 -15.07
N PHE A 1331 -5.44 -38.09 -14.01
CA PHE A 1331 -6.00 -37.16 -13.04
C PHE A 1331 -4.96 -36.49 -12.16
N ASP A 1332 -3.72 -36.98 -12.17
CA ASP A 1332 -2.61 -36.30 -11.51
C ASP A 1332 -1.87 -35.36 -12.43
N GLU A 1333 -1.97 -35.55 -13.75
CA GLU A 1333 -1.27 -34.73 -14.72
C GLU A 1333 -2.17 -33.72 -15.42
N LEU A 1334 -3.49 -33.93 -15.42
CA LEU A 1334 -4.38 -32.86 -15.87
C LEU A 1334 -4.51 -31.80 -14.79
N LYS A 1335 -4.46 -32.21 -13.54
CA LYS A 1335 -4.63 -31.30 -12.41
C LYS A 1335 -3.35 -30.50 -12.09
N ARG A 1336 -2.17 -30.92 -12.57
CA ARG A 1336 -0.96 -30.13 -12.36
C ARG A 1336 -0.88 -28.94 -13.31
N ARG A 1337 -1.49 -29.05 -14.50
CA ARG A 1337 -1.52 -27.92 -15.41
C ARG A 1337 -2.54 -26.87 -14.97
N GLN A 1338 -3.60 -27.30 -14.28
CA GLN A 1338 -4.53 -26.37 -13.66
C GLN A 1338 -3.85 -25.62 -12.52
N ALA A 1339 -2.94 -26.29 -11.80
CA ALA A 1339 -2.07 -25.60 -10.87
C ALA A 1339 -1.09 -24.68 -11.59
N HIS A 1340 -0.64 -25.07 -12.79
CA HIS A 1340 0.35 -24.28 -13.51
C HIS A 1340 -0.28 -23.04 -14.13
N ILE A 1341 -1.49 -23.20 -14.69
CA ILE A 1341 -2.18 -22.08 -15.33
C ILE A 1341 -2.67 -21.08 -14.30
N GLY A 1342 -3.17 -21.59 -13.16
CA GLY A 1342 -3.66 -20.69 -12.10
C GLY A 1342 -2.55 -19.90 -11.44
N ALA A 1343 -1.33 -20.42 -11.48
CA ALA A 1343 -0.18 -19.61 -11.06
C ALA A 1343 0.16 -18.55 -12.10
N LYS A 1344 -0.04 -18.86 -13.39
CA LYS A 1344 0.24 -17.90 -14.44
C LYS A 1344 -0.84 -16.82 -14.52
N ILE A 1345 -2.07 -17.15 -14.12
CA ILE A 1345 -3.14 -16.14 -14.06
C ILE A 1345 -2.84 -15.12 -12.97
N ASP A 1346 -2.43 -15.59 -11.80
CA ASP A 1346 -2.11 -14.69 -10.70
C ASP A 1346 -0.82 -13.91 -10.96
N ALA A 1347 0.10 -14.47 -11.74
CA ALA A 1347 1.32 -13.75 -12.09
C ALA A 1347 1.05 -12.66 -13.13
N ASP A 1348 -0.05 -12.79 -13.89
CA ASP A 1348 -0.42 -11.74 -14.83
C ASP A 1348 -0.88 -10.48 -14.11
N LYS A 1349 -1.61 -10.64 -13.01
CA LYS A 1349 -2.03 -9.48 -12.21
C LYS A 1349 -0.86 -8.86 -11.47
N ALA A 1350 0.08 -9.68 -11.00
CA ALA A 1350 1.24 -9.17 -10.27
C ALA A 1350 2.21 -8.44 -11.19
N SER A 1351 2.16 -8.67 -12.50
CA SER A 1351 3.02 -7.96 -13.43
C SER A 1351 2.56 -6.53 -13.69
N GLY A 1352 1.35 -6.17 -13.26
CA GLY A 1352 0.87 -4.81 -13.46
C GLY A 1352 1.56 -3.80 -12.58
N ASN A 1353 2.16 -4.24 -11.48
CA ASN A 1353 2.97 -3.34 -10.66
C ASN A 1353 4.24 -2.92 -11.40
N THR A 1354 4.80 -3.81 -12.22
CA THR A 1354 6.00 -3.47 -12.98
C THR A 1354 5.68 -2.47 -14.08
N TYR A 1355 4.50 -2.59 -14.70
CA TYR A 1355 4.13 -1.61 -15.71
C TYR A 1355 3.76 -0.28 -15.08
N ALA A 1356 3.24 -0.30 -13.84
CA ALA A 1356 2.81 0.93 -13.19
C ALA A 1356 3.99 1.76 -12.70
N ARG A 1357 5.07 1.09 -12.28
CA ARG A 1357 6.23 1.86 -11.83
C ARG A 1357 6.96 2.49 -13.00
N GLU A 1358 7.18 1.73 -14.09
CA GLU A 1358 7.94 2.26 -15.23
C GLU A 1358 7.18 3.33 -16.00
N THR A 1359 5.86 3.42 -15.82
CA THR A 1359 5.12 4.55 -16.35
C THR A 1359 5.49 5.84 -15.62
N GLU A 1360 5.81 5.72 -14.32
CA GLU A 1360 6.07 6.90 -13.50
C GLU A 1360 7.43 7.54 -13.83
N ILE A 1361 8.49 6.74 -14.05
CA ILE A 1361 9.78 7.37 -14.39
C ILE A 1361 9.72 8.04 -15.76
N LYS A 1362 8.88 7.55 -16.67
CA LYS A 1362 8.73 8.27 -17.95
C LYS A 1362 8.02 9.60 -17.76
N ARG A 1363 7.13 9.69 -16.77
CA ARG A 1363 6.40 10.93 -16.54
C ARG A 1363 7.29 12.01 -15.94
N ARG A 1364 8.19 11.63 -15.02
CA ARG A 1364 9.06 12.62 -14.41
C ARG A 1364 10.15 13.09 -15.36
N GLN A 1365 10.44 12.30 -16.40
CA GLN A 1365 11.43 12.71 -17.40
C GLN A 1365 10.79 13.50 -18.53
N ILE A 1366 9.54 13.18 -18.89
CA ILE A 1366 8.83 13.94 -19.92
C ILE A 1366 8.50 15.34 -19.39
N GLN A 1367 8.14 15.44 -18.11
CA GLN A 1367 7.83 16.73 -17.50
C GLN A 1367 9.05 17.64 -17.45
N GLN A 1368 10.22 17.07 -17.13
CA GLN A 1368 11.42 17.88 -16.95
C GLN A 1368 11.93 18.43 -18.28
N GLU A 1369 11.71 17.70 -19.37
CA GLU A 1369 12.08 18.20 -20.69
C GLU A 1369 11.19 19.36 -21.11
N ILE A 1370 9.89 19.27 -20.84
CA ILE A 1370 8.94 20.32 -21.23
C ILE A 1370 9.18 21.59 -20.41
N LEU A 1371 9.53 21.43 -19.13
CA LEU A 1371 9.78 22.58 -18.26
C LEU A 1371 11.05 23.35 -18.58
N ASP A 1372 11.90 22.82 -19.48
CA ASP A 1372 13.09 23.54 -19.91
C ASP A 1372 12.98 24.14 -21.30
N LYS A 1373 12.12 23.57 -22.16
CA LYS A 1373 11.93 24.15 -23.49
C LYS A 1373 11.12 25.43 -23.42
N ALA A 1374 10.23 25.55 -22.44
CA ALA A 1374 9.31 26.68 -22.36
C ALA A 1374 10.05 27.96 -21.95
N GLN A 1375 9.66 29.07 -22.56
CA GLN A 1375 10.29 30.35 -22.31
C GLN A 1375 9.58 31.17 -21.24
N VAL A 1376 8.24 31.16 -21.22
CA VAL A 1376 7.48 31.80 -20.17
C VAL A 1376 6.47 30.79 -19.63
N LEU A 1377 6.16 30.92 -18.33
CA LEU A 1377 5.34 29.97 -17.60
C LEU A 1377 4.39 30.75 -16.71
N CYS A 1378 3.09 30.41 -16.77
CA CYS A 1378 2.08 31.21 -16.06
C CYS A 1378 1.18 30.33 -15.21
N ALA A 1379 0.83 30.82 -14.03
CA ALA A 1379 0.07 30.04 -13.05
C ALA A 1379 -0.70 30.97 -12.12
N THR A 1380 -1.51 30.35 -11.26
CA THR A 1380 -2.17 31.09 -10.19
C THR A 1380 -1.23 31.22 -9.00
N LEU A 1381 -1.70 31.96 -7.98
CA LEU A 1381 -0.91 32.08 -6.77
C LEU A 1381 -0.91 30.78 -5.97
N SER A 1382 -2.05 30.09 -5.93
CA SER A 1382 -2.13 28.84 -5.19
C SER A 1382 -1.64 27.65 -5.99
N GLY A 1383 -1.87 27.66 -7.31
CA GLY A 1383 -1.50 26.50 -8.13
C GLY A 1383 0.00 26.35 -8.31
N SER A 1384 0.75 27.42 -8.14
CA SER A 1384 2.21 27.37 -8.30
C SER A 1384 2.89 26.72 -7.11
N GLY A 1385 2.19 26.49 -6.01
CA GLY A 1385 2.78 25.84 -4.86
C GLY A 1385 2.44 24.39 -4.74
N HIS A 1386 2.36 23.71 -5.90
CA HIS A 1386 2.01 22.30 -5.95
C HIS A 1386 3.08 21.45 -5.28
N GLU A 1387 2.67 20.29 -4.78
CA GLU A 1387 3.59 19.36 -4.15
C GLU A 1387 4.50 18.65 -5.13
N MET A 1388 4.18 18.69 -6.43
CA MET A 1388 4.97 17.98 -7.43
C MET A 1388 6.25 18.71 -7.83
N PHE A 1389 6.40 19.99 -7.46
CA PHE A 1389 7.58 20.75 -7.82
C PHE A 1389 8.72 20.59 -6.84
N LYS A 1390 8.54 19.77 -5.80
CA LYS A 1390 9.65 19.50 -4.88
C LYS A 1390 10.66 18.52 -5.48
N ASN A 1391 10.18 17.52 -6.21
CA ASN A 1391 11.04 16.50 -6.80
C ASN A 1391 11.51 16.85 -8.20
N LEU A 1392 11.04 17.94 -8.77
CA LEU A 1392 11.45 18.38 -10.09
C LEU A 1392 12.53 19.45 -9.99
N ASN A 1393 13.12 19.78 -11.13
CA ASN A 1393 14.18 20.78 -11.22
C ASN A 1393 13.61 22.02 -11.89
N VAL A 1394 13.24 23.01 -11.08
CA VAL A 1394 12.71 24.28 -11.56
C VAL A 1394 13.39 25.40 -10.79
N GLU A 1395 13.59 26.53 -11.46
CA GLU A 1395 14.10 27.73 -10.80
C GLU A 1395 13.57 28.93 -11.56
N PHE A 1396 12.66 29.68 -10.94
CA PHE A 1396 12.05 30.87 -11.52
C PHE A 1396 12.63 32.08 -10.80
N GLU A 1397 13.57 32.76 -11.46
CA GLU A 1397 14.28 33.87 -10.82
C GLU A 1397 13.50 35.17 -10.81
N THR A 1398 12.40 35.26 -11.58
CA THR A 1398 11.62 36.49 -11.65
C THR A 1398 10.14 36.15 -11.75
N VAL A 1399 9.36 36.67 -10.81
CA VAL A 1399 7.92 36.41 -10.74
C VAL A 1399 7.18 37.73 -10.94
N ILE A 1400 6.11 37.69 -11.73
CA ILE A 1400 5.26 38.85 -11.98
C ILE A 1400 3.85 38.51 -11.51
N ILE A 1401 3.32 39.32 -10.60
CA ILE A 1401 2.00 39.11 -10.02
C ILE A 1401 1.08 40.23 -10.47
N ASP A 1402 0.04 39.88 -11.21
CA ASP A 1402 -1.04 40.80 -11.55
C ASP A 1402 -2.18 40.62 -10.57
N GLU A 1403 -2.90 41.72 -10.32
CA GLU A 1403 -3.96 41.81 -9.29
C GLU A 1403 -3.44 41.40 -7.92
N ALA A 1404 -2.27 41.94 -7.55
CA ALA A 1404 -1.63 41.57 -6.30
C ALA A 1404 -2.31 42.17 -5.07
N ALA A 1405 -3.21 43.15 -5.26
CA ALA A 1405 -3.88 43.80 -4.16
C ALA A 1405 -5.34 43.37 -4.01
N GLN A 1406 -5.71 42.24 -4.59
CA GLN A 1406 -7.04 41.68 -4.45
C GLN A 1406 -6.95 40.24 -3.97
N CYS A 1407 -6.09 40.00 -3.00
CA CYS A 1407 -5.87 38.68 -2.43
C CYS A 1407 -5.30 38.84 -1.02
N VAL A 1408 -5.34 37.75 -0.26
CA VAL A 1408 -4.84 37.75 1.11
C VAL A 1408 -3.30 37.77 1.09
N GLU A 1409 -2.71 38.20 2.21
CA GLU A 1409 -1.27 38.40 2.28
C GLU A 1409 -0.47 37.11 2.18
N LEU A 1410 -1.01 36.01 2.69
CA LEU A 1410 -0.29 34.74 2.67
C LEU A 1410 -0.43 34.01 1.35
N SER A 1411 -1.22 34.52 0.41
CA SER A 1411 -1.31 33.94 -0.93
C SER A 1411 -0.19 34.42 -1.84
N ALA A 1412 0.27 35.67 -1.68
CA ALA A 1412 1.33 36.21 -2.52
C ALA A 1412 2.72 35.74 -2.11
N LEU A 1413 2.84 35.03 -0.99
CA LEU A 1413 4.11 34.48 -0.54
C LEU A 1413 4.35 33.06 -1.02
N ILE A 1414 3.46 32.54 -1.87
CA ILE A 1414 3.62 31.17 -2.37
C ILE A 1414 4.71 31.08 -3.43
N PRO A 1415 4.66 31.81 -4.64
CA PRO A 1415 5.66 31.54 -5.69
C PRO A 1415 6.96 32.31 -5.53
N LEU A 1416 7.47 32.37 -4.31
CA LEU A 1416 8.75 33.00 -4.04
C LEU A 1416 9.77 32.03 -3.50
N LYS A 1417 9.44 30.74 -3.43
CA LYS A 1417 10.37 29.74 -2.91
C LYS A 1417 11.45 29.37 -3.92
N TYR A 1418 11.17 29.51 -5.22
CA TYR A 1418 12.06 29.00 -6.26
C TYR A 1418 13.17 29.99 -6.60
N GLY A 1419 13.87 30.52 -5.60
CA GLY A 1419 15.01 31.39 -5.86
C GLY A 1419 14.68 32.71 -6.52
N CYS A 1420 13.47 33.22 -6.32
CA CYS A 1420 13.10 34.50 -6.92
C CYS A 1420 13.79 35.64 -6.19
N ASN A 1421 14.41 36.55 -6.95
CA ASN A 1421 15.05 37.72 -6.37
C ASN A 1421 14.54 39.02 -6.97
N LYS A 1422 13.48 38.97 -7.79
CA LYS A 1422 12.92 40.18 -8.40
C LYS A 1422 11.45 39.94 -8.66
N CYS A 1423 10.59 40.60 -7.89
CA CYS A 1423 9.15 40.46 -8.02
C CYS A 1423 8.53 41.83 -8.28
N ILE A 1424 7.55 41.86 -9.18
CA ILE A 1424 6.86 43.09 -9.55
C ILE A 1424 5.41 42.94 -9.11
N LEU A 1425 4.99 43.79 -8.17
CA LEU A 1425 3.63 43.75 -7.63
C LEU A 1425 2.79 44.82 -8.32
N VAL A 1426 1.78 44.40 -9.06
CA VAL A 1426 0.86 45.28 -9.78
C VAL A 1426 -0.56 44.97 -9.31
N GLY A 1427 -1.33 46.01 -9.01
CA GLY A 1427 -2.70 45.78 -8.59
C GLY A 1427 -3.58 46.99 -8.38
N ASP A 1428 -4.37 46.95 -7.31
CA ASP A 1428 -5.37 47.99 -7.03
C ASP A 1428 -5.56 48.08 -5.52
N PRO A 1429 -4.78 48.92 -4.83
CA PRO A 1429 -4.89 49.00 -3.35
C PRO A 1429 -6.21 49.56 -2.86
N LYS A 1430 -6.98 50.20 -3.73
CA LYS A 1430 -8.38 50.58 -3.53
C LYS A 1430 -9.28 49.36 -3.75
N GLN A 1431 -10.54 49.60 -4.18
CA GLN A 1431 -11.71 48.71 -4.28
C GLN A 1431 -12.42 48.63 -2.94
N LEU A 1432 -12.02 49.48 -2.01
CA LEU A 1432 -12.74 49.66 -0.75
C LEU A 1432 -12.90 51.15 -0.50
N PRO A 1433 -14.07 51.61 -0.10
CA PRO A 1433 -14.28 53.03 0.20
C PRO A 1433 -13.54 53.45 1.45
N PRO A 1434 -13.25 54.75 1.62
CA PRO A 1434 -12.49 55.20 2.80
C PRO A 1434 -13.15 54.93 4.14
N THR A 1435 -14.48 54.84 4.20
CA THR A 1435 -15.14 54.44 5.43
C THR A 1435 -14.95 52.97 5.74
N VAL A 1436 -14.60 52.16 4.73
CA VAL A 1436 -14.34 50.74 4.94
C VAL A 1436 -12.84 50.43 4.95
N LEU A 1437 -12.01 51.25 4.31
CA LEU A 1437 -10.57 51.00 4.27
C LEU A 1437 -9.92 51.12 5.66
N SER A 1438 -10.32 52.12 6.44
CA SER A 1438 -9.75 52.32 7.75
C SER A 1438 -10.32 51.33 8.76
N TYR A 1444 -12.26 44.17 10.49
CA TYR A 1444 -11.74 43.10 9.65
C TYR A 1444 -10.24 42.91 9.90
N GLY A 1445 -9.43 43.25 8.90
CA GLY A 1445 -7.99 43.17 9.01
C GLY A 1445 -7.44 41.77 8.80
N TYR A 1446 -8.31 40.82 8.47
CA TYR A 1446 -7.86 39.45 8.24
C TYR A 1446 -7.42 39.21 6.81
N ASP A 1447 -7.85 40.05 5.86
CA ASP A 1447 -7.40 39.95 4.48
C ASP A 1447 -7.26 41.35 3.89
N GLN A 1448 -6.06 41.93 4.00
CA GLN A 1448 -5.89 43.18 3.27
C GLN A 1448 -5.21 42.96 1.91
N SER A 1449 -3.88 42.73 1.92
CA SER A 1449 -3.03 42.48 0.76
C SER A 1449 -1.59 42.36 1.23
N LEU A 1450 -0.67 42.03 0.32
CA LEU A 1450 0.74 42.37 0.51
C LEU A 1450 1.06 43.75 -0.04
N PHE A 1451 0.34 44.16 -1.09
CA PHE A 1451 0.49 45.48 -1.70
C PHE A 1451 0.08 46.59 -0.72
N VAL A 1452 -1.04 46.41 -0.02
CA VAL A 1452 -1.63 47.47 0.80
C VAL A 1452 -0.73 47.80 2.00
N ARG A 1453 -0.06 46.79 2.56
CA ARG A 1453 0.89 47.02 3.65
C ARG A 1453 2.09 47.84 3.20
N MET A 1454 2.62 47.55 2.01
CA MET A 1454 3.74 48.33 1.49
C MET A 1454 3.30 49.73 1.07
N GLN A 1455 2.08 49.87 0.57
CA GLN A 1455 1.56 51.17 0.19
C GLN A 1455 1.34 52.06 1.40
N LYS A 1456 0.86 51.48 2.50
CA LYS A 1456 0.69 52.24 3.73
C LYS A 1456 2.02 52.45 4.44
N ASN A 1457 3.04 51.65 4.13
CA ASN A 1457 4.36 51.87 4.72
C ASN A 1457 5.22 52.81 3.87
N HIS A 1458 5.28 52.58 2.56
CA HIS A 1458 6.10 53.38 1.64
C HIS A 1458 5.23 53.84 0.49
N PRO A 1459 4.51 54.95 0.64
CA PRO A 1459 3.68 55.47 -0.46
C PRO A 1459 4.42 56.39 -1.42
N LYS A 1460 5.69 56.72 -1.15
CA LYS A 1460 6.43 57.66 -1.98
C LYS A 1460 6.98 57.00 -3.24
N ASP A 1461 7.04 55.68 -3.31
CA ASP A 1461 7.65 54.99 -4.44
C ASP A 1461 6.70 54.07 -5.19
N VAL A 1462 5.45 54.50 -5.35
CA VAL A 1462 4.42 53.69 -5.99
C VAL A 1462 4.05 54.36 -7.32
N HIS A 1463 4.16 53.60 -8.41
CA HIS A 1463 3.89 54.12 -9.75
C HIS A 1463 2.39 54.31 -9.93
N LEU A 1464 1.93 55.54 -9.78
CA LEU A 1464 0.51 55.85 -9.90
C LEU A 1464 0.14 56.02 -11.37
N LEU A 1465 -0.96 55.39 -11.79
CA LEU A 1465 -1.49 55.57 -13.13
C LEU A 1465 -2.90 56.17 -13.00
N ASP A 1466 -3.04 57.45 -13.36
CA ASP A 1466 -4.29 58.16 -13.16
C ASP A 1466 -5.19 58.18 -14.38
N MET A 1467 -4.69 57.77 -15.54
CA MET A 1467 -5.50 57.75 -16.76
C MET A 1467 -6.32 56.48 -16.84
N GLN A 1468 -7.33 56.49 -17.71
CA GLN A 1468 -8.10 55.27 -17.99
C GLN A 1468 -8.45 55.26 -19.46
N TYR A 1469 -8.59 54.06 -20.02
CA TYR A 1469 -8.75 53.96 -21.47
C TYR A 1469 -9.80 52.95 -21.92
N ARG A 1470 -10.80 52.66 -21.10
CA ARG A 1470 -11.98 51.96 -21.62
C ARG A 1470 -13.31 52.57 -21.22
N MET A 1471 -13.46 53.14 -20.03
CA MET A 1471 -14.77 53.46 -19.48
C MET A 1471 -15.29 54.77 -20.06
N HIS A 1472 -16.59 54.79 -20.36
CA HIS A 1472 -17.31 56.00 -20.67
C HIS A 1472 -17.29 56.94 -19.46
N PRO A 1473 -17.35 58.28 -19.69
CA PRO A 1473 -17.34 59.22 -18.55
C PRO A 1473 -18.42 59.04 -17.49
N GLU A 1474 -19.56 58.41 -17.80
CA GLU A 1474 -20.54 58.15 -16.76
C GLU A 1474 -20.14 56.95 -15.90
N ILE A 1475 -19.74 55.86 -16.56
CA ILE A 1475 -19.26 54.66 -15.89
C ILE A 1475 -17.90 54.92 -15.24
N SER A 1476 -17.20 55.96 -15.67
CA SER A 1476 -16.00 56.40 -14.96
C SER A 1476 -16.26 57.53 -13.99
N ARG A 1477 -17.46 58.13 -13.97
CA ARG A 1477 -17.69 59.26 -13.09
C ARG A 1477 -18.40 58.86 -11.80
N PHE A 1478 -19.24 57.82 -11.82
CA PHE A 1478 -19.86 57.49 -10.54
C PHE A 1478 -18.99 56.62 -9.61
N PRO A 1479 -18.32 55.53 -10.04
CA PRO A 1479 -17.46 54.83 -9.07
C PRO A 1479 -16.14 55.53 -8.84
N SER A 1480 -15.83 56.59 -9.57
CA SER A 1480 -14.77 57.49 -9.16
C SER A 1480 -15.16 58.12 -7.84
N LYS A 1481 -16.21 58.96 -7.85
CA LYS A 1481 -16.57 59.72 -6.65
C LYS A 1481 -17.04 58.83 -5.52
N GLU A 1482 -17.47 57.59 -5.82
CA GLU A 1482 -17.67 56.64 -4.74
C GLU A 1482 -16.37 56.05 -4.21
N PHE A 1483 -15.36 55.80 -5.07
CA PHE A 1483 -14.15 55.11 -4.64
C PHE A 1483 -12.88 55.92 -4.86
N TYR A 1484 -12.68 56.50 -6.04
CA TYR A 1484 -11.41 57.12 -6.43
C TYR A 1484 -11.59 58.64 -6.44
N GLU A 1485 -10.93 59.35 -5.51
CA GLU A 1485 -11.37 60.67 -5.07
C GLU A 1485 -11.22 61.77 -6.11
N GLY A 1486 -11.96 61.67 -7.22
CA GLY A 1486 -11.90 62.65 -8.28
C GLY A 1486 -10.58 62.72 -9.01
N LEU A 1487 -9.72 61.71 -8.86
CA LEU A 1487 -8.39 61.72 -9.45
C LEU A 1487 -8.28 60.85 -10.69
N LEU A 1488 -9.24 59.96 -10.91
CA LEU A 1488 -9.26 59.16 -12.13
C LEU A 1488 -9.69 60.06 -13.28
N GLN A 1489 -8.72 60.52 -14.05
CA GLN A 1489 -9.00 61.40 -15.19
C GLN A 1489 -9.21 60.55 -16.44
N ASP A 1490 -10.17 60.96 -17.25
CA ASP A 1490 -10.50 60.21 -18.45
C ASP A 1490 -9.44 60.43 -19.52
N GLY A 1491 -9.47 59.56 -20.53
CA GLY A 1491 -8.53 59.67 -21.62
C GLY A 1491 -8.87 60.81 -22.57
N ALA A 1492 -7.98 61.02 -23.53
CA ALA A 1492 -8.19 62.07 -24.52
C ALA A 1492 -9.29 61.68 -25.49
N ASP A 1493 -10.21 62.63 -25.74
CA ASP A 1493 -11.41 62.56 -26.58
C ASP A 1493 -12.19 61.25 -26.49
N MET A 1494 -12.36 60.73 -25.27
CA MET A 1494 -12.98 59.41 -25.14
C MET A 1494 -14.49 59.43 -25.28
N ALA A 1495 -15.11 60.60 -25.26
CA ALA A 1495 -16.54 60.68 -25.53
C ALA A 1495 -16.82 60.30 -26.98
N ARG A 1496 -15.93 60.69 -27.90
CA ARG A 1496 -16.13 60.37 -29.30
C ARG A 1496 -15.80 58.91 -29.60
N LEU A 1497 -14.86 58.32 -28.86
CA LEU A 1497 -14.48 56.94 -29.12
C LEU A 1497 -15.56 55.94 -28.69
N ARG A 1498 -16.39 56.30 -27.71
CA ARG A 1498 -17.38 55.40 -27.14
C ARG A 1498 -18.77 55.57 -27.76
N LEU A 1499 -18.83 56.06 -28.99
CA LEU A 1499 -20.10 56.38 -29.65
C LEU A 1499 -20.52 55.19 -30.49
N GLN A 1500 -21.45 54.45 -29.86
CA GLN A 1500 -22.11 53.32 -30.54
C GLN A 1500 -23.57 53.74 -30.59
N PRO A 1501 -24.41 53.23 -31.49
CA PRO A 1501 -25.78 53.74 -31.64
C PRO A 1501 -26.62 53.72 -30.37
N TRP A 1502 -27.05 52.54 -29.97
CA TRP A 1502 -27.93 52.36 -28.78
C TRP A 1502 -27.98 53.58 -27.83
N HIS A 1503 -26.86 54.20 -27.45
CA HIS A 1503 -27.02 55.37 -26.58
C HIS A 1503 -27.93 56.45 -27.19
N GLN A 1504 -28.53 56.18 -28.36
CA GLN A 1504 -29.52 57.11 -28.89
C GLN A 1504 -30.79 57.15 -28.04
N SER A 1505 -31.09 56.05 -27.33
CA SER A 1505 -32.22 56.02 -26.42
C SER A 1505 -31.77 56.42 -25.02
N VAL A 1506 -32.59 57.22 -24.34
CA VAL A 1506 -32.26 57.66 -22.99
C VAL A 1506 -32.40 56.49 -22.01
N LEU A 1507 -33.31 55.56 -22.28
CA LEU A 1507 -33.50 54.43 -21.40
C LEU A 1507 -32.40 53.39 -21.55
N LEU A 1508 -31.75 53.35 -22.71
CA LEU A 1508 -30.69 52.39 -23.00
C LEU A 1508 -29.34 53.08 -23.18
N GLY A 1509 -29.06 54.08 -22.33
CA GLY A 1509 -27.83 54.81 -22.44
C GLY A 1509 -26.66 54.07 -21.83
N PRO A 1510 -25.52 54.76 -21.71
CA PRO A 1510 -24.35 54.14 -21.06
C PRO A 1510 -24.56 53.79 -19.60
N TYR A 1511 -25.42 54.53 -18.89
CA TYR A 1511 -25.65 54.31 -17.47
C TYR A 1511 -27.13 54.49 -17.19
N ARG A 1512 -27.73 53.51 -16.52
CA ARG A 1512 -29.10 53.63 -16.02
C ARG A 1512 -29.33 52.59 -14.92
N PHE A 1513 -29.84 53.05 -13.78
CA PHE A 1513 -30.25 52.16 -12.69
C PHE A 1513 -31.70 51.77 -12.93
N PHE A 1514 -31.97 50.47 -12.92
CA PHE A 1514 -33.32 49.95 -13.00
C PHE A 1514 -33.80 49.53 -11.62
N ASP A 1515 -35.04 49.88 -11.30
CA ASP A 1515 -35.61 49.56 -9.99
C ASP A 1515 -36.83 48.66 -10.17
N VAL A 1516 -36.77 47.46 -9.61
CA VAL A 1516 -37.87 46.52 -9.70
C VAL A 1516 -39.04 46.95 -8.81
N SER A 1528 -33.45 34.63 -0.22
CA SER A 1528 -32.54 33.51 -0.02
C SER A 1528 -31.62 33.34 -1.22
N LEU A 1529 -31.05 34.47 -1.66
CA LEU A 1529 -30.08 34.55 -2.76
C LEU A 1529 -30.63 33.98 -4.07
N VAL A 1530 -31.90 34.26 -4.36
CA VAL A 1530 -32.50 33.78 -5.60
C VAL A 1530 -33.01 34.94 -6.45
N ASN A 1531 -34.03 35.66 -5.95
CA ASN A 1531 -34.55 36.94 -6.46
C ASN A 1531 -34.92 36.80 -7.94
N GLU A 1532 -36.01 36.07 -8.18
CA GLU A 1532 -36.47 35.82 -9.55
C GLU A 1532 -36.93 37.09 -10.28
N GLU A 1533 -37.27 38.15 -9.53
CA GLU A 1533 -37.69 39.41 -10.15
C GLU A 1533 -36.58 40.04 -10.97
N GLU A 1534 -35.34 39.99 -10.47
CA GLU A 1534 -34.20 40.47 -11.26
C GLU A 1534 -33.94 39.61 -12.48
N VAL A 1535 -34.26 38.31 -12.39
CA VAL A 1535 -34.13 37.43 -13.55
C VAL A 1535 -35.09 37.85 -14.65
N LYS A 1536 -36.35 38.15 -14.28
CA LYS A 1536 -37.33 38.58 -15.27
C LYS A 1536 -36.99 39.96 -15.83
N VAL A 1537 -36.46 40.85 -14.98
CA VAL A 1537 -36.09 42.19 -15.44
C VAL A 1537 -34.90 42.13 -16.40
N ALA A 1538 -33.90 41.29 -16.10
CA ALA A 1538 -32.76 41.09 -17.01
C ALA A 1538 -33.21 40.47 -18.33
N MET A 1539 -34.14 39.51 -18.25
CA MET A 1539 -34.69 38.90 -19.46
C MET A 1539 -35.42 39.92 -20.31
N GLN A 1540 -36.19 40.81 -19.68
CA GLN A 1540 -36.91 41.85 -20.41
C GLN A 1540 -35.95 42.87 -21.02
N LEU A 1541 -34.88 43.21 -20.31
CA LEU A 1541 -33.90 44.16 -20.83
C LEU A 1541 -33.17 43.60 -22.04
N TYR A 1542 -32.76 42.32 -21.96
CA TYR A 1542 -32.09 41.69 -23.10
C TYR A 1542 -33.05 41.48 -24.28
N MET A 1543 -34.32 41.19 -23.98
CA MET A 1543 -35.32 41.07 -25.04
C MET A 1543 -35.56 42.39 -25.73
N ARG A 1544 -35.58 43.49 -24.96
CA ARG A 1544 -35.72 44.82 -25.55
C ARG A 1544 -34.52 45.18 -26.43
N PHE A 1545 -33.30 44.87 -25.96
CA PHE A 1545 -32.12 45.16 -26.76
C PHE A 1545 -32.07 44.30 -28.02
N ARG A 1546 -32.55 43.06 -27.94
CA ARG A 1546 -32.58 42.20 -29.12
C ARG A 1546 -33.66 42.67 -30.11
N SER A 1547 -34.79 43.16 -29.59
CA SER A 1547 -35.85 43.66 -30.45
C SER A 1547 -35.44 44.95 -31.16
N ASP A 1548 -34.75 45.84 -30.44
CA ASP A 1548 -34.29 47.09 -31.04
C ASP A 1548 -33.13 46.84 -32.01
N THR A 1555 -21.72 39.59 -29.98
CA THR A 1555 -20.80 38.47 -29.89
C THR A 1555 -19.53 38.88 -29.14
N GLY A 1556 -19.40 38.41 -27.90
CA GLY A 1556 -18.25 38.73 -27.09
C GLY A 1556 -18.25 40.12 -26.49
N LYS A 1557 -19.37 40.85 -26.58
CA LYS A 1557 -19.46 42.20 -26.06
C LYS A 1557 -20.60 42.37 -25.05
N ILE A 1558 -21.41 41.35 -24.82
CA ILE A 1558 -22.53 41.41 -23.88
C ILE A 1558 -22.25 40.43 -22.76
N GLY A 1559 -22.27 40.92 -21.53
CA GLY A 1559 -22.07 40.07 -20.37
C GLY A 1559 -23.11 40.35 -19.31
N ILE A 1560 -23.49 39.28 -18.59
CA ILE A 1560 -24.46 39.36 -17.51
C ILE A 1560 -23.80 38.83 -16.25
N ILE A 1561 -23.83 39.63 -15.18
CA ILE A 1561 -23.07 39.37 -13.97
C ILE A 1561 -23.99 39.38 -12.76
N THR A 1562 -23.94 38.30 -11.99
CA THR A 1562 -24.55 38.13 -10.68
C THR A 1562 -23.46 37.86 -9.66
N PRO A 1563 -23.58 38.37 -8.43
CA PRO A 1563 -22.54 38.15 -7.43
C PRO A 1563 -22.64 36.84 -6.66
N TYR A 1564 -23.77 36.13 -6.75
CA TYR A 1564 -24.01 34.92 -5.98
C TYR A 1564 -24.21 33.74 -6.92
N LYS A 1565 -23.78 32.56 -6.45
CA LYS A 1565 -23.78 31.36 -7.29
C LYS A 1565 -25.19 30.84 -7.55
N ALA A 1566 -26.11 31.05 -6.61
CA ALA A 1566 -27.47 30.56 -6.78
C ALA A 1566 -28.23 31.36 -7.85
N GLN A 1567 -28.13 32.69 -7.80
CA GLN A 1567 -28.72 33.51 -8.86
C GLN A 1567 -28.01 33.30 -10.19
N LEU A 1568 -26.70 32.99 -10.17
CA LEU A 1568 -26.00 32.60 -11.39
C LEU A 1568 -26.61 31.33 -11.99
N GLN A 1569 -26.91 30.35 -11.14
CA GLN A 1569 -27.55 29.12 -11.59
C GLN A 1569 -28.95 29.38 -12.14
N ARG A 1570 -29.71 30.26 -11.49
CA ARG A 1570 -31.05 30.61 -11.99
C ARG A 1570 -30.99 31.36 -13.31
N LEU A 1571 -30.02 32.29 -13.45
CA LEU A 1571 -29.83 33.03 -14.69
C LEU A 1571 -29.47 32.10 -15.84
N ARG A 1572 -28.53 31.17 -15.59
CA ARG A 1572 -28.13 30.22 -16.61
C ARG A 1572 -29.27 29.29 -16.98
N GLN A 1573 -30.05 28.83 -15.99
CA GLN A 1573 -31.17 27.93 -16.26
C GLN A 1573 -32.25 28.61 -17.08
N LYS A 1574 -32.61 29.85 -16.72
CA LYS A 1574 -33.67 30.57 -17.43
C LYS A 1574 -33.22 30.96 -18.84
N PHE A 1575 -31.96 31.41 -18.99
CA PHE A 1575 -31.49 31.81 -20.31
C PHE A 1575 -31.28 30.61 -21.23
N VAL A 1576 -30.64 29.58 -20.70
CA VAL A 1576 -30.48 28.37 -21.52
C VAL A 1576 -31.89 27.92 -21.86
N GLU A 1577 -32.83 28.18 -20.96
CA GLU A 1577 -34.22 27.68 -21.16
C GLU A 1577 -34.82 28.17 -22.47
N ARG A 1578 -35.18 29.46 -22.57
CA ARG A 1578 -35.92 29.90 -23.79
C ARG A 1578 -34.95 30.41 -24.87
N TYR A 1579 -33.68 30.64 -24.53
CA TYR A 1579 -32.77 31.22 -25.54
C TYR A 1579 -31.75 30.16 -25.97
N GLY A 1580 -31.99 28.89 -25.61
CA GLY A 1580 -31.15 27.81 -26.06
C GLY A 1580 -29.77 27.82 -25.43
N GLU A 1581 -28.92 26.92 -25.93
CA GLU A 1581 -27.57 26.75 -25.41
C GLU A 1581 -26.53 27.60 -26.14
N SER A 1582 -26.90 28.31 -27.20
CA SER A 1582 -25.94 29.15 -27.91
C SER A 1582 -25.63 30.42 -27.14
N ILE A 1583 -26.48 30.82 -26.19
CA ILE A 1583 -26.25 32.03 -25.41
C ILE A 1583 -25.31 31.78 -24.24
N THR A 1584 -24.92 30.52 -24.02
CA THR A 1584 -23.89 30.23 -23.03
C THR A 1584 -22.54 30.80 -23.46
N GLU A 1585 -22.24 30.77 -24.75
CA GLU A 1585 -20.99 31.32 -25.28
C GLU A 1585 -21.17 32.73 -25.83
N GLN A 1586 -22.39 33.09 -26.23
CA GLN A 1586 -22.64 34.43 -26.76
C GLN A 1586 -22.57 35.47 -25.65
N ILE A 1587 -23.43 35.34 -24.64
CA ILE A 1587 -23.37 36.16 -23.44
C ILE A 1587 -22.63 35.37 -22.37
N GLU A 1588 -21.58 35.96 -21.81
CA GLU A 1588 -20.81 35.28 -20.79
C GLU A 1588 -21.55 35.40 -19.45
N PHE A 1589 -22.01 34.26 -18.93
CA PHE A 1589 -22.63 34.20 -17.61
C PHE A 1589 -21.58 33.76 -16.60
N ASN A 1590 -21.10 34.69 -15.79
CA ASN A 1590 -20.13 34.37 -14.77
C ASN A 1590 -20.32 35.32 -13.61
N THR A 1591 -19.78 34.95 -12.45
CA THR A 1591 -19.83 35.83 -11.30
C THR A 1591 -18.77 36.91 -11.42
N THR A 1592 -18.71 37.75 -10.40
CA THR A 1592 -17.64 38.73 -10.27
C THR A 1592 -16.30 38.09 -9.95
N ASP A 1593 -16.30 36.89 -9.38
CA ASP A 1593 -15.06 36.18 -9.07
C ASP A 1593 -14.51 35.40 -10.26
N ALA A 1594 -15.26 35.34 -11.35
CA ALA A 1594 -14.78 34.75 -12.60
C ALA A 1594 -14.71 35.77 -13.72
N PHE A 1595 -14.83 37.06 -13.39
CA PHE A 1595 -14.82 38.13 -14.38
C PHE A 1595 -13.83 39.21 -13.98
N GLN A 1596 -12.73 38.84 -13.35
CA GLN A 1596 -11.74 39.81 -12.92
C GLN A 1596 -10.72 40.05 -14.02
N GLY A 1597 -10.40 41.32 -14.23
CA GLY A 1597 -9.41 41.72 -15.21
C GLY A 1597 -9.90 41.80 -16.63
N ARG A 1598 -11.11 41.34 -16.94
CA ARG A 1598 -11.60 41.30 -18.30
C ARG A 1598 -12.56 42.45 -18.55
N GLU A 1599 -13.07 42.53 -19.78
CA GLU A 1599 -13.96 43.62 -20.16
C GLU A 1599 -14.87 43.20 -21.31
N CYS A 1600 -16.05 43.80 -21.35
CA CYS A 1600 -16.95 43.73 -22.50
C CYS A 1600 -17.58 45.10 -22.72
N GLU A 1601 -18.22 45.25 -23.88
CA GLU A 1601 -18.83 46.53 -24.23
C GLU A 1601 -20.10 46.79 -23.41
N ILE A 1602 -20.98 45.79 -23.29
CA ILE A 1602 -22.28 45.94 -22.64
C ILE A 1602 -22.31 44.98 -21.45
N ILE A 1603 -22.76 45.47 -20.27
CA ILE A 1603 -22.86 44.60 -19.11
C ILE A 1603 -24.23 44.82 -18.44
N ILE A 1604 -24.77 43.74 -17.88
CA ILE A 1604 -26.03 43.74 -17.16
C ILE A 1604 -25.71 43.19 -15.77
N PHE A 1605 -25.67 44.06 -14.77
CA PHE A 1605 -25.32 43.70 -13.40
C PHE A 1605 -26.61 43.54 -12.59
N SER A 1606 -26.75 42.40 -11.92
CA SER A 1606 -27.93 42.11 -11.11
C SER A 1606 -27.50 41.55 -9.77
N CYS A 1607 -27.53 42.38 -8.72
CA CYS A 1607 -27.15 41.98 -7.38
C CYS A 1607 -28.39 41.64 -6.56
N VAL A 1608 -28.27 40.61 -5.71
CA VAL A 1608 -29.44 40.02 -5.07
C VAL A 1608 -29.98 40.96 -4.00
N ARG A 1609 -29.16 41.26 -2.99
CA ARG A 1609 -29.55 42.04 -1.82
C ARG A 1609 -28.28 42.39 -1.06
N ALA A 1610 -28.35 43.47 -0.30
CA ALA A 1610 -27.22 43.90 0.50
C ALA A 1610 -27.11 43.05 1.76
N SER A 1611 -25.89 42.64 2.08
CA SER A 1611 -25.65 41.96 3.34
C SER A 1611 -25.79 42.96 4.49
N PRO A 1612 -26.16 42.50 5.69
CA PRO A 1612 -26.16 43.39 6.85
C PRO A 1612 -24.77 43.91 7.18
N THR A 1613 -24.72 45.10 7.78
CA THR A 1613 -23.47 45.80 8.02
C THR A 1613 -22.60 45.06 9.04
N GLY A 1614 -23.19 44.64 10.15
CA GLY A 1614 -22.46 43.92 11.16
C GLY A 1614 -22.44 42.42 11.01
N GLY A 1615 -22.94 41.89 9.91
CA GLY A 1615 -23.05 40.45 9.72
C GLY A 1615 -21.84 39.86 9.00
N ILE A 1616 -21.97 38.58 8.66
CA ILE A 1616 -20.92 37.89 7.92
C ILE A 1616 -20.95 38.36 6.47
N GLY A 1617 -19.80 38.77 5.96
CA GLY A 1617 -19.72 39.27 4.60
C GLY A 1617 -19.38 40.74 4.55
N PHE A 1618 -20.30 41.54 3.97
CA PHE A 1618 -20.25 43.00 3.91
C PHE A 1618 -19.03 43.53 3.14
N MET A 1619 -17.83 43.31 3.70
CA MET A 1619 -16.59 43.71 3.04
C MET A 1619 -16.41 43.01 1.71
N THR A 1620 -16.63 41.68 1.70
CA THR A 1620 -16.54 40.92 0.46
C THR A 1620 -17.65 41.28 -0.51
N ASP A 1621 -18.81 41.66 0.00
CA ASP A 1621 -19.90 42.09 -0.89
C ASP A 1621 -19.63 43.47 -1.47
N ILE A 1622 -18.92 44.33 -0.72
CA ILE A 1622 -18.55 45.63 -1.25
C ILE A 1622 -17.49 45.49 -2.35
N ARG A 1623 -16.49 44.62 -2.11
CA ARG A 1623 -15.51 44.29 -3.14
C ARG A 1623 -16.17 43.65 -4.36
N ARG A 1624 -17.19 42.81 -4.11
CA ARG A 1624 -17.98 42.19 -5.15
C ARG A 1624 -18.68 43.23 -6.02
N MET A 1625 -19.30 44.23 -5.38
CA MET A 1625 -20.00 45.28 -6.11
C MET A 1625 -19.03 46.13 -6.92
N ASN A 1626 -17.86 46.47 -6.36
CA ASN A 1626 -16.94 47.33 -7.09
C ASN A 1626 -16.23 46.59 -8.22
N VAL A 1627 -16.06 45.27 -8.09
CA VAL A 1627 -15.59 44.50 -9.24
C VAL A 1627 -16.66 44.48 -10.33
N GLY A 1628 -17.93 44.28 -9.93
CA GLY A 1628 -18.99 44.18 -10.94
C GLY A 1628 -19.30 45.48 -11.65
N LEU A 1629 -19.04 46.61 -10.99
CA LEU A 1629 -19.43 47.90 -11.58
C LEU A 1629 -18.54 48.29 -12.76
N THR A 1630 -17.22 48.10 -12.62
CA THR A 1630 -16.25 48.70 -13.52
C THR A 1630 -15.70 47.73 -14.56
N ARG A 1631 -16.52 46.78 -15.02
CA ARG A 1631 -16.07 45.82 -16.01
C ARG A 1631 -16.46 46.19 -17.44
N ALA A 1632 -17.32 47.18 -17.63
CA ALA A 1632 -17.73 47.55 -18.97
C ALA A 1632 -17.00 48.77 -19.46
N ARG A 1633 -16.98 48.92 -20.78
CA ARG A 1633 -16.41 50.09 -21.42
C ARG A 1633 -17.45 51.03 -22.01
N SER A 1634 -18.63 50.53 -22.38
CA SER A 1634 -19.64 51.36 -23.03
C SER A 1634 -20.94 51.45 -22.26
N SER A 1635 -21.51 50.33 -21.80
CA SER A 1635 -22.83 50.33 -21.18
C SER A 1635 -22.86 49.49 -19.93
N LEU A 1636 -23.41 50.04 -18.85
CA LEU A 1636 -23.62 49.32 -17.60
C LEU A 1636 -25.08 49.49 -17.20
N TRP A 1637 -25.79 48.37 -17.01
CA TRP A 1637 -27.19 48.42 -16.61
C TRP A 1637 -27.36 47.64 -15.31
N ILE A 1638 -27.69 48.35 -14.22
CA ILE A 1638 -27.82 47.75 -12.89
C ILE A 1638 -29.29 47.50 -12.59
N LEU A 1639 -29.59 46.35 -11.97
CA LEU A 1639 -30.96 45.96 -11.65
C LEU A 1639 -31.08 45.62 -10.17
N GLY A 1640 -32.32 45.66 -9.69
CA GLY A 1640 -32.60 45.27 -8.32
C GLY A 1640 -33.78 46.06 -7.77
N ASP A 1641 -34.29 45.58 -6.64
CA ASP A 1641 -35.37 46.26 -5.94
C ASP A 1641 -34.81 47.27 -4.94
N SER A 1642 -35.64 48.24 -4.56
CA SER A 1642 -35.19 49.28 -3.65
C SER A 1642 -35.28 48.88 -2.19
N ARG A 1643 -36.33 48.13 -1.83
CA ARG A 1643 -36.61 47.83 -0.43
C ARG A 1643 -35.54 46.94 0.19
N ALA A 1644 -35.07 45.94 -0.55
CA ALA A 1644 -34.04 45.05 -0.04
C ALA A 1644 -32.64 45.62 -0.20
N LEU A 1645 -32.49 46.76 -0.89
CA LEU A 1645 -31.18 47.33 -1.14
C LEU A 1645 -30.89 48.60 -0.35
N VAL A 1646 -31.93 49.30 0.15
CA VAL A 1646 -31.68 50.49 0.96
C VAL A 1646 -31.14 50.17 2.35
N GLN A 1647 -31.15 48.90 2.75
CA GLN A 1647 -30.52 48.49 4.00
C GLN A 1647 -29.02 48.73 3.96
N GLY A 1648 -28.38 48.45 2.83
CA GLY A 1648 -26.97 48.76 2.67
C GLY A 1648 -26.75 50.26 2.48
N GLU A 1649 -25.62 50.75 3.02
CA GLU A 1649 -25.31 52.17 2.93
C GLU A 1649 -24.90 52.57 1.52
N PHE A 1650 -24.03 51.79 0.88
CA PHE A 1650 -23.48 52.18 -0.40
C PHE A 1650 -24.47 51.97 -1.54
N TRP A 1651 -25.40 51.03 -1.39
CA TRP A 1651 -26.49 50.93 -2.36
C TRP A 1651 -27.44 52.12 -2.24
N ALA A 1652 -27.59 52.66 -1.02
CA ALA A 1652 -28.37 53.89 -0.84
C ALA A 1652 -27.65 55.09 -1.44
N LYS A 1653 -26.32 55.15 -1.32
CA LYS A 1653 -25.55 56.19 -2.00
C LYS A 1653 -25.65 56.06 -3.51
N LEU A 1654 -25.64 54.83 -4.01
CA LEU A 1654 -25.82 54.58 -5.44
C LEU A 1654 -27.20 55.03 -5.92
N ILE A 1655 -28.25 54.77 -5.13
CA ILE A 1655 -29.59 55.13 -5.58
C ILE A 1655 -29.83 56.63 -5.43
N GLU A 1656 -29.15 57.26 -4.48
CA GLU A 1656 -29.29 58.73 -4.42
C GLU A 1656 -28.58 59.32 -5.65
N ASP A 1657 -27.36 58.86 -5.96
CA ASP A 1657 -26.67 59.36 -7.16
C ASP A 1657 -27.48 59.06 -8.41
N ALA A 1658 -28.26 57.97 -8.39
CA ALA A 1658 -29.17 57.66 -9.49
C ALA A 1658 -30.28 58.68 -9.60
N LYS A 1659 -30.85 59.12 -8.47
CA LYS A 1659 -31.91 60.17 -8.64
C LYS A 1659 -31.29 61.52 -9.01
N GLN A 1660 -30.26 61.95 -8.29
CA GLN A 1660 -29.67 63.30 -8.50
C GLN A 1660 -29.01 63.45 -9.88
N ARG A 1661 -29.39 62.68 -10.90
CA ARG A 1661 -28.81 62.91 -12.25
C ARG A 1661 -29.67 62.22 -13.28
N ASP A 1662 -30.94 62.08 -12.97
CA ASP A 1662 -31.91 61.43 -13.86
C ASP A 1662 -31.30 60.12 -14.38
N ARG A 1663 -31.14 59.19 -13.44
CA ARG A 1663 -30.68 57.83 -13.71
C ARG A 1663 -31.54 56.83 -12.94
N TYR A 1664 -32.83 57.15 -12.80
CA TYR A 1664 -33.77 56.33 -12.05
C TYR A 1664 -34.91 55.93 -12.98
N THR A 1665 -35.24 54.64 -12.98
CA THR A 1665 -36.45 54.14 -13.63
C THR A 1665 -37.19 53.31 -12.59
N ASN A 1666 -38.39 53.74 -12.21
CA ASN A 1666 -39.16 53.10 -11.16
C ASN A 1666 -40.54 52.73 -11.68
N GLY A 1667 -41.19 51.83 -10.96
CA GLY A 1667 -42.51 51.37 -11.34
C GLY A 1667 -42.47 50.00 -12.00
N ASN A 1668 -43.38 49.78 -12.94
CA ASN A 1668 -43.44 48.53 -13.69
C ASN A 1668 -42.51 48.65 -14.89
N ILE A 1669 -41.36 47.99 -14.81
CA ILE A 1669 -40.36 48.04 -15.88
C ILE A 1669 -40.89 47.33 -17.13
N MET A 1670 -41.62 46.22 -16.92
CA MET A 1670 -42.08 45.39 -18.03
C MET A 1670 -43.04 46.13 -18.94
N ALA A 1671 -43.92 46.96 -18.37
CA ALA A 1671 -44.74 47.85 -19.18
C ALA A 1671 -43.95 49.06 -19.68
N LEU A 1672 -42.91 49.46 -18.95
CA LEU A 1672 -42.15 50.65 -19.33
C LEU A 1672 -41.25 50.37 -20.54
N LEU A 1673 -40.74 49.15 -20.66
CA LEU A 1673 -39.89 48.81 -21.79
C LEU A 1673 -40.67 48.77 -23.09
N SER A 1674 -41.88 48.21 -23.06
CA SER A 1674 -42.71 48.11 -24.25
C SER A 1674 -43.30 49.47 -24.63
#